data_8ACS
#
_entry.id   8ACS
#
_cell.length_a   142.302
_cell.length_b   316.361
_cell.length_c   65.647
_cell.angle_alpha   90.000
_cell.angle_beta   90.000
_cell.angle_gamma   90.000
#
_symmetry.space_group_name_H-M   'P 21 21 2'
#
loop_
_entity.id
_entity.type
_entity.pdbx_description
1 polymer 'FAD-dependent oxidoreductase'
2 non-polymer 'FLAVIN-ADENINE DINUCLEOTIDE'
3 non-polymer GLYCEROL
4 non-polymer DI(HYDROXYETHYL)ETHER
5 water water
#
_entity_poly.entity_id   1
_entity_poly.type   'polypeptide(L)'
_entity_poly.pdbx_seq_one_letter_code
;HHHHHHSSGENLYFQGMQTDSNPHDLAVAGILEQLEGCLRASDSTGAAQLFEPDGYWRDLVLFTWNLKTLEGREQIAAML
AAQLGAVQPVSIRIADGEHAVEAGGVLQSWITVETNVARGVGFIRIRDGKIWTLLTTMSELKGFEEAKGGRRPMGAEHGA
RTDRSSWLEQREQEAKELGYARQPYCVIIGGGQGGIALGARLRQLNVPTIIIEKNARPGDSWRKRYKSLCLHDPVWYDHM
PYIPFPDNWPVFTPKDKVGDWLEMYTKVMELNYWGSTSCESASFDAASGEWTVQVLRDGQPVTLKPKQLVLATGMSGKAN
MPKFKGMDVFQGEQQHSSQHPGPDAYAGKKVVVVGANNSAHDICAALWEAGVDVTMVQRSSTHIVKSDSLMDLALGDLYS
ERALAAGMTTNKADLTFASIPYKILANFQKPVFKAIRERDADFYARLEERGFMLDFGDDDSGLFMKYLRRGSGYYIDVGA
SELVAEGKIKLKSGVGVQELKSHSIVLSDGTELPADLVVYATGYGSMNGWAADLISPEVANKVGKVWGLGSATTKDPGPW
EGEQRNMWKPTQQQALWFHGGNLHQSRHYSQYLSLQLKARMEGLNTPVYGQQEVHHLS
;
_entity_poly.pdbx_strand_id   A,B,C,D
#
loop_
_chem_comp.id
_chem_comp.type
_chem_comp.name
_chem_comp.formula
FAD non-polymer 'FLAVIN-ADENINE DINUCLEOTIDE' 'C27 H33 N9 O15 P2'
GOL non-polymer GLYCEROL 'C3 H8 O3'
PEG non-polymer DI(HYDROXYETHYL)ETHER 'C4 H10 O3'
#
# COMPACT_ATOMS: atom_id res chain seq x y z
N SER A 21 -2.44 47.72 -35.38
CA SER A 21 -2.32 47.65 -33.91
C SER A 21 -2.80 46.33 -33.32
N ASN A 22 -2.70 46.23 -31.98
CA ASN A 22 -3.18 45.07 -31.21
C ASN A 22 -4.33 45.48 -30.33
N PRO A 23 -5.50 44.85 -30.48
CA PRO A 23 -6.67 45.29 -29.71
C PRO A 23 -6.55 44.95 -28.24
N HIS A 24 -5.69 44.00 -27.89
CA HIS A 24 -5.49 43.69 -26.48
C HIS A 24 -4.52 44.66 -25.83
N ASP A 25 -3.57 45.20 -26.61
CA ASP A 25 -2.65 46.18 -26.05
C ASP A 25 -3.41 47.36 -25.47
N LEU A 26 -4.43 47.84 -26.18
CA LEU A 26 -5.15 49.04 -25.73
C LEU A 26 -5.84 48.78 -24.40
N ALA A 27 -6.52 47.64 -24.26
CA ALA A 27 -7.17 47.31 -22.99
C ALA A 27 -6.17 47.34 -21.83
N VAL A 28 -5.08 46.59 -21.96
CA VAL A 28 -4.10 46.47 -20.89
C VAL A 28 -3.42 47.80 -20.63
N ALA A 29 -3.06 48.53 -21.69
CA ALA A 29 -2.35 49.80 -21.50
C ALA A 29 -3.21 50.82 -20.77
N GLY A 30 -4.53 50.80 -21.01
CA GLY A 30 -5.43 51.69 -20.27
C GLY A 30 -5.57 51.31 -18.81
N ILE A 31 -5.71 50.02 -18.53
CA ILE A 31 -5.72 49.55 -17.14
C ILE A 31 -4.45 49.98 -16.42
N LEU A 32 -3.28 49.85 -17.08
CA LEU A 32 -2.01 50.21 -16.46
C LEU A 32 -1.90 51.69 -16.19
N GLU A 33 -2.43 52.53 -17.07
CA GLU A 33 -2.28 53.96 -16.80
C GLU A 33 -3.17 54.40 -15.65
N GLN A 34 -4.35 53.78 -15.49
CA GLN A 34 -5.17 54.05 -14.30
C GLN A 34 -4.43 53.69 -13.03
N LEU A 35 -3.81 52.51 -13.04
CA LEU A 35 -2.95 52.13 -11.92
C LEU A 35 -1.87 53.17 -11.70
N GLU A 36 -1.17 53.56 -12.76
CA GLU A 36 -0.13 54.56 -12.64
C GLU A 36 -0.70 55.92 -12.23
N GLY A 37 -1.89 56.25 -12.76
CA GLY A 37 -2.53 57.47 -12.35
C GLY A 37 -2.78 57.50 -10.86
N CYS A 38 -3.34 56.40 -10.34
CA CYS A 38 -3.62 56.30 -8.91
C CYS A 38 -2.34 56.34 -8.08
N LEU A 39 -1.26 55.70 -8.55
CA LEU A 39 -0.04 55.64 -7.75
C LEU A 39 0.65 57.00 -7.66
N ARG A 40 0.75 57.74 -8.78
CA ARG A 40 1.33 59.08 -8.67
C ARG A 40 0.44 59.96 -7.79
N ALA A 41 -0.86 59.69 -7.75
CA ALA A 41 -1.83 60.41 -6.92
C ALA A 41 -1.83 59.96 -5.45
N SER A 42 -0.95 59.03 -5.06
CA SER A 42 -0.98 58.47 -3.70
C SER A 42 -2.37 57.97 -3.34
N ASP A 43 -3.04 57.32 -4.31
CA ASP A 43 -4.41 56.85 -4.12
C ASP A 43 -4.41 55.35 -3.85
N SER A 44 -4.09 54.98 -2.60
CA SER A 44 -4.00 53.56 -2.25
C SER A 44 -5.35 52.88 -2.42
N THR A 45 -6.42 53.49 -1.90
CA THR A 45 -7.74 52.89 -2.00
C THR A 45 -8.19 52.81 -3.46
N GLY A 46 -7.96 53.86 -4.23
CA GLY A 46 -8.35 53.84 -5.62
C GLY A 46 -7.57 52.83 -6.44
N ALA A 47 -6.25 52.75 -6.21
CA ALA A 47 -5.42 51.75 -6.89
C ALA A 47 -5.89 50.34 -6.58
N ALA A 48 -6.19 50.06 -5.30
CA ALA A 48 -6.72 48.76 -4.95
C ALA A 48 -8.05 48.47 -5.63
N GLN A 49 -8.84 49.52 -5.89
CA GLN A 49 -10.12 49.34 -6.54
C GLN A 49 -9.98 48.71 -7.92
N LEU A 50 -8.80 48.83 -8.53
CA LEU A 50 -8.53 48.29 -9.87
C LEU A 50 -8.30 46.78 -9.89
N PHE A 51 -8.07 46.14 -8.74
CA PHE A 51 -7.96 44.69 -8.67
C PHE A 51 -9.34 44.07 -8.49
N GLU A 52 -9.46 42.79 -8.89
CA GLU A 52 -10.58 41.97 -8.43
C GLU A 52 -10.67 42.07 -6.92
N PRO A 53 -11.85 41.95 -6.31
CA PRO A 53 -11.94 42.09 -4.85
C PRO A 53 -10.91 41.25 -4.11
N ASP A 54 -10.58 40.08 -4.65
CA ASP A 54 -9.61 39.17 -4.07
C ASP A 54 -8.36 38.99 -4.94
N GLY A 55 -8.01 40.00 -5.70
CA GLY A 55 -6.85 39.90 -6.56
C GLY A 55 -5.54 39.82 -5.77
N TYR A 56 -4.45 39.54 -6.50
CA TYR A 56 -3.16 39.30 -5.90
C TYR A 56 -2.14 40.26 -6.47
N TRP A 57 -1.29 40.79 -5.60
CA TRP A 57 -0.14 41.57 -6.01
C TRP A 57 1.06 40.90 -5.33
N ARG A 58 1.85 40.16 -6.10
CA ARG A 58 3.08 39.55 -5.61
C ARG A 58 4.23 40.48 -5.97
N ASP A 59 4.99 40.89 -4.95
CA ASP A 59 6.09 41.84 -5.12
C ASP A 59 7.40 41.18 -4.73
N LEU A 60 8.41 41.32 -5.56
CA LEU A 60 9.74 40.80 -5.27
C LEU A 60 10.70 41.99 -5.15
N VAL A 61 10.81 42.53 -3.93
CA VAL A 61 11.73 43.60 -3.56
C VAL A 61 11.25 44.97 -4.03
N LEU A 62 10.72 45.08 -5.24
CA LEU A 62 10.59 46.39 -5.89
C LEU A 62 9.70 47.35 -5.09
N PHE A 63 8.56 46.90 -4.59
CA PHE A 63 7.74 47.81 -3.81
C PHE A 63 7.86 47.60 -2.31
N THR A 64 8.18 46.39 -1.85
CA THR A 64 8.09 46.08 -0.43
C THR A 64 9.43 45.89 0.25
N TRP A 65 10.55 45.95 -0.50
CA TRP A 65 11.87 45.53 0.01
C TRP A 65 11.73 44.23 0.78
N ASN A 66 11.04 43.28 0.18
CA ASN A 66 10.65 42.03 0.82
C ASN A 66 10.17 41.10 -0.29
N LEU A 67 9.95 39.84 0.05
CA LEU A 67 9.19 38.94 -0.81
C LEU A 67 7.81 38.86 -0.18
N LYS A 68 6.81 39.44 -0.84
CA LYS A 68 5.53 39.68 -0.21
C LYS A 68 4.41 39.55 -1.21
N THR A 69 3.39 38.76 -0.87
CA THR A 69 2.17 38.66 -1.65
C THR A 69 1.04 39.37 -0.92
N LEU A 70 0.51 40.41 -1.55
CA LEU A 70 -0.64 41.13 -1.07
C LEU A 70 -1.89 40.44 -1.61
N GLU A 71 -2.76 39.99 -0.71
CA GLU A 71 -3.95 39.23 -1.07
C GLU A 71 -5.21 40.02 -0.73
N GLY A 72 -5.96 40.38 -1.76
CA GLY A 72 -7.20 41.12 -1.55
C GLY A 72 -7.00 42.62 -1.48
N ARG A 73 -8.05 43.35 -1.83
CA ARG A 73 -7.96 44.81 -1.97
C ARG A 73 -7.46 45.47 -0.70
N GLU A 74 -7.84 44.96 0.46
CA GLU A 74 -7.51 45.65 1.69
C GLU A 74 -6.02 45.59 1.96
N GLN A 75 -5.40 44.43 1.74
CA GLN A 75 -3.96 44.30 1.87
C GLN A 75 -3.21 45.13 0.82
N ILE A 76 -3.71 45.13 -0.42
CA ILE A 76 -3.10 45.92 -1.49
C ILE A 76 -3.08 47.39 -1.09
N ALA A 77 -4.23 47.90 -0.66
CA ALA A 77 -4.32 49.31 -0.28
C ALA A 77 -3.39 49.63 0.87
N ALA A 78 -3.31 48.72 1.86
CA ALA A 78 -2.49 48.97 3.03
C ALA A 78 -1.01 49.02 2.69
N MET A 79 -0.57 48.11 1.80
CA MET A 79 0.81 48.17 1.35
C MET A 79 1.08 49.47 0.59
N LEU A 80 0.19 49.80 -0.37
CA LEU A 80 0.38 51.02 -1.16
C LEU A 80 0.35 52.26 -0.29
N ALA A 81 -0.55 52.29 0.71
CA ALA A 81 -0.60 53.42 1.62
C ALA A 81 0.68 53.56 2.41
N ALA A 82 1.36 52.44 2.69
CA ALA A 82 2.57 52.47 3.50
C ALA A 82 3.84 52.76 2.71
N GLN A 83 3.92 52.35 1.44
CA GLN A 83 5.16 52.37 0.66
C GLN A 83 5.23 53.44 -0.42
N LEU A 84 4.08 53.99 -0.86
CA LEU A 84 4.07 54.81 -2.07
C LEU A 84 4.98 56.01 -1.93
N GLY A 85 5.03 56.61 -0.74
CA GLY A 85 5.88 57.78 -0.56
C GLY A 85 7.35 57.47 -0.76
N ALA A 86 7.74 56.20 -0.56
CA ALA A 86 9.14 55.79 -0.62
C ALA A 86 9.61 55.39 -2.01
N VAL A 87 8.71 55.17 -2.96
CA VAL A 87 9.08 54.68 -4.28
C VAL A 87 8.67 55.61 -5.41
N GLN A 88 8.01 56.72 -5.11
CA GLN A 88 7.56 57.61 -6.18
C GLN A 88 8.74 58.38 -6.77
N PRO A 89 8.71 58.66 -8.08
CA PRO A 89 7.62 58.35 -9.01
C PRO A 89 7.64 56.92 -9.58
N VAL A 90 6.47 56.31 -9.74
CA VAL A 90 6.34 54.95 -10.27
C VAL A 90 5.84 55.02 -11.70
N SER A 91 6.52 54.31 -12.60
CA SER A 91 6.07 54.11 -13.98
C SER A 91 5.72 52.65 -14.13
N ILE A 92 4.65 52.38 -14.88
CA ILE A 92 4.30 51.00 -15.19
C ILE A 92 3.64 50.98 -16.55
N ARG A 93 4.18 50.17 -17.45
CA ARG A 93 3.74 50.13 -18.83
C ARG A 93 4.01 48.74 -19.38
N ILE A 94 3.37 48.44 -20.52
CA ILE A 94 3.68 47.21 -21.24
C ILE A 94 5.17 47.19 -21.57
N ALA A 95 5.76 46.01 -21.52
CA ALA A 95 7.19 45.87 -21.72
C ALA A 95 7.58 46.13 -23.18
N ASP A 96 8.70 46.83 -23.37
CA ASP A 96 9.18 47.11 -24.72
C ASP A 96 9.30 45.84 -25.55
N GLY A 97 8.68 45.86 -26.72
CA GLY A 97 8.77 44.74 -27.62
C GLY A 97 7.87 43.57 -27.32
N GLU A 98 6.96 43.70 -26.35
CA GLU A 98 6.04 42.65 -25.94
C GLU A 98 4.63 43.11 -26.23
N HIS A 99 3.70 42.15 -26.37
CA HIS A 99 2.31 42.51 -26.59
C HIS A 99 1.36 41.70 -25.71
N ALA A 100 0.22 42.29 -25.41
CA ALA A 100 -0.78 41.60 -24.62
C ALA A 100 -1.42 40.48 -25.45
N VAL A 101 -1.91 39.46 -24.75
CA VAL A 101 -2.62 38.36 -25.39
C VAL A 101 -3.85 38.05 -24.56
N GLU A 102 -4.81 37.37 -25.17
CA GLU A 102 -6.05 37.02 -24.49
C GLU A 102 -6.33 35.55 -24.73
N ALA A 103 -6.53 34.81 -23.64
CA ALA A 103 -6.84 33.38 -23.70
C ALA A 103 -7.80 33.06 -22.55
N GLY A 104 -8.79 32.20 -22.81
CA GLY A 104 -9.67 31.75 -21.76
C GLY A 104 -10.29 32.82 -20.89
N GLY A 105 -10.49 34.01 -21.46
CA GLY A 105 -11.03 35.14 -20.74
C GLY A 105 -10.02 35.91 -19.91
N VAL A 106 -8.73 35.56 -20.04
CA VAL A 106 -7.65 36.19 -19.29
C VAL A 106 -6.79 37.00 -20.25
N LEU A 107 -6.60 38.28 -19.93
CA LEU A 107 -5.70 39.19 -20.65
C LEU A 107 -4.36 39.24 -19.93
N GLN A 108 -3.29 38.98 -20.66
CA GLN A 108 -1.96 38.88 -20.10
C GLN A 108 -1.03 39.80 -20.87
N SER A 109 0.02 40.28 -20.19
CA SER A 109 1.06 41.06 -20.85
C SER A 109 2.28 41.14 -19.95
N TRP A 110 3.46 40.98 -20.53
CA TRP A 110 4.66 41.39 -19.82
C TRP A 110 4.61 42.88 -19.59
N ILE A 111 5.09 43.32 -18.44
CA ILE A 111 5.11 44.74 -18.13
C ILE A 111 6.50 45.09 -17.64
N THR A 112 6.80 46.38 -17.68
CA THR A 112 8.01 46.96 -17.12
C THR A 112 7.62 47.99 -16.08
N VAL A 113 8.32 47.99 -14.95
CA VAL A 113 8.00 48.86 -13.82
C VAL A 113 9.29 49.48 -13.31
N GLU A 114 9.23 50.78 -13.02
CA GLU A 114 10.34 51.58 -12.50
C GLU A 114 9.87 52.28 -11.23
N THR A 115 10.78 52.43 -10.26
CA THR A 115 10.58 53.29 -9.11
C THR A 115 11.65 54.38 -9.14
N ASN A 116 11.70 55.21 -8.10
CA ASN A 116 12.71 56.26 -8.11
C ASN A 116 14.13 55.70 -7.94
N VAL A 117 14.29 54.48 -7.43
CA VAL A 117 15.62 53.91 -7.21
C VAL A 117 15.86 52.60 -7.95
N ALA A 118 14.86 52.04 -8.65
CA ALA A 118 15.05 50.72 -9.24
C ALA A 118 14.12 50.53 -10.44
N ARG A 119 14.40 49.48 -11.24
CA ARG A 119 13.57 49.07 -12.37
C ARG A 119 13.33 47.56 -12.33
N GLY A 120 12.27 47.11 -13.00
CA GLY A 120 12.09 45.68 -13.11
C GLY A 120 10.98 45.25 -14.05
N VAL A 121 10.98 43.96 -14.35
CA VAL A 121 9.98 43.32 -15.18
C VAL A 121 8.82 42.83 -14.32
N GLY A 122 7.65 42.67 -14.94
CA GLY A 122 6.48 42.20 -14.23
C GLY A 122 5.53 41.47 -15.16
N PHE A 123 4.40 41.05 -14.61
CA PHE A 123 3.43 40.34 -15.42
C PHE A 123 2.06 40.65 -14.87
N ILE A 124 1.07 40.84 -15.77
CA ILE A 124 -0.26 41.23 -15.32
C ILE A 124 -1.29 40.35 -16.03
N ARG A 125 -2.26 39.88 -15.24
CA ARG A 125 -3.43 39.14 -15.71
C ARG A 125 -4.67 39.93 -15.36
N ILE A 126 -5.56 40.09 -16.35
CA ILE A 126 -6.77 40.88 -16.21
C ILE A 126 -7.92 39.98 -16.65
N ARG A 127 -9.03 40.04 -15.92
CA ARG A 127 -10.27 39.35 -16.25
C ARG A 127 -11.43 40.31 -16.01
N ASP A 128 -12.29 40.50 -17.03
CA ASP A 128 -13.45 41.40 -16.95
C ASP A 128 -13.09 42.80 -16.45
N GLY A 129 -12.00 43.35 -16.99
CA GLY A 129 -11.60 44.71 -16.63
C GLY A 129 -11.01 44.87 -15.26
N LYS A 130 -10.75 43.79 -14.54
CA LYS A 130 -10.18 43.83 -13.22
C LYS A 130 -8.86 43.06 -13.19
N ILE A 131 -7.86 43.62 -12.51
CA ILE A 131 -6.57 42.97 -12.35
C ILE A 131 -6.74 41.75 -11.46
N TRP A 132 -6.51 40.56 -12.03
CA TRP A 132 -6.51 39.31 -11.25
C TRP A 132 -5.19 39.09 -10.51
N THR A 133 -4.06 39.16 -11.21
CA THR A 133 -2.76 38.99 -10.57
C THR A 133 -1.81 40.04 -11.10
N LEU A 134 -1.01 40.60 -10.21
CA LEU A 134 0.06 41.50 -10.61
C LEU A 134 1.36 40.96 -10.05
N LEU A 135 2.37 40.84 -10.91
CA LEU A 135 3.72 40.51 -10.49
C LEU A 135 4.61 41.73 -10.71
N THR A 136 5.25 42.20 -9.64
CA THR A 136 6.31 43.20 -9.76
C THR A 136 7.59 42.63 -9.18
N THR A 137 8.69 42.81 -9.90
CA THR A 137 10.02 42.38 -9.48
C THR A 137 11.01 43.52 -9.67
N MET A 138 12.15 43.39 -9.00
CA MET A 138 13.27 44.31 -9.15
C MET A 138 14.35 43.60 -9.96
N SER A 139 14.75 44.21 -11.07
CA SER A 139 15.84 43.69 -11.88
C SER A 139 17.18 44.33 -11.59
N GLU A 140 17.19 45.61 -11.23
CA GLU A 140 18.44 46.33 -11.05
C GLU A 140 18.16 47.58 -10.22
N LEU A 141 19.19 48.05 -9.53
CA LEU A 141 19.14 49.34 -8.85
C LEU A 141 19.70 50.43 -9.76
N LYS A 142 18.95 51.53 -9.91
CA LYS A 142 19.36 52.62 -10.78
C LYS A 142 20.73 53.13 -10.36
N GLY A 143 21.65 53.24 -11.32
CA GLY A 143 22.99 53.68 -11.02
C GLY A 143 23.91 52.59 -10.50
N PHE A 144 23.42 51.39 -10.31
CA PHE A 144 24.27 50.26 -9.93
C PHE A 144 23.96 49.07 -10.82
N GLU A 145 23.63 49.31 -12.08
CA GLU A 145 23.32 48.24 -13.03
C GLU A 145 24.54 47.34 -13.25
N GLU A 146 24.27 46.10 -13.64
CA GLU A 146 25.32 45.12 -13.86
C GLU A 146 26.11 45.45 -15.11
N ALA A 147 27.41 45.14 -15.08
CA ALA A 147 28.27 45.38 -16.25
C ALA A 147 28.03 44.26 -17.26
N LYS A 148 26.93 44.39 -18.01
CA LYS A 148 26.56 43.39 -19.00
C LYS A 148 26.14 44.07 -20.28
N GLY A 149 26.16 43.31 -21.36
CA GLY A 149 25.75 43.81 -22.68
C GLY A 149 26.49 45.07 -23.09
N GLY A 150 25.73 46.14 -23.37
CA GLY A 150 26.32 47.42 -23.65
C GLY A 150 27.18 47.99 -22.55
N ARG A 151 27.02 47.50 -21.31
N ARG A 151 27.02 47.50 -21.31
CA ARG A 151 27.75 48.01 -20.16
CA ARG A 151 27.76 48.01 -20.17
C ARG A 151 28.89 47.08 -19.74
C ARG A 151 28.90 47.09 -19.74
N ARG A 152 29.28 46.13 -20.57
CA ARG A 152 30.42 45.25 -20.30
C ARG A 152 31.65 46.04 -19.87
N PRO A 153 32.42 45.56 -18.91
CA PRO A 153 33.75 46.11 -18.68
C PRO A 153 34.62 46.03 -19.94
N MET A 154 35.52 47.02 -20.11
CA MET A 154 36.48 46.93 -21.22
C MET A 154 37.47 45.81 -20.99
N GLY A 155 37.85 45.57 -19.75
CA GLY A 155 38.79 44.52 -19.43
C GLY A 155 40.21 45.03 -19.47
N ALA A 156 40.53 45.78 -20.53
CA ALA A 156 41.85 46.32 -20.78
C ALA A 156 41.81 47.83 -20.60
N GLU A 157 42.85 48.38 -19.96
CA GLU A 157 42.99 49.84 -19.85
C GLU A 157 43.97 50.30 -20.93
N HIS A 158 43.42 50.78 -22.04
CA HIS A 158 44.22 51.27 -23.15
C HIS A 158 44.84 52.64 -22.84
N GLY A 159 46.01 52.89 -23.41
CA GLY A 159 46.79 54.08 -23.11
C GLY A 159 47.92 53.77 -22.14
N ALA A 160 49.10 54.34 -22.38
CA ALA A 160 50.26 53.99 -21.57
C ALA A 160 50.15 54.54 -20.15
N ARG A 161 50.69 53.77 -19.20
CA ARG A 161 50.73 54.09 -17.77
C ARG A 161 52.02 53.55 -17.20
N THR A 162 52.46 54.11 -16.07
CA THR A 162 53.54 53.48 -15.33
C THR A 162 53.06 52.78 -14.07
N ASP A 163 51.86 53.12 -13.58
CA ASP A 163 51.25 52.52 -12.39
C ASP A 163 50.35 51.33 -12.72
N ARG A 164 50.74 50.52 -13.71
CA ARG A 164 49.85 49.51 -14.27
C ARG A 164 49.75 48.29 -13.38
N SER A 165 48.53 47.95 -12.98
CA SER A 165 48.25 46.74 -12.22
C SER A 165 47.40 45.82 -13.09
N SER A 166 47.91 44.63 -13.35
CA SER A 166 47.25 43.70 -14.26
C SER A 166 46.10 42.97 -13.56
N TRP A 167 45.25 42.34 -14.38
CA TRP A 167 44.10 41.60 -13.88
C TRP A 167 44.54 40.52 -12.89
N LEU A 168 45.60 39.79 -13.21
CA LEU A 168 46.08 38.74 -12.32
C LEU A 168 46.56 39.31 -11.00
N GLU A 169 47.26 40.45 -11.05
CA GLU A 169 47.75 41.08 -9.83
C GLU A 169 46.61 41.54 -8.93
N GLN A 170 45.60 42.19 -9.50
CA GLN A 170 44.47 42.62 -8.68
C GLN A 170 43.77 41.42 -8.03
N ARG A 171 43.61 40.32 -8.77
CA ARG A 171 43.00 39.12 -8.22
C ARG A 171 43.85 38.57 -7.07
N GLU A 172 45.17 38.48 -7.26
CA GLU A 172 46.03 38.00 -6.17
C GLU A 172 45.98 38.94 -4.96
N GLN A 173 45.88 40.25 -5.22
CA GLN A 173 45.67 41.21 -4.13
C GLN A 173 44.39 40.91 -3.35
N GLU A 174 43.27 40.68 -4.05
CA GLU A 174 42.02 40.47 -3.34
C GLU A 174 42.06 39.17 -2.55
N ALA A 175 42.68 38.13 -3.11
CA ALA A 175 42.77 36.89 -2.36
C ALA A 175 43.52 37.10 -1.05
N LYS A 176 44.55 37.96 -1.06
CA LYS A 176 45.43 38.13 0.09
C LYS A 176 44.88 39.14 1.10
N GLU A 177 44.08 40.10 0.65
CA GLU A 177 43.62 41.16 1.53
C GLU A 177 42.22 40.92 2.10
N LEU A 178 41.29 40.33 1.33
CA LEU A 178 39.89 40.23 1.75
C LEU A 178 39.74 39.15 2.81
N GLY A 179 39.20 39.53 3.96
CA GLY A 179 39.20 38.65 5.10
C GLY A 179 40.42 38.78 6.00
N TYR A 180 41.41 39.56 5.60
CA TYR A 180 42.55 39.80 6.44
C TYR A 180 42.66 41.30 6.68
N ALA A 181 43.42 42.00 5.85
CA ALA A 181 43.56 43.45 6.01
C ALA A 181 42.23 44.18 5.82
N ARG A 182 41.31 43.63 5.03
CA ARG A 182 40.07 44.31 4.70
C ARG A 182 38.91 43.32 4.90
N GLN A 183 37.81 43.78 5.61
CA GLN A 183 36.79 42.77 5.82
C GLN A 183 35.75 42.75 4.69
N PRO A 184 35.17 41.60 4.36
CA PRO A 184 34.09 41.59 3.36
C PRO A 184 32.85 42.26 3.91
N TYR A 185 32.01 42.74 3.00
CA TYR A 185 30.67 43.18 3.38
C TYR A 185 29.79 41.99 3.76
N CYS A 186 29.91 40.89 3.04
CA CYS A 186 29.01 39.78 3.21
C CYS A 186 29.81 38.48 3.26
N VAL A 187 29.41 37.57 4.15
CA VAL A 187 29.96 36.23 4.18
C VAL A 187 28.82 35.25 3.95
N ILE A 188 29.04 34.28 3.06
CA ILE A 188 28.10 33.19 2.84
C ILE A 188 28.68 31.93 3.46
N ILE A 189 27.89 31.27 4.30
CA ILE A 189 28.29 29.98 4.85
C ILE A 189 27.69 28.89 3.97
N GLY A 190 28.56 28.10 3.34
CA GLY A 190 28.10 27.07 2.44
C GLY A 190 28.45 27.39 1.00
N GLY A 191 29.25 26.55 0.35
CA GLY A 191 29.66 26.74 -1.03
C GLY A 191 29.12 25.69 -1.99
N GLY A 192 27.89 25.24 -1.76
CA GLY A 192 27.22 24.37 -2.69
C GLY A 192 26.66 25.19 -3.84
N GLN A 193 25.72 24.58 -4.56
CA GLN A 193 25.12 25.25 -5.70
C GLN A 193 24.53 26.61 -5.32
N GLY A 194 23.93 26.71 -4.13
CA GLY A 194 23.24 27.94 -3.78
C GLY A 194 24.19 29.07 -3.46
N GLY A 195 25.22 28.80 -2.63
CA GLY A 195 26.23 29.83 -2.33
C GLY A 195 27.06 30.24 -3.53
N ILE A 196 27.36 29.30 -4.43
CA ILE A 196 28.10 29.63 -5.65
C ILE A 196 27.27 30.56 -6.54
N ALA A 197 25.97 30.27 -6.70
CA ALA A 197 25.11 31.13 -7.51
C ALA A 197 25.00 32.52 -6.92
N LEU A 198 24.73 32.59 -5.62
CA LEU A 198 24.61 33.87 -4.93
C LEU A 198 25.93 34.62 -4.96
N GLY A 199 27.04 33.89 -4.84
CA GLY A 199 28.33 34.52 -4.91
C GLY A 199 28.56 35.17 -6.26
N ALA A 200 28.20 34.45 -7.33
CA ALA A 200 28.28 35.03 -8.68
C ALA A 200 27.46 36.31 -8.79
N ARG A 201 26.21 36.28 -8.31
CA ARG A 201 25.40 37.50 -8.37
C ARG A 201 26.00 38.62 -7.54
N LEU A 202 26.57 38.30 -6.37
CA LEU A 202 27.15 39.36 -5.55
C LEU A 202 28.40 39.95 -6.19
N ARG A 203 29.23 39.12 -6.85
CA ARG A 203 30.42 39.65 -7.53
C ARG A 203 30.00 40.58 -8.68
N GLN A 204 28.91 40.26 -9.37
CA GLN A 204 28.38 41.13 -10.40
C GLN A 204 27.86 42.46 -9.87
N LEU A 205 27.56 42.56 -8.57
CA LEU A 205 27.11 43.82 -7.99
C LEU A 205 28.20 44.50 -7.17
N ASN A 206 29.45 44.01 -7.25
CA ASN A 206 30.60 44.55 -6.51
C ASN A 206 30.32 44.57 -5.01
N VAL A 207 29.70 43.50 -4.53
CA VAL A 207 29.51 43.31 -3.11
C VAL A 207 30.65 42.39 -2.66
N PRO A 208 31.68 42.90 -1.99
CA PRO A 208 32.79 42.02 -1.57
C PRO A 208 32.28 40.93 -0.64
N THR A 209 32.54 39.68 -1.01
CA THR A 209 31.90 38.53 -0.41
C THR A 209 32.87 37.36 -0.35
N ILE A 210 32.89 36.67 0.77
CA ILE A 210 33.67 35.44 0.92
C ILE A 210 32.70 34.29 1.10
N ILE A 211 32.90 33.23 0.34
CA ILE A 211 32.18 31.99 0.53
C ILE A 211 33.01 31.10 1.44
N ILE A 212 32.38 30.57 2.50
CA ILE A 212 33.02 29.67 3.44
C ILE A 212 32.47 28.27 3.23
N GLU A 213 33.33 27.34 2.84
CA GLU A 213 32.94 25.97 2.47
C GLU A 213 33.95 24.99 3.03
N LYS A 214 33.46 24.01 3.78
CA LYS A 214 34.34 23.06 4.46
C LYS A 214 34.89 21.99 3.53
N ASN A 215 34.25 21.73 2.40
CA ASN A 215 34.81 20.81 1.43
C ASN A 215 36.08 21.40 0.82
N ALA A 216 36.85 20.57 0.12
CA ALA A 216 38.12 21.07 -0.39
C ALA A 216 37.93 21.93 -1.62
N ARG A 217 37.03 21.55 -2.53
CA ARG A 217 36.88 22.21 -3.82
C ARG A 217 35.43 22.58 -4.10
N PRO A 218 35.20 23.65 -4.84
CA PRO A 218 33.83 23.90 -5.30
C PRO A 218 33.35 22.71 -6.11
N GLY A 219 32.08 22.38 -5.95
CA GLY A 219 31.51 21.22 -6.59
C GLY A 219 31.60 19.94 -5.79
N ASP A 220 32.36 19.92 -4.69
CA ASP A 220 32.46 18.70 -3.90
C ASP A 220 31.13 18.34 -3.26
N SER A 221 30.27 19.33 -3.00
CA SER A 221 28.93 19.07 -2.47
C SER A 221 28.13 18.12 -3.36
N TRP A 222 28.42 18.06 -4.66
CA TRP A 222 27.79 17.07 -5.51
C TRP A 222 28.63 15.81 -5.69
N ARG A 223 29.96 15.97 -5.70
CA ARG A 223 30.84 14.81 -5.84
C ARG A 223 30.64 13.81 -4.72
N LYS A 224 30.26 14.28 -3.52
CA LYS A 224 30.14 13.45 -2.32
C LYS A 224 29.00 12.42 -2.37
N ARG A 225 28.10 12.47 -3.33
CA ARG A 225 26.97 11.53 -3.36
C ARG A 225 27.35 10.19 -3.96
N TYR A 226 26.40 9.26 -4.00
CA TYR A 226 26.65 7.90 -4.46
C TYR A 226 26.91 7.83 -5.97
N LYS A 227 27.67 6.81 -6.40
CA LYS A 227 28.20 6.73 -7.76
C LYS A 227 27.19 7.08 -8.82
N SER A 228 25.98 6.53 -8.72
CA SER A 228 25.09 6.55 -9.88
C SER A 228 24.22 7.80 -9.97
N LEU A 229 24.26 8.67 -8.97
CA LEU A 229 23.32 9.78 -8.86
C LEU A 229 23.44 10.78 -10.03
N CYS A 230 22.29 11.20 -10.56
CA CYS A 230 22.17 12.29 -11.51
C CYS A 230 21.13 13.26 -10.99
N LEU A 231 21.11 14.47 -11.56
CA LEU A 231 20.00 15.36 -11.26
C LEU A 231 18.69 14.72 -11.70
N HIS A 232 17.62 14.95 -10.94
CA HIS A 232 16.34 14.37 -11.33
C HIS A 232 15.41 15.39 -11.97
N ASP A 233 15.77 16.69 -11.94
CA ASP A 233 15.28 17.87 -12.64
C ASP A 233 16.05 18.04 -13.96
N PRO A 234 15.40 18.46 -15.05
CA PRO A 234 16.10 18.53 -16.34
C PRO A 234 16.83 19.85 -16.60
N VAL A 235 17.80 19.77 -17.55
CA VAL A 235 18.77 20.85 -17.79
C VAL A 235 18.09 22.20 -18.03
N TRP A 236 16.99 22.23 -18.79
CA TRP A 236 16.32 23.50 -19.11
C TRP A 236 15.86 24.23 -17.86
N TYR A 237 15.72 23.53 -16.72
CA TYR A 237 15.26 24.06 -15.46
C TYR A 237 16.40 24.43 -14.53
N ASP A 238 17.63 23.99 -14.84
CA ASP A 238 18.72 23.85 -13.89
C ASP A 238 19.84 24.87 -13.99
N HIS A 239 19.77 25.82 -14.93
CA HIS A 239 20.92 26.66 -15.23
C HIS A 239 21.38 27.47 -14.02
N MET A 240 22.67 27.64 -13.90
CA MET A 240 23.23 28.65 -13.03
C MET A 240 23.05 30.02 -13.68
N PRO A 241 23.11 31.10 -12.90
CA PRO A 241 23.09 32.44 -13.50
C PRO A 241 24.28 32.65 -14.44
N TYR A 242 24.05 33.44 -15.49
CA TYR A 242 25.08 34.01 -16.36
C TYR A 242 25.67 33.04 -17.39
N ILE A 243 26.03 31.82 -16.99
CA ILE A 243 26.56 30.84 -17.93
C ILE A 243 25.60 29.66 -17.95
N PRO A 244 24.69 29.61 -18.92
CA PRO A 244 23.78 28.46 -18.99
C PRO A 244 24.53 27.22 -19.45
N PHE A 245 23.97 26.05 -19.15
CA PHE A 245 24.54 24.82 -19.70
C PHE A 245 24.45 24.88 -21.23
N PRO A 246 25.41 24.31 -21.94
CA PRO A 246 25.38 24.34 -23.41
C PRO A 246 24.35 23.38 -24.00
N ASP A 247 24.08 23.58 -25.29
CA ASP A 247 23.06 22.82 -26.01
C ASP A 247 23.34 21.32 -26.09
N ASN A 248 24.58 20.91 -25.88
CA ASN A 248 24.93 19.49 -25.90
C ASN A 248 25.00 18.89 -24.50
N TRP A 249 24.62 19.68 -23.49
CA TRP A 249 24.63 19.20 -22.12
C TRP A 249 23.53 18.18 -21.88
N PRO A 250 23.80 17.13 -21.11
CA PRO A 250 22.78 16.09 -20.87
C PRO A 250 21.56 16.60 -20.10
N VAL A 251 20.42 15.94 -20.33
CA VAL A 251 19.17 16.32 -19.67
C VAL A 251 19.32 16.18 -18.16
N PHE A 252 19.86 15.04 -17.70
CA PHE A 252 19.99 14.72 -16.29
C PHE A 252 21.47 14.56 -15.96
N THR A 253 22.04 15.47 -15.17
CA THR A 253 23.50 15.58 -15.14
C THR A 253 24.09 14.68 -14.06
N PRO A 254 24.99 13.74 -14.40
CA PRO A 254 25.66 12.95 -13.37
C PRO A 254 26.37 13.85 -12.37
N LYS A 255 26.41 13.38 -11.13
CA LYS A 255 26.80 14.23 -10.01
C LYS A 255 28.20 14.76 -10.16
N ASP A 256 29.12 13.98 -10.72
CA ASP A 256 30.48 14.47 -10.85
C ASP A 256 30.60 15.48 -12.00
N LYS A 257 29.77 15.33 -13.01
CA LYS A 257 29.69 16.36 -14.04
C LYS A 257 29.10 17.65 -13.49
N VAL A 258 28.13 17.56 -12.55
CA VAL A 258 27.68 18.76 -11.85
C VAL A 258 28.81 19.36 -11.05
N GLY A 259 29.65 18.52 -10.44
CA GLY A 259 30.77 18.99 -9.67
C GLY A 259 31.79 19.78 -10.48
N ASP A 260 32.21 19.22 -11.62
CA ASP A 260 33.12 19.92 -12.54
C ASP A 260 32.55 21.25 -13.01
N TRP A 261 31.24 21.30 -13.28
CA TRP A 261 30.65 22.53 -13.77
C TRP A 261 30.71 23.62 -12.70
N LEU A 262 30.36 23.29 -11.45
CA LEU A 262 30.42 24.27 -10.38
C LEU A 262 31.87 24.68 -10.11
N GLU A 263 32.81 23.74 -10.24
CA GLU A 263 34.22 24.08 -10.03
C GLU A 263 34.72 25.07 -11.09
N MET A 264 34.29 24.88 -12.34
CA MET A 264 34.64 25.82 -13.41
C MET A 264 33.93 27.15 -13.24
N TYR A 265 32.66 27.08 -12.84
CA TYR A 265 31.84 28.27 -12.71
C TYR A 265 32.42 29.21 -11.67
N THR A 266 32.85 28.64 -10.54
CA THR A 266 33.44 29.42 -9.46
C THR A 266 34.73 30.11 -9.91
N LYS A 267 35.54 29.42 -10.71
CA LYS A 267 36.80 30.00 -11.19
C LYS A 267 36.52 31.16 -12.14
N VAL A 268 35.71 30.93 -13.18
CA VAL A 268 35.55 31.93 -14.23
C VAL A 268 34.68 33.09 -13.78
N MET A 269 33.75 32.89 -12.83
CA MET A 269 32.95 34.01 -12.30
C MET A 269 33.64 34.76 -11.14
N GLU A 270 34.88 34.42 -10.83
CA GLU A 270 35.74 35.20 -9.92
C GLU A 270 35.23 35.22 -8.47
N LEU A 271 34.71 34.09 -8.00
CA LEU A 271 34.25 34.03 -6.63
C LEU A 271 35.42 33.97 -5.66
N ASN A 272 35.21 34.52 -4.47
CA ASN A 272 36.18 34.41 -3.38
C ASN A 272 35.70 33.25 -2.51
N TYR A 273 36.27 32.07 -2.73
CA TYR A 273 35.76 30.78 -2.28
C TYR A 273 36.79 30.13 -1.37
N TRP A 274 36.58 30.22 -0.06
CA TRP A 274 37.51 29.61 0.89
C TRP A 274 37.09 28.17 1.09
N GLY A 275 37.67 27.27 0.31
CA GLY A 275 37.49 25.86 0.59
C GLY A 275 38.30 25.43 1.80
N SER A 276 38.05 24.19 2.21
CA SER A 276 38.69 23.63 3.39
C SER A 276 38.55 24.54 4.61
N THR A 277 37.41 25.24 4.70
CA THR A 277 37.16 26.21 5.77
C THR A 277 35.84 25.90 6.45
N SER A 278 35.89 25.57 7.75
CA SER A 278 34.69 25.29 8.53
C SER A 278 34.27 26.53 9.29
N CYS A 279 32.97 26.84 9.25
CA CYS A 279 32.44 27.91 10.08
C CYS A 279 32.15 27.34 11.45
N GLU A 280 32.73 27.96 12.47
CA GLU A 280 32.62 27.44 13.83
C GLU A 280 31.54 28.13 14.64
N SER A 281 31.37 29.44 14.50
CA SER A 281 30.42 30.18 15.33
C SER A 281 30.28 31.59 14.76
N ALA A 282 29.17 32.25 15.10
CA ALA A 282 28.99 33.63 14.70
C ALA A 282 28.04 34.30 15.67
N SER A 283 28.25 35.59 15.89
CA SER A 283 27.32 36.36 16.71
C SER A 283 27.25 37.76 16.15
N PHE A 284 26.12 38.43 16.40
CA PHE A 284 25.86 39.75 15.85
C PHE A 284 25.85 40.79 16.96
N ASP A 285 26.46 41.93 16.70
CA ASP A 285 26.49 43.05 17.63
C ASP A 285 25.66 44.18 17.03
N ALA A 286 24.46 44.39 17.57
CA ALA A 286 23.58 45.43 17.04
C ALA A 286 24.18 46.82 17.17
N ALA A 287 25.09 47.03 18.12
CA ALA A 287 25.78 48.31 18.25
C ALA A 287 26.62 48.61 17.01
N SER A 288 27.60 47.76 16.71
CA SER A 288 28.50 47.99 15.59
C SER A 288 27.90 47.63 14.24
N GLY A 289 26.74 46.97 14.20
CA GLY A 289 26.20 46.49 12.94
C GLY A 289 27.04 45.42 12.27
N GLU A 290 27.89 44.72 13.03
CA GLU A 290 28.85 43.74 12.51
C GLU A 290 28.62 42.37 13.11
N TRP A 291 28.82 41.34 12.28
CA TRP A 291 28.96 39.97 12.77
C TRP A 291 30.41 39.72 13.21
N THR A 292 30.57 38.74 14.09
CA THR A 292 31.88 38.16 14.38
C THR A 292 31.78 36.69 14.05
N VAL A 293 32.49 36.25 13.01
CA VAL A 293 32.41 34.89 12.50
C VAL A 293 33.78 34.26 12.64
N GLN A 294 33.84 33.15 13.35
CA GLN A 294 35.10 32.43 13.57
C GLN A 294 35.16 31.27 12.60
N VAL A 295 36.21 31.22 11.79
CA VAL A 295 36.33 30.13 10.84
C VAL A 295 37.68 29.47 11.07
N LEU A 296 37.83 28.26 10.54
CA LEU A 296 39.08 27.51 10.51
C LEU A 296 39.45 27.28 9.06
N ARG A 297 40.31 28.14 8.53
CA ARG A 297 40.76 28.03 7.15
C ARG A 297 41.99 27.15 7.14
N ASP A 298 41.83 25.90 6.73
CA ASP A 298 42.91 24.91 6.73
C ASP A 298 43.52 24.75 8.12
N GLY A 299 42.69 24.71 9.15
CA GLY A 299 43.17 24.57 10.51
C GLY A 299 43.48 25.86 11.21
N GLN A 300 43.75 26.91 10.48
CA GLN A 300 44.16 28.15 11.12
C GLN A 300 42.95 29.02 11.42
N PRO A 301 42.83 29.57 12.60
CA PRO A 301 41.70 30.47 12.87
C PRO A 301 41.82 31.77 12.10
N VAL A 302 40.68 32.24 11.63
CA VAL A 302 40.49 33.58 11.08
C VAL A 302 39.21 34.14 11.67
N THR A 303 39.21 35.44 11.98
CA THR A 303 38.02 36.14 12.44
C THR A 303 37.52 37.12 11.37
N LEU A 304 36.33 36.87 10.85
CA LEU A 304 35.70 37.69 9.83
C LEU A 304 34.60 38.52 10.45
N LYS A 305 34.50 39.79 10.02
CA LYS A 305 33.52 40.73 10.57
C LYS A 305 32.67 41.35 9.46
N PRO A 306 31.82 40.55 8.82
CA PRO A 306 30.94 41.10 7.77
C PRO A 306 29.77 41.84 8.37
N LYS A 307 29.21 42.73 7.58
CA LYS A 307 27.99 43.41 7.97
C LYS A 307 26.73 42.57 7.73
N GLN A 308 26.81 41.54 6.87
CA GLN A 308 25.66 40.73 6.50
C GLN A 308 26.08 39.27 6.47
N LEU A 309 25.25 38.40 7.05
CA LEU A 309 25.55 36.98 7.10
C LEU A 309 24.46 36.17 6.38
N VAL A 310 24.88 35.32 5.45
CA VAL A 310 23.98 34.49 4.67
C VAL A 310 24.28 33.04 4.98
N LEU A 311 23.27 32.31 5.42
CA LEU A 311 23.39 30.87 5.63
C LEU A 311 22.92 30.17 4.36
N ALA A 312 23.83 29.43 3.74
CA ALA A 312 23.55 28.65 2.53
C ALA A 312 24.03 27.24 2.73
N THR A 313 23.65 26.66 3.87
CA THR A 313 24.11 25.34 4.29
C THR A 313 23.15 24.23 3.91
N GLY A 314 22.23 24.48 2.99
CA GLY A 314 21.36 23.41 2.59
C GLY A 314 20.02 23.48 3.27
N MET A 315 18.97 23.19 2.52
CA MET A 315 17.62 23.28 3.06
C MET A 315 17.39 22.26 4.17
N SER A 316 18.02 21.08 4.07
CA SER A 316 17.93 20.08 5.13
C SER A 316 18.69 20.52 6.37
N GLY A 317 18.06 20.39 7.54
CA GLY A 317 18.62 20.64 8.87
C GLY A 317 19.14 19.41 9.58
N LYS A 318 19.17 19.47 10.91
CA LYS A 318 19.60 18.37 11.77
C LYS A 318 18.89 17.07 11.43
N ALA A 319 19.66 16.00 11.25
CA ALA A 319 19.06 14.70 10.98
C ALA A 319 18.16 14.28 12.16
N ASN A 320 16.97 13.79 11.83
CA ASN A 320 16.05 13.30 12.85
C ASN A 320 16.42 11.87 13.20
N MET A 321 16.81 11.64 14.41
CA MET A 321 17.18 10.28 14.76
C MET A 321 16.08 9.64 15.56
N PRO A 322 15.65 8.42 15.22
CA PRO A 322 14.53 7.81 15.94
C PRO A 322 14.93 7.35 17.34
N LYS A 323 13.93 7.16 18.18
CA LYS A 323 14.10 6.69 19.55
C LYS A 323 13.43 5.32 19.63
N PHE A 324 14.15 4.29 19.21
CA PHE A 324 13.60 2.93 19.20
C PHE A 324 14.09 2.14 20.40
N LYS A 325 13.19 1.29 20.92
CA LYS A 325 13.56 0.35 21.96
C LYS A 325 14.63 -0.60 21.45
N GLY A 326 15.71 -0.72 22.23
CA GLY A 326 16.73 -1.70 21.90
C GLY A 326 17.82 -1.23 20.98
N MET A 327 17.85 0.06 20.63
CA MET A 327 18.96 0.58 19.83
C MET A 327 20.29 0.40 20.55
N ASP A 328 20.25 0.43 21.89
CA ASP A 328 21.42 0.19 22.74
C ASP A 328 21.77 -1.29 22.87
N VAL A 329 20.92 -2.19 22.38
CA VAL A 329 21.11 -3.62 22.48
C VAL A 329 21.63 -4.20 21.17
N PHE A 330 21.29 -3.55 20.06
CA PHE A 330 21.64 -4.07 18.75
C PHE A 330 23.16 -4.14 18.60
N GLN A 331 23.65 -5.30 18.16
CA GLN A 331 25.09 -5.54 18.00
C GLN A 331 25.59 -5.34 16.58
N GLY A 332 24.77 -4.79 15.69
CA GLY A 332 25.22 -4.41 14.37
C GLY A 332 25.37 -2.90 14.24
N GLU A 333 25.58 -2.46 13.00
CA GLU A 333 25.75 -1.05 12.70
C GLU A 333 24.41 -0.35 12.51
N GLN A 334 24.31 0.85 13.07
CA GLN A 334 23.16 1.73 12.89
C GLN A 334 23.63 3.03 12.25
N GLN A 335 22.99 3.41 11.14
CA GLN A 335 23.33 4.65 10.45
C GLN A 335 22.08 5.46 10.15
N HIS A 336 22.18 6.77 10.34
CA HIS A 336 21.23 7.65 9.67
C HIS A 336 21.56 7.64 8.18
N SER A 337 20.55 7.88 7.33
CA SER A 337 20.81 7.86 5.89
C SER A 337 21.99 8.78 5.53
N SER A 338 22.17 9.87 6.28
CA SER A 338 23.29 10.77 6.09
C SER A 338 24.63 10.20 6.55
N GLN A 339 24.66 9.04 7.19
CA GLN A 339 25.90 8.39 7.59
C GLN A 339 26.13 7.09 6.85
N HIS A 340 25.39 6.86 5.77
CA HIS A 340 25.47 5.61 5.04
C HIS A 340 26.41 5.80 3.86
N PRO A 341 27.55 5.09 3.82
CA PRO A 341 28.54 5.35 2.77
C PRO A 341 28.26 4.68 1.44
N GLY A 342 27.34 3.71 1.37
CA GLY A 342 27.09 2.97 0.16
C GLY A 342 27.17 1.48 0.37
N PRO A 343 26.92 0.69 -0.68
CA PRO A 343 26.78 -0.77 -0.50
C PRO A 343 28.09 -1.53 -0.31
N ASP A 344 29.23 -0.91 -0.55
CA ASP A 344 30.47 -1.64 -0.81
C ASP A 344 30.85 -2.57 0.34
N ALA A 345 30.69 -2.12 1.58
CA ALA A 345 31.11 -2.85 2.78
C ALA A 345 30.15 -3.97 3.19
N TYR A 346 29.12 -4.28 2.40
CA TYR A 346 28.04 -5.10 2.93
C TYR A 346 27.76 -6.28 2.01
N ALA A 347 28.80 -6.74 1.30
CA ALA A 347 28.65 -7.76 0.25
C ALA A 347 27.85 -8.97 0.73
N GLY A 348 28.15 -9.50 1.91
CA GLY A 348 27.47 -10.64 2.45
C GLY A 348 26.48 -10.33 3.54
N LYS A 349 26.14 -9.07 3.76
CA LYS A 349 25.33 -8.67 4.88
C LYS A 349 23.88 -8.41 4.47
N LYS A 350 23.04 -8.26 5.51
CA LYS A 350 21.61 -8.03 5.38
C LYS A 350 21.31 -6.65 5.93
N VAL A 351 20.66 -5.81 5.11
CA VAL A 351 20.41 -4.41 5.46
C VAL A 351 18.90 -4.21 5.62
N VAL A 352 18.51 -3.41 6.61
CA VAL A 352 17.14 -2.97 6.80
C VAL A 352 17.17 -1.45 6.75
N VAL A 353 16.37 -0.86 5.86
CA VAL A 353 16.27 0.59 5.75
C VAL A 353 14.91 1.00 6.30
N VAL A 354 14.91 1.76 7.39
CA VAL A 354 13.69 2.22 8.04
C VAL A 354 13.37 3.58 7.42
N GLY A 355 12.41 3.59 6.51
CA GLY A 355 11.94 4.77 5.83
C GLY A 355 11.58 4.41 4.41
N ALA A 356 10.77 5.28 3.80
CA ALA A 356 10.39 5.05 2.41
C ALA A 356 10.45 6.35 1.63
N ASN A 357 11.20 7.34 2.12
CA ASN A 357 11.37 8.62 1.47
C ASN A 357 12.38 8.52 0.33
N ASN A 358 12.88 9.66 -0.11
CA ASN A 358 13.82 9.61 -1.22
C ASN A 358 15.20 9.09 -0.80
N SER A 359 15.69 9.45 0.37
CA SER A 359 16.94 8.86 0.82
C SER A 359 16.85 7.34 0.83
N ALA A 360 15.75 6.81 1.39
CA ALA A 360 15.56 5.37 1.47
C ALA A 360 15.56 4.71 0.10
N HIS A 361 14.91 5.33 -0.89
CA HIS A 361 14.86 4.72 -2.21
C HIS A 361 16.24 4.70 -2.87
N ASP A 362 17.01 5.78 -2.71
CA ASP A 362 18.35 5.79 -3.29
C ASP A 362 19.21 4.70 -2.65
N ILE A 363 19.22 4.63 -1.32
CA ILE A 363 20.10 3.68 -0.62
C ILE A 363 19.73 2.24 -0.98
N CYS A 364 18.43 1.94 -1.08
CA CYS A 364 18.01 0.57 -1.34
C CYS A 364 18.36 0.14 -2.76
N ALA A 365 18.15 1.03 -3.73
CA ALA A 365 18.48 0.69 -5.11
C ALA A 365 19.98 0.51 -5.28
N ALA A 366 20.78 1.30 -4.56
CA ALA A 366 22.23 1.08 -4.60
C ALA A 366 22.60 -0.26 -3.97
N LEU A 367 21.97 -0.62 -2.86
CA LEU A 367 22.27 -1.91 -2.24
C LEU A 367 21.87 -3.06 -3.12
N TRP A 368 20.74 -2.92 -3.83
CA TRP A 368 20.25 -4.00 -4.69
C TRP A 368 21.11 -4.17 -5.94
N GLU A 369 21.60 -3.06 -6.52
CA GLU A 369 22.51 -3.14 -7.64
C GLU A 369 23.77 -3.90 -7.28
N ALA A 370 24.26 -3.72 -6.06
CA ALA A 370 25.43 -4.40 -5.52
C ALA A 370 25.11 -5.78 -4.96
N GLY A 371 23.91 -6.30 -5.17
CA GLY A 371 23.55 -7.62 -4.65
C GLY A 371 23.59 -7.76 -3.14
N VAL A 372 23.12 -6.76 -2.43
CA VAL A 372 23.00 -6.86 -0.98
C VAL A 372 21.54 -7.13 -0.66
N ASP A 373 21.31 -7.98 0.36
CA ASP A 373 19.98 -8.30 0.90
C ASP A 373 19.44 -7.06 1.61
N VAL A 374 18.42 -6.44 1.04
CA VAL A 374 17.91 -5.17 1.53
C VAL A 374 16.39 -5.25 1.61
N THR A 375 15.85 -4.75 2.71
CA THR A 375 14.41 -4.68 2.90
C THR A 375 14.04 -3.24 3.25
N MET A 376 13.03 -2.70 2.59
CA MET A 376 12.54 -1.35 2.90
C MET A 376 11.35 -1.43 3.83
N VAL A 377 11.36 -0.62 4.89
CA VAL A 377 10.33 -0.63 5.93
C VAL A 377 9.59 0.71 5.90
N GLN A 378 8.32 0.68 5.51
CA GLN A 378 7.50 1.87 5.33
C GLN A 378 6.42 2.00 6.39
N ARG A 379 6.38 3.15 7.07
CA ARG A 379 5.26 3.43 7.96
C ARG A 379 4.24 4.38 7.35
N SER A 380 4.67 5.39 6.62
CA SER A 380 3.81 6.45 6.13
C SER A 380 3.93 6.51 4.62
N SER A 381 2.92 7.12 4.01
CA SER A 381 2.87 7.12 2.56
C SER A 381 3.93 8.05 1.97
N THR A 382 4.22 7.80 0.70
CA THR A 382 5.19 8.57 -0.07
C THR A 382 4.56 8.97 -1.39
N HIS A 383 4.90 10.15 -1.87
CA HIS A 383 4.52 10.55 -3.21
C HIS A 383 5.62 10.15 -4.20
N ILE A 384 5.25 9.36 -5.20
CA ILE A 384 6.18 8.88 -6.21
C ILE A 384 5.75 9.50 -7.52
N VAL A 385 6.71 10.11 -8.25
CA VAL A 385 6.50 10.65 -9.59
C VAL A 385 7.67 10.18 -10.44
N LYS A 386 7.36 9.68 -11.65
CA LYS A 386 8.42 9.31 -12.59
C LYS A 386 9.11 10.56 -13.15
N SER A 387 10.44 10.54 -13.16
CA SER A 387 11.25 11.65 -13.69
C SER A 387 10.77 12.09 -15.08
N ASP A 388 10.55 11.13 -15.97
CA ASP A 388 10.08 11.41 -17.32
C ASP A 388 8.74 12.13 -17.32
N SER A 389 7.82 11.72 -16.46
CA SER A 389 6.50 12.33 -16.42
C SER A 389 6.55 13.73 -15.80
N LEU A 390 7.40 13.93 -14.80
CA LEU A 390 7.61 15.28 -14.29
C LEU A 390 8.11 16.18 -15.42
N MET A 391 9.02 15.66 -16.26
CA MET A 391 9.65 16.46 -17.30
C MET A 391 8.63 16.94 -18.34
N ASP A 392 7.76 16.03 -18.80
CA ASP A 392 6.77 16.38 -19.83
C ASP A 392 5.61 17.18 -19.27
N LEU A 393 4.90 16.62 -18.27
CA LEU A 393 3.60 17.16 -17.88
C LEU A 393 3.71 18.27 -16.86
N ALA A 394 4.78 18.27 -16.07
CA ALA A 394 4.89 19.28 -15.02
C ALA A 394 5.80 20.41 -15.43
N LEU A 395 6.85 20.12 -16.17
CA LEU A 395 7.80 21.13 -16.62
C LEU A 395 7.71 21.44 -18.11
N GLY A 396 7.01 20.64 -18.91
CA GLY A 396 7.09 20.79 -20.36
C GLY A 396 6.70 22.16 -20.88
N ASP A 397 5.76 22.83 -20.23
CA ASP A 397 5.29 24.10 -20.77
C ASP A 397 6.29 25.23 -20.58
N LEU A 398 7.11 25.17 -19.54
CA LEU A 398 7.97 26.29 -19.23
C LEU A 398 9.44 26.03 -19.44
N TYR A 399 9.91 24.78 -19.29
CA TYR A 399 11.33 24.44 -19.28
C TYR A 399 11.51 23.19 -20.12
N SER A 400 11.68 23.38 -21.42
CA SER A 400 11.78 22.31 -22.39
C SER A 400 12.32 22.94 -23.67
N GLU A 401 12.70 22.09 -24.62
CA GLU A 401 13.04 22.59 -25.96
C GLU A 401 11.84 23.28 -26.61
N ARG A 402 10.65 22.68 -26.51
CA ARG A 402 9.44 23.30 -27.06
C ARG A 402 9.15 24.66 -26.41
N ALA A 403 9.32 24.76 -25.09
CA ALA A 403 9.19 26.06 -24.44
C ALA A 403 10.16 27.09 -25.04
N LEU A 404 11.42 26.69 -25.23
CA LEU A 404 12.42 27.61 -25.78
C LEU A 404 12.05 28.02 -27.21
N ALA A 405 11.66 27.04 -28.03
CA ALA A 405 11.28 27.34 -29.40
C ALA A 405 10.09 28.28 -29.47
N ALA A 406 9.21 28.25 -28.46
CA ALA A 406 8.04 29.11 -28.36
C ALA A 406 8.36 30.48 -27.74
N GLY A 407 9.64 30.82 -27.55
CA GLY A 407 10.00 32.09 -26.97
C GLY A 407 10.05 32.13 -25.47
N MET A 408 9.71 31.03 -24.77
CA MET A 408 9.75 30.99 -23.31
C MET A 408 11.19 30.74 -22.87
N THR A 409 11.94 31.80 -22.69
CA THR A 409 13.31 31.71 -22.20
C THR A 409 13.34 31.32 -20.72
N THR A 410 14.51 30.87 -20.29
CA THR A 410 14.69 30.46 -18.90
C THR A 410 14.22 31.54 -17.95
N ASN A 411 14.59 32.79 -18.22
CA ASN A 411 14.17 33.91 -17.38
C ASN A 411 12.67 34.20 -17.53
N LYS A 412 12.14 34.14 -18.75
CA LYS A 412 10.69 34.27 -18.89
C LYS A 412 9.99 33.13 -18.19
N ALA A 413 10.59 31.93 -18.25
CA ALA A 413 10.04 30.78 -17.55
C ALA A 413 10.00 31.01 -16.05
N ASP A 414 11.12 31.47 -15.47
CA ASP A 414 11.17 31.77 -14.04
C ASP A 414 10.12 32.81 -13.66
N LEU A 415 9.98 33.86 -14.48
CA LEU A 415 9.04 34.92 -14.11
C LEU A 415 7.61 34.44 -14.22
N THR A 416 7.33 33.61 -15.23
CA THR A 416 5.98 33.07 -15.38
C THR A 416 5.63 32.23 -14.18
N PHE A 417 6.55 31.37 -13.75
CA PHE A 417 6.28 30.57 -12.57
C PHE A 417 6.11 31.45 -11.34
N ALA A 418 7.00 32.43 -11.16
CA ALA A 418 6.89 33.32 -10.01
C ALA A 418 5.63 34.17 -10.05
N SER A 419 5.03 34.36 -11.22
CA SER A 419 3.83 35.19 -11.34
C SER A 419 2.54 34.49 -10.88
N ILE A 420 2.60 33.23 -10.47
CA ILE A 420 1.45 32.50 -9.92
C ILE A 420 1.52 32.61 -8.39
N PRO A 421 0.63 33.36 -7.76
CA PRO A 421 0.68 33.47 -6.29
C PRO A 421 0.55 32.08 -5.66
N TYR A 422 1.31 31.86 -4.58
CA TYR A 422 1.29 30.54 -3.97
C TYR A 422 -0.11 30.12 -3.53
N LYS A 423 -0.98 31.08 -3.17
CA LYS A 423 -2.31 30.70 -2.73
C LYS A 423 -3.08 29.92 -3.81
N ILE A 424 -2.82 30.17 -5.10
CA ILE A 424 -3.57 29.53 -6.17
C ILE A 424 -2.76 28.51 -6.94
N LEU A 425 -1.49 28.30 -6.58
CA LEU A 425 -0.67 27.35 -7.35
C LEU A 425 -1.23 25.94 -7.29
N ALA A 426 -1.71 25.53 -6.11
CA ALA A 426 -2.14 24.14 -5.89
C ALA A 426 -3.22 23.72 -6.86
N ASN A 427 -4.13 24.62 -7.21
CA ASN A 427 -5.17 24.24 -8.17
C ASN A 427 -4.66 24.21 -9.61
N PHE A 428 -3.64 25.01 -9.97
CA PHE A 428 -3.00 24.81 -11.27
C PHE A 428 -2.36 23.43 -11.37
N GLN A 429 -1.81 22.92 -10.26
CA GLN A 429 -1.06 21.67 -10.25
C GLN A 429 -1.95 20.43 -10.26
N LYS A 430 -3.17 20.53 -9.73
CA LYS A 430 -4.06 19.37 -9.66
C LYS A 430 -4.31 18.73 -11.01
N PRO A 431 -4.68 19.45 -12.08
CA PRO A 431 -4.87 18.78 -13.38
C PRO A 431 -3.58 18.20 -13.94
N VAL A 432 -2.44 18.82 -13.64
CA VAL A 432 -1.14 18.28 -14.04
C VAL A 432 -0.95 16.88 -13.46
N PHE A 433 -1.25 16.72 -12.16
CA PHE A 433 -1.03 15.41 -11.54
C PHE A 433 -2.18 14.44 -11.72
N LYS A 434 -3.37 14.92 -12.06
CA LYS A 434 -4.37 13.99 -12.56
C LYS A 434 -3.90 13.37 -13.87
N ALA A 435 -3.28 14.17 -14.73
CA ALA A 435 -2.77 13.64 -16.00
C ALA A 435 -1.60 12.67 -15.77
N ILE A 436 -0.70 13.00 -14.84
CA ILE A 436 0.42 12.10 -14.56
C ILE A 436 -0.09 10.75 -14.04
N ARG A 437 -1.14 10.77 -13.22
CA ARG A 437 -1.68 9.50 -12.68
C ARG A 437 -2.29 8.66 -13.77
N GLU A 438 -3.01 9.28 -14.70
CA GLU A 438 -3.58 8.52 -15.79
C GLU A 438 -2.49 7.95 -16.68
N ARG A 439 -1.44 8.72 -16.93
CA ARG A 439 -0.39 8.20 -17.78
C ARG A 439 0.27 6.99 -17.15
N ASP A 440 0.66 7.11 -15.89
CA ASP A 440 1.39 6.07 -15.19
C ASP A 440 0.50 5.19 -14.33
N ALA A 441 -0.78 5.01 -14.72
CA ALA A 441 -1.72 4.29 -13.87
C ALA A 441 -1.27 2.86 -13.59
N ASP A 442 -0.78 2.16 -14.60
CA ASP A 442 -0.33 0.80 -14.35
C ASP A 442 0.84 0.76 -13.39
N PHE A 443 1.79 1.68 -13.56
CA PHE A 443 2.92 1.79 -12.63
C PHE A 443 2.42 1.94 -11.19
N TYR A 444 1.51 2.88 -10.98
CA TYR A 444 0.96 3.10 -9.65
C TYR A 444 0.19 1.89 -9.16
N ALA A 445 -0.59 1.24 -10.05
CA ALA A 445 -1.31 0.04 -9.63
C ALA A 445 -0.35 -1.04 -9.14
N ARG A 446 0.73 -1.29 -9.88
CA ARG A 446 1.66 -2.33 -9.44
C ARG A 446 2.32 -1.98 -8.11
N LEU A 447 2.56 -0.69 -7.86
CA LEU A 447 3.13 -0.26 -6.57
C LEU A 447 2.14 -0.49 -5.42
N GLU A 448 0.87 -0.13 -5.63
CA GLU A 448 -0.14 -0.32 -4.59
C GLU A 448 -0.41 -1.79 -4.33
N GLU A 449 -0.59 -2.58 -5.41
CA GLU A 449 -0.75 -4.02 -5.29
C GLU A 449 0.44 -4.69 -4.61
N ARG A 450 1.64 -4.15 -4.75
CA ARG A 450 2.77 -4.72 -4.03
C ARG A 450 2.71 -4.36 -2.55
N GLY A 451 1.85 -3.42 -2.17
CA GLY A 451 1.71 -2.94 -0.81
C GLY A 451 2.40 -1.63 -0.46
N PHE A 452 2.98 -0.93 -1.44
CA PHE A 452 3.59 0.36 -1.17
C PHE A 452 2.52 1.40 -0.90
N MET A 453 2.76 2.25 0.09
CA MET A 453 1.77 3.27 0.47
C MET A 453 2.00 4.56 -0.32
N LEU A 454 1.09 4.84 -1.27
CA LEU A 454 1.16 6.03 -2.12
C LEU A 454 0.35 7.18 -1.56
N ASP A 455 0.78 8.38 -1.86
CA ASP A 455 -0.13 9.51 -1.73
C ASP A 455 0.20 10.51 -2.84
N PHE A 456 -0.61 11.56 -2.91
CA PHE A 456 -0.41 12.55 -3.95
C PHE A 456 -0.52 13.94 -3.38
N GLY A 457 -0.01 14.11 -2.16
CA GLY A 457 -0.20 15.33 -1.41
C GLY A 457 -1.51 15.35 -0.65
N ASP A 458 -1.58 16.24 0.34
CA ASP A 458 -2.75 16.27 1.21
C ASP A 458 -4.04 16.63 0.46
N ASP A 459 -3.93 17.41 -0.63
CA ASP A 459 -5.08 17.80 -1.46
C ASP A 459 -4.92 17.30 -2.89
N ASP A 460 -4.03 16.33 -3.11
CA ASP A 460 -3.81 15.76 -4.45
C ASP A 460 -3.24 16.80 -5.43
N SER A 461 -2.45 17.74 -4.94
CA SER A 461 -1.86 18.76 -5.80
C SER A 461 -0.45 18.40 -6.27
N GLY A 462 0.14 17.32 -5.75
CA GLY A 462 1.27 16.67 -6.39
C GLY A 462 2.62 17.04 -5.79
N LEU A 463 3.66 16.66 -6.55
CA LEU A 463 5.03 16.72 -6.05
C LEU A 463 5.49 18.15 -5.79
N PHE A 464 5.30 19.05 -6.74
CA PHE A 464 5.87 20.36 -6.49
C PHE A 464 5.22 21.03 -5.28
N MET A 465 3.92 20.77 -5.04
CA MET A 465 3.26 21.40 -3.89
C MET A 465 3.75 20.82 -2.56
N LYS A 466 3.96 19.49 -2.46
CA LYS A 466 4.60 18.99 -1.24
C LYS A 466 5.94 19.67 -1.01
N TYR A 467 6.79 19.71 -2.04
CA TYR A 467 8.11 20.34 -1.95
C TYR A 467 8.02 21.77 -1.43
N LEU A 468 7.10 22.56 -1.98
CA LEU A 468 7.02 23.94 -1.52
C LEU A 468 6.45 24.02 -0.11
N ARG A 469 5.56 23.09 0.25
CA ARG A 469 4.93 23.18 1.56
C ARG A 469 5.83 22.63 2.66
N ARG A 470 6.35 21.42 2.49
CA ARG A 470 7.09 20.73 3.55
C ARG A 470 8.51 20.33 3.16
N GLY A 471 8.90 20.46 1.89
CA GLY A 471 10.26 20.14 1.48
C GLY A 471 10.64 18.67 1.58
N SER A 472 9.66 17.77 1.64
CA SER A 472 9.88 16.35 1.89
C SER A 472 8.63 15.60 1.48
N GLY A 473 8.64 14.29 1.71
CA GLY A 473 7.49 13.42 1.46
C GLY A 473 7.33 12.92 0.04
N TYR A 474 8.38 12.98 -0.77
CA TYR A 474 8.26 12.57 -2.17
C TYR A 474 9.58 11.96 -2.61
N TYR A 475 9.50 11.21 -3.70
CA TYR A 475 10.67 10.67 -4.39
C TYR A 475 10.41 10.69 -5.89
N ILE A 476 11.28 11.36 -6.62
CA ILE A 476 11.24 11.38 -8.09
C ILE A 476 11.92 10.12 -8.62
N ASP A 477 11.13 9.24 -9.22
CA ASP A 477 11.61 7.90 -9.53
C ASP A 477 12.51 7.92 -10.75
N VAL A 478 13.76 7.51 -10.56
CA VAL A 478 14.71 7.34 -11.65
C VAL A 478 15.07 5.87 -11.84
N GLY A 479 14.36 4.97 -11.18
CA GLY A 479 14.53 3.53 -11.34
C GLY A 479 14.22 2.69 -10.11
N ALA A 480 14.24 3.28 -8.91
CA ALA A 480 14.11 2.48 -7.70
C ALA A 480 12.68 1.99 -7.46
N SER A 481 11.66 2.79 -7.82
CA SER A 481 10.27 2.39 -7.57
C SER A 481 9.91 1.13 -8.34
N GLU A 482 10.42 0.97 -9.56
CA GLU A 482 10.18 -0.27 -10.29
C GLU A 482 10.77 -1.46 -9.55
N LEU A 483 11.90 -1.27 -8.86
CA LEU A 483 12.47 -2.33 -8.03
C LEU A 483 11.56 -2.68 -6.84
N VAL A 484 10.83 -1.69 -6.31
CA VAL A 484 9.87 -1.96 -5.25
C VAL A 484 8.61 -2.58 -5.85
N ALA A 485 8.13 -2.00 -6.95
CA ALA A 485 6.91 -2.48 -7.56
C ALA A 485 7.03 -3.93 -8.01
N GLU A 486 8.21 -4.35 -8.46
CA GLU A 486 8.44 -5.71 -8.89
C GLU A 486 8.96 -6.64 -7.79
N GLY A 487 9.12 -6.13 -6.57
CA GLY A 487 9.58 -6.99 -5.50
C GLY A 487 11.07 -7.22 -5.44
N LYS A 488 11.87 -6.60 -6.32
CA LYS A 488 13.31 -6.78 -6.24
C LYS A 488 13.86 -6.21 -4.93
N ILE A 489 13.47 -4.99 -4.60
CA ILE A 489 13.65 -4.45 -3.25
C ILE A 489 12.48 -4.97 -2.44
N LYS A 490 12.77 -5.73 -1.38
CA LYS A 490 11.71 -6.29 -0.56
C LYS A 490 11.06 -5.20 0.29
N LEU A 491 9.72 -5.26 0.39
CA LEU A 491 8.93 -4.26 1.10
C LEU A 491 8.22 -4.84 2.30
N LYS A 492 8.28 -4.13 3.43
CA LYS A 492 7.41 -4.32 4.58
C LYS A 492 6.77 -2.96 4.84
N SER A 493 5.48 -2.81 4.57
CA SER A 493 4.80 -1.53 4.74
C SER A 493 3.67 -1.61 5.77
N GLY A 494 3.19 -0.43 6.15
CA GLY A 494 2.16 -0.32 7.14
C GLY A 494 2.60 -0.59 8.56
N VAL A 495 3.92 -0.55 8.82
CA VAL A 495 4.47 -1.01 10.09
C VAL A 495 5.46 0.01 10.66
N GLY A 496 5.54 0.06 11.98
CA GLY A 496 6.59 0.79 12.68
C GLY A 496 7.64 -0.18 13.19
N VAL A 497 8.63 0.37 13.90
CA VAL A 497 9.67 -0.46 14.54
C VAL A 497 9.25 -0.73 15.99
N GLN A 498 9.19 -2.00 16.35
CA GLN A 498 8.81 -2.35 17.71
C GLN A 498 10.02 -2.31 18.65
N GLU A 499 11.10 -3.01 18.28
CA GLU A 499 12.33 -3.01 19.05
C GLU A 499 13.44 -3.59 18.20
N LEU A 500 14.67 -3.25 18.54
CA LEU A 500 15.83 -3.93 17.98
C LEU A 500 16.31 -4.93 19.02
N LYS A 501 16.48 -6.17 18.62
CA LYS A 501 17.10 -7.19 19.45
C LYS A 501 18.60 -7.22 19.11
N SER A 502 19.32 -8.28 19.50
CA SER A 502 20.78 -8.23 19.37
C SER A 502 21.22 -8.23 17.91
N HIS A 503 20.54 -8.99 17.06
CA HIS A 503 20.91 -9.08 15.65
C HIS A 503 19.73 -8.99 14.69
N SER A 504 18.62 -8.39 15.14
CA SER A 504 17.41 -8.36 14.34
C SER A 504 16.65 -7.10 14.69
N ILE A 505 15.73 -6.75 13.82
CA ILE A 505 14.81 -5.65 14.05
C ILE A 505 13.40 -6.22 13.91
N VAL A 506 12.54 -5.89 14.86
CA VAL A 506 11.18 -6.41 14.97
C VAL A 506 10.21 -5.31 14.58
N LEU A 507 9.33 -5.60 13.62
CA LEU A 507 8.36 -4.61 13.15
C LEU A 507 7.01 -4.81 13.85
N SER A 508 6.16 -3.77 13.78
CA SER A 508 4.88 -3.79 14.48
C SER A 508 3.87 -4.80 13.95
N ASP A 509 4.16 -5.49 12.85
CA ASP A 509 3.32 -6.61 12.42
C ASP A 509 3.84 -7.95 12.96
N GLY A 510 4.86 -7.94 13.83
CA GLY A 510 5.49 -9.13 14.35
C GLY A 510 6.68 -9.64 13.55
N THR A 511 6.91 -9.13 12.34
CA THR A 511 8.01 -9.64 11.52
C THR A 511 9.33 -9.36 12.22
N GLU A 512 10.20 -10.35 12.24
CA GLU A 512 11.53 -10.18 12.79
C GLU A 512 12.51 -10.29 11.62
N LEU A 513 13.16 -9.17 11.29
CA LEU A 513 14.10 -9.15 10.16
C LEU A 513 15.51 -9.30 10.67
N PRO A 514 16.28 -10.27 10.22
CA PRO A 514 17.68 -10.32 10.63
C PRO A 514 18.41 -9.15 10.00
N ALA A 515 19.28 -8.50 10.77
CA ALA A 515 19.91 -7.28 10.28
C ALA A 515 21.33 -7.10 10.80
N ASP A 516 22.28 -6.94 9.88
CA ASP A 516 23.64 -6.45 10.19
C ASP A 516 23.75 -4.94 10.27
N LEU A 517 22.97 -4.24 9.44
CA LEU A 517 22.95 -2.79 9.33
C LEU A 517 21.51 -2.31 9.32
N VAL A 518 21.19 -1.32 10.13
CA VAL A 518 19.89 -0.66 10.06
C VAL A 518 20.13 0.79 9.68
N VAL A 519 19.59 1.20 8.53
CA VAL A 519 19.67 2.58 8.08
C VAL A 519 18.39 3.30 8.51
N TYR A 520 18.53 4.41 9.24
CA TYR A 520 17.37 5.23 9.60
C TYR A 520 17.26 6.34 8.57
N ALA A 521 16.40 6.15 7.58
CA ALA A 521 16.12 7.13 6.53
C ALA A 521 14.95 8.02 6.93
N THR A 522 15.14 8.79 8.00
CA THR A 522 14.02 9.47 8.63
C THR A 522 14.07 10.99 8.48
N GLY A 523 14.73 11.51 7.43
CA GLY A 523 14.61 12.94 7.15
C GLY A 523 15.34 13.88 8.10
N TYR A 524 14.97 15.15 8.00
CA TYR A 524 15.70 16.26 8.62
C TYR A 524 14.75 17.29 9.20
N GLY A 525 15.25 18.04 10.19
CA GLY A 525 14.59 19.20 10.74
C GLY A 525 14.73 20.40 9.81
N SER A 526 14.33 21.56 10.33
CA SER A 526 14.29 22.76 9.51
C SER A 526 15.67 23.39 9.36
N MET A 527 15.80 24.23 8.33
CA MET A 527 17.07 24.92 8.08
C MET A 527 17.50 25.79 9.26
N ASN A 528 16.54 26.29 10.04
CA ASN A 528 16.89 27.11 11.19
C ASN A 528 17.73 26.35 12.20
N GLY A 529 17.79 25.01 12.10
CA GLY A 529 18.71 24.25 12.93
C GLY A 529 20.17 24.60 12.69
N TRP A 530 20.50 24.95 11.43
CA TRP A 530 21.83 25.48 11.15
C TRP A 530 22.08 26.75 11.93
N ALA A 531 21.08 27.63 12.01
CA ALA A 531 21.25 28.85 12.79
C ALA A 531 21.45 28.52 14.27
N ALA A 532 20.75 27.50 14.77
CA ALA A 532 20.88 27.13 16.18
C ALA A 532 22.29 26.68 16.50
N ASP A 533 22.90 25.87 15.62
CA ASP A 533 24.20 25.26 15.89
C ASP A 533 25.40 26.17 15.59
N LEU A 534 25.22 27.22 14.78
CA LEU A 534 26.30 28.12 14.43
C LEU A 534 26.19 29.48 15.09
N ILE A 535 24.98 29.90 15.42
CA ILE A 535 24.79 31.21 16.03
C ILE A 535 24.39 31.01 17.50
N SER A 536 23.12 30.74 17.74
CA SER A 536 22.63 30.42 19.08
C SER A 536 21.20 29.91 18.99
N PRO A 537 20.78 29.10 19.96
CA PRO A 537 19.36 28.71 20.01
C PRO A 537 18.45 29.90 20.10
N GLU A 538 18.89 31.00 20.74
CA GLU A 538 18.02 32.16 20.84
C GLU A 538 17.76 32.78 19.46
N VAL A 539 18.82 32.92 18.66
CA VAL A 539 18.69 33.47 17.31
C VAL A 539 17.85 32.54 16.45
N ALA A 540 18.07 31.22 16.57
CA ALA A 540 17.22 30.25 15.89
C ALA A 540 15.74 30.43 16.28
N ASN A 541 15.45 30.67 17.57
CA ASN A 541 14.07 30.90 18.00
C ASN A 541 13.51 32.21 17.43
N LYS A 542 14.34 33.27 17.44
CA LYS A 542 13.91 34.57 16.92
C LYS A 542 13.54 34.45 15.45
N VAL A 543 14.30 33.65 14.72
CA VAL A 543 14.13 33.44 13.28
C VAL A 543 12.93 32.54 13.00
N GLY A 544 12.83 31.43 13.73
CA GLY A 544 11.74 30.50 13.58
C GLY A 544 11.97 29.52 12.46
N LYS A 545 10.94 28.71 12.24
CA LYS A 545 10.93 27.74 11.14
C LYS A 545 11.33 28.39 9.81
N VAL A 546 12.18 27.68 9.06
CA VAL A 546 12.59 28.07 7.71
C VAL A 546 11.91 27.15 6.69
N TRP A 547 11.51 27.71 5.53
CA TRP A 547 10.80 26.99 4.47
C TRP A 547 9.33 26.75 4.84
N GLY A 548 8.50 26.46 3.84
CA GLY A 548 7.09 26.22 4.08
C GLY A 548 6.24 27.45 3.79
N LEU A 549 4.95 27.21 3.57
CA LEU A 549 4.05 28.29 3.18
C LEU A 549 3.03 28.68 4.25
N GLY A 550 2.87 27.86 5.29
CA GLY A 550 1.75 28.05 6.20
C GLY A 550 0.46 27.51 5.66
N SER A 551 0.52 26.45 4.85
CA SER A 551 -0.60 25.91 4.08
C SER A 551 -1.57 25.04 4.89
N ALA A 552 -1.35 24.80 6.19
CA ALA A 552 -2.19 23.91 7.02
C ALA A 552 -2.35 22.52 6.39
N THR A 553 -1.20 21.92 6.03
CA THR A 553 -1.11 20.54 5.55
C THR A 553 0.00 19.87 6.35
N THR A 554 0.26 18.59 6.06
CA THR A 554 1.21 17.84 6.88
C THR A 554 2.57 18.52 6.92
N LYS A 555 3.10 18.68 8.13
CA LYS A 555 4.40 19.28 8.38
C LYS A 555 4.47 20.74 7.93
N ASP A 556 3.33 21.35 7.57
CA ASP A 556 3.28 22.77 7.23
C ASP A 556 2.07 23.43 7.88
N PRO A 557 2.17 23.75 9.17
CA PRO A 557 1.03 24.29 9.90
C PRO A 557 0.73 25.71 9.48
N GLY A 558 -0.54 26.09 9.61
CA GLY A 558 -0.92 27.47 9.52
C GLY A 558 -0.31 28.28 10.66
N PRO A 559 -0.54 29.58 10.69
CA PRO A 559 -1.38 30.31 9.72
C PRO A 559 -0.72 30.54 8.34
N TRP A 560 -1.50 31.00 7.37
CA TRP A 560 -1.01 31.18 6.01
C TRP A 560 0.04 32.28 6.00
N GLU A 561 1.19 32.01 5.40
CA GLU A 561 2.22 33.03 5.27
C GLU A 561 2.38 33.51 3.83
N GLY A 562 2.23 32.62 2.84
CA GLY A 562 2.21 33.02 1.45
C GLY A 562 3.56 33.10 0.76
N GLU A 563 4.65 32.97 1.51
CA GLU A 563 6.00 32.97 0.94
C GLU A 563 6.82 31.96 1.72
N GLN A 564 7.87 31.44 1.08
CA GLN A 564 8.79 30.56 1.77
C GLN A 564 9.31 31.21 3.04
N ARG A 565 9.14 30.51 4.17
CA ARG A 565 9.52 31.06 5.47
C ARG A 565 11.00 31.40 5.48
N ASN A 566 11.31 32.66 5.73
CA ASN A 566 12.69 33.13 5.94
C ASN A 566 13.61 32.96 4.72
N MET A 567 13.08 32.80 3.50
CA MET A 567 13.93 32.56 2.33
C MET A 567 14.12 33.84 1.51
N TRP A 568 15.38 34.19 1.28
CA TRP A 568 15.78 35.18 0.28
C TRP A 568 15.28 36.59 0.61
N LYS A 569 15.11 36.87 1.89
CA LYS A 569 14.39 38.07 2.30
C LYS A 569 14.70 38.35 3.77
N PRO A 570 14.32 39.53 4.30
CA PRO A 570 14.67 39.86 5.69
C PRO A 570 14.01 38.90 6.68
N THR A 571 14.76 38.53 7.70
CA THR A 571 14.34 37.69 8.81
C THR A 571 14.23 38.52 10.07
N GLN A 572 13.69 37.92 11.13
CA GLN A 572 13.58 38.61 12.42
C GLN A 572 14.93 38.82 13.11
N GLN A 573 15.99 38.18 12.66
CA GLN A 573 17.34 38.48 13.13
C GLN A 573 18.00 39.44 12.14
N GLN A 574 18.48 40.57 12.66
CA GLN A 574 19.04 41.61 11.80
C GLN A 574 20.30 41.09 11.10
N ALA A 575 20.44 41.44 9.83
CA ALA A 575 21.60 41.07 9.03
C ALA A 575 21.82 39.58 8.92
N LEU A 576 20.79 38.77 9.15
CA LEU A 576 20.88 37.34 8.90
C LEU A 576 19.92 37.03 7.76
N TRP A 577 20.39 36.23 6.82
CA TRP A 577 19.65 35.88 5.62
C TRP A 577 19.84 34.40 5.38
N PHE A 578 18.87 33.79 4.70
CA PHE A 578 18.95 32.39 4.32
C PHE A 578 18.84 32.26 2.80
N HIS A 579 19.75 31.49 2.19
CA HIS A 579 19.68 31.22 0.75
C HIS A 579 19.72 29.73 0.48
N GLY A 580 18.97 29.29 -0.53
CA GLY A 580 18.87 27.87 -0.83
C GLY A 580 17.74 27.64 -1.80
N GLY A 581 17.31 26.38 -1.89
CA GLY A 581 16.31 25.97 -2.86
C GLY A 581 16.89 25.05 -3.92
N ASN A 582 16.05 24.69 -4.90
CA ASN A 582 16.57 23.89 -5.99
C ASN A 582 17.31 24.80 -6.97
N LEU A 583 17.93 24.21 -8.00
CA LEU A 583 18.74 25.03 -8.92
C LEU A 583 17.92 26.14 -9.53
N HIS A 584 16.64 25.87 -9.82
CA HIS A 584 15.73 26.89 -10.33
C HIS A 584 15.56 28.03 -9.35
N GLN A 585 15.12 27.72 -8.12
CA GLN A 585 14.86 28.77 -7.13
C GLN A 585 16.15 29.49 -6.72
N SER A 586 17.27 28.78 -6.66
CA SER A 586 18.51 29.45 -6.32
C SER A 586 18.90 30.40 -7.45
N ARG A 587 18.84 29.93 -8.69
CA ARG A 587 19.11 30.81 -9.81
C ARG A 587 18.26 32.08 -9.70
N HIS A 588 16.95 31.90 -9.52
CA HIS A 588 16.06 33.05 -9.63
C HIS A 588 16.06 33.94 -8.39
N TYR A 589 15.85 33.36 -7.19
CA TYR A 589 15.76 34.21 -5.99
C TYR A 589 17.13 34.70 -5.50
N SER A 590 18.25 34.18 -6.00
CA SER A 590 19.53 34.83 -5.67
C SER A 590 19.60 36.25 -6.23
N GLN A 591 18.86 36.52 -7.31
CA GLN A 591 18.82 37.86 -7.87
C GLN A 591 18.26 38.86 -6.87
N TYR A 592 17.13 38.53 -6.24
CA TYR A 592 16.50 39.46 -5.30
C TYR A 592 17.27 39.55 -3.99
N LEU A 593 17.84 38.43 -3.53
CA LEU A 593 18.65 38.51 -2.32
C LEU A 593 19.88 39.37 -2.55
N SER A 594 20.59 39.16 -3.66
CA SER A 594 21.80 39.94 -3.88
C SER A 594 21.45 41.42 -4.00
N LEU A 595 20.32 41.75 -4.67
CA LEU A 595 19.93 43.15 -4.77
C LEU A 595 19.60 43.75 -3.40
N GLN A 596 18.93 42.98 -2.52
CA GLN A 596 18.66 43.50 -1.18
C GLN A 596 19.95 43.72 -0.40
N LEU A 597 20.92 42.81 -0.57
CA LEU A 597 22.23 43.00 0.06
C LEU A 597 22.95 44.20 -0.53
N LYS A 598 22.88 44.37 -1.87
CA LYS A 598 23.56 45.47 -2.53
C LYS A 598 22.96 46.81 -2.10
N ALA A 599 21.63 46.88 -2.03
CA ALA A 599 20.98 48.12 -1.65
C ALA A 599 21.45 48.58 -0.29
N ARG A 600 21.58 47.66 0.66
CA ARG A 600 22.03 48.03 1.99
C ARG A 600 23.51 48.40 1.98
N MET A 601 24.32 47.72 1.17
CA MET A 601 25.73 48.11 1.05
C MET A 601 25.86 49.53 0.56
N GLU A 602 25.02 49.96 -0.39
CA GLU A 602 25.11 51.33 -0.86
C GLU A 602 24.37 52.33 0.04
N GLY A 603 23.87 51.90 1.19
CA GLY A 603 23.21 52.82 2.11
C GLY A 603 21.89 53.37 1.59
N LEU A 604 21.22 52.62 0.72
CA LEU A 604 19.92 53.02 0.23
C LEU A 604 18.87 52.90 1.33
N ASN A 605 17.80 53.67 1.17
CA ASN A 605 16.65 53.55 2.05
C ASN A 605 15.90 52.28 1.67
N THR A 606 15.77 51.33 2.60
CA THR A 606 15.09 50.06 2.32
C THR A 606 14.01 49.75 3.36
N PRO A 607 12.85 50.40 3.29
CA PRO A 607 11.79 50.16 4.28
C PRO A 607 10.99 48.89 3.97
N VAL A 608 11.23 47.84 4.75
CA VAL A 608 10.56 46.56 4.56
C VAL A 608 9.09 46.68 4.91
N TYR A 609 8.20 46.23 4.02
CA TYR A 609 6.78 46.18 4.32
C TYR A 609 6.32 44.76 4.60
N GLY A 610 5.53 44.60 5.67
CA GLY A 610 4.90 43.32 5.92
C GLY A 610 5.86 42.24 6.39
N GLN A 611 6.95 42.64 7.05
CA GLN A 611 7.91 41.67 7.55
C GLN A 611 7.22 40.54 8.31
N GLN A 612 7.44 39.31 7.87
CA GLN A 612 6.69 38.16 8.36
C GLN A 612 7.04 37.87 9.83
N GLU A 613 6.02 37.83 10.68
CA GLU A 613 6.18 37.50 12.09
C GLU A 613 6.23 35.98 12.30
N VAL A 614 7.00 35.56 13.29
CA VAL A 614 7.25 34.14 13.49
C VAL A 614 6.05 33.50 14.17
N HIS A 615 5.56 32.39 13.61
CA HIS A 615 4.47 31.62 14.18
C HIS A 615 4.90 30.22 14.62
N HIS A 616 6.12 29.80 14.34
CA HIS A 616 6.62 28.49 14.72
C HIS A 616 8.10 28.62 14.97
N LEU A 617 8.57 28.03 16.08
CA LEU A 617 9.98 28.10 16.38
C LEU A 617 10.80 27.13 15.54
N SER A 618 10.16 26.13 14.95
CA SER A 618 10.90 25.13 14.19
C SER A 618 9.95 24.29 13.35
N ASN B 22 -10.57 -26.86 52.07
CA ASN B 22 -11.64 -27.85 52.13
C ASN B 22 -11.43 -28.81 53.30
N PRO B 23 -11.72 -28.35 54.52
CA PRO B 23 -11.39 -29.15 55.70
C PRO B 23 -12.24 -30.40 55.84
N HIS B 24 -13.41 -30.42 55.21
CA HIS B 24 -14.33 -31.54 55.26
C HIS B 24 -13.93 -32.67 54.34
N ASP B 25 -13.05 -32.42 53.37
CA ASP B 25 -12.62 -33.51 52.48
C ASP B 25 -12.07 -34.69 53.27
N LEU B 26 -11.24 -34.43 54.28
CA LEU B 26 -10.60 -35.52 55.00
C LEU B 26 -11.64 -36.39 55.72
N ALA B 27 -12.59 -35.75 56.40
CA ALA B 27 -13.66 -36.52 57.07
C ALA B 27 -14.34 -37.50 56.13
N VAL B 28 -14.79 -37.02 54.96
CA VAL B 28 -15.52 -37.88 54.02
C VAL B 28 -14.60 -38.95 53.44
N ALA B 29 -13.35 -38.60 53.11
CA ALA B 29 -12.45 -39.58 52.50
C ALA B 29 -12.13 -40.72 53.46
N GLY B 30 -11.97 -40.42 54.76
CA GLY B 30 -11.70 -41.49 55.71
C GLY B 30 -12.87 -42.45 55.84
N ILE B 31 -14.09 -41.90 55.95
CA ILE B 31 -15.30 -42.71 55.93
C ILE B 31 -15.41 -43.48 54.61
N LEU B 32 -15.15 -42.83 53.48
CA LEU B 32 -15.20 -43.55 52.21
C LEU B 32 -14.15 -44.65 52.15
N GLU B 33 -12.97 -44.42 52.76
CA GLU B 33 -11.93 -45.45 52.76
C GLU B 33 -12.31 -46.63 53.65
N GLN B 34 -12.95 -46.37 54.80
CA GLN B 34 -13.47 -47.48 55.63
C GLN B 34 -14.50 -48.32 54.91
N LEU B 35 -15.46 -47.66 54.25
CA LEU B 35 -16.46 -48.37 53.47
C LEU B 35 -15.80 -49.24 52.41
N GLU B 36 -14.85 -48.68 51.66
CA GLU B 36 -14.19 -49.45 50.61
C GLU B 36 -13.46 -50.66 51.17
N GLY B 37 -12.80 -50.49 52.31
CA GLY B 37 -12.12 -51.62 52.92
C GLY B 37 -13.08 -52.74 53.20
N CYS B 38 -14.18 -52.43 53.90
CA CYS B 38 -15.17 -53.46 54.19
C CYS B 38 -15.71 -54.05 52.89
N LEU B 39 -15.92 -53.20 51.87
CA LEU B 39 -16.46 -53.69 50.60
C LEU B 39 -15.48 -54.62 49.90
N ARG B 40 -14.18 -54.28 49.89
CA ARG B 40 -13.18 -55.16 49.29
C ARG B 40 -13.13 -56.51 49.99
N ALA B 41 -13.33 -56.52 51.31
CA ALA B 41 -13.22 -57.73 52.14
C ALA B 41 -14.44 -58.65 52.10
N SER B 42 -15.48 -58.32 51.33
CA SER B 42 -16.78 -58.99 51.43
C SER B 42 -17.27 -58.99 52.87
N ASP B 43 -17.11 -57.86 53.54
CA ASP B 43 -17.52 -57.73 54.93
C ASP B 43 -18.85 -56.96 55.00
N SER B 44 -19.93 -57.71 54.73
CA SER B 44 -21.26 -57.12 54.65
C SER B 44 -21.67 -56.46 55.96
N THR B 45 -21.47 -57.17 57.07
CA THR B 45 -21.86 -56.62 58.36
C THR B 45 -21.08 -55.35 58.69
N GLY B 46 -19.76 -55.38 58.45
CA GLY B 46 -18.92 -54.24 58.77
C GLY B 46 -19.25 -53.02 57.92
N ALA B 47 -19.54 -53.22 56.64
CA ALA B 47 -19.98 -52.11 55.80
C ALA B 47 -21.26 -51.49 56.33
N ALA B 48 -22.26 -52.32 56.68
CA ALA B 48 -23.51 -51.79 57.20
C ALA B 48 -23.31 -51.07 58.53
N GLN B 49 -22.34 -51.51 59.33
CA GLN B 49 -22.07 -50.85 60.60
C GLN B 49 -21.69 -49.38 60.40
N LEU B 50 -21.17 -49.02 59.21
CA LEU B 50 -20.78 -47.64 58.94
C LEU B 50 -21.97 -46.73 58.67
N PHE B 51 -23.14 -47.28 58.38
CA PHE B 51 -24.35 -46.47 58.22
C PHE B 51 -24.96 -46.18 59.58
N GLU B 52 -25.78 -45.12 59.63
CA GLU B 52 -26.75 -44.96 60.71
C GLU B 52 -27.57 -46.24 60.79
N PRO B 53 -28.08 -46.60 61.98
CA PRO B 53 -28.91 -47.82 62.07
C PRO B 53 -30.04 -47.89 61.05
N ASP B 54 -30.66 -46.76 60.73
CA ASP B 54 -31.76 -46.74 59.78
C ASP B 54 -31.39 -46.06 58.47
N GLY B 55 -30.10 -46.08 58.14
CA GLY B 55 -29.62 -45.42 56.94
C GLY B 55 -30.06 -46.08 55.66
N TYR B 56 -29.79 -45.39 54.56
CA TYR B 56 -30.30 -45.79 53.27
C TYR B 56 -29.18 -45.95 52.26
N TRP B 57 -29.28 -47.00 51.46
CA TRP B 57 -28.42 -47.21 50.33
C TRP B 57 -29.34 -47.43 49.14
N ARG B 58 -29.43 -46.44 48.26
CA ARG B 58 -30.21 -46.55 47.04
C ARG B 58 -29.23 -46.88 45.93
N ASP B 59 -29.50 -47.97 45.23
CA ASP B 59 -28.64 -48.44 44.16
C ASP B 59 -29.38 -48.42 42.83
N LEU B 60 -28.76 -47.84 41.81
CA LEU B 60 -29.31 -47.84 40.46
C LEU B 60 -28.38 -48.69 39.61
N VAL B 61 -28.70 -49.99 39.59
CA VAL B 61 -28.07 -51.03 38.77
C VAL B 61 -26.71 -51.47 39.31
N LEU B 62 -25.87 -50.53 39.76
CA LEU B 62 -24.43 -50.80 39.89
C LEU B 62 -24.11 -52.01 40.79
N PHE B 63 -24.76 -52.14 41.94
CA PHE B 63 -24.51 -53.32 42.77
C PHE B 63 -25.59 -54.40 42.63
N THR B 64 -26.83 -54.03 42.30
CA THR B 64 -27.99 -54.91 42.42
C THR B 64 -28.54 -55.41 41.09
N TRP B 65 -28.01 -54.94 39.97
CA TRP B 65 -28.64 -55.13 38.67
C TRP B 65 -30.15 -54.92 38.76
N ASN B 66 -30.51 -53.84 39.43
CA ASN B 66 -31.89 -53.54 39.78
C ASN B 66 -31.96 -52.08 40.18
N LEU B 67 -33.17 -51.58 40.38
CA LEU B 67 -33.38 -50.32 41.07
C LEU B 67 -33.81 -50.74 42.47
N LYS B 68 -32.99 -50.45 43.46
CA LYS B 68 -33.25 -51.02 44.78
C LYS B 68 -32.84 -50.04 45.87
N THR B 69 -33.71 -49.80 46.82
CA THR B 69 -33.37 -49.04 48.01
C THR B 69 -33.32 -49.99 49.22
N LEU B 70 -32.14 -50.11 49.80
CA LEU B 70 -31.95 -50.89 51.02
C LEU B 70 -32.15 -49.97 52.22
N GLU B 71 -33.11 -50.31 53.09
CA GLU B 71 -33.52 -49.47 54.22
C GLU B 71 -33.11 -50.17 55.51
N GLY B 72 -32.19 -49.53 56.26
CA GLY B 72 -31.69 -50.05 57.52
C GLY B 72 -30.46 -50.94 57.35
N ARG B 73 -29.68 -51.03 58.43
CA ARG B 73 -28.40 -51.75 58.36
C ARG B 73 -28.60 -53.19 57.89
N GLU B 74 -29.68 -53.82 58.32
CA GLU B 74 -29.87 -55.23 58.05
C GLU B 74 -30.17 -55.47 56.57
N GLN B 75 -31.02 -54.65 55.97
CA GLN B 75 -31.28 -54.80 54.54
C GLN B 75 -30.01 -54.53 53.74
N ILE B 76 -29.25 -53.52 54.14
CA ILE B 76 -28.00 -53.23 53.48
C ILE B 76 -27.08 -54.44 53.54
N ALA B 77 -26.88 -54.99 54.73
CA ALA B 77 -25.97 -56.12 54.87
C ALA B 77 -26.45 -57.30 54.05
N ALA B 78 -27.76 -57.52 53.98
CA ALA B 78 -28.24 -58.67 53.23
C ALA B 78 -27.93 -58.52 51.75
N MET B 79 -28.07 -57.30 51.22
CA MET B 79 -27.68 -57.05 49.84
C MET B 79 -26.17 -57.26 49.66
N LEU B 80 -25.37 -56.64 50.52
CA LEU B 80 -23.92 -56.75 50.36
C LEU B 80 -23.45 -58.20 50.47
N ALA B 81 -24.08 -58.97 51.36
CA ALA B 81 -23.71 -60.38 51.50
C ALA B 81 -24.01 -61.18 50.25
N ALA B 82 -25.02 -60.78 49.49
CA ALA B 82 -25.33 -61.53 48.28
C ALA B 82 -24.52 -61.05 47.08
N GLN B 83 -24.12 -59.78 47.02
CA GLN B 83 -23.58 -59.26 45.77
C GLN B 83 -22.07 -59.07 45.78
N LEU B 84 -21.47 -58.80 46.96
CA LEU B 84 -20.10 -58.28 47.02
C LEU B 84 -19.09 -59.24 46.41
N GLY B 85 -19.31 -60.55 46.59
CA GLY B 85 -18.35 -61.52 46.08
C GLY B 85 -18.24 -61.53 44.56
N ALA B 86 -19.29 -61.12 43.86
CA ALA B 86 -19.36 -61.24 42.40
C ALA B 86 -18.81 -60.01 41.65
N VAL B 87 -18.54 -58.90 42.34
CA VAL B 87 -18.22 -57.63 41.70
C VAL B 87 -16.83 -57.12 42.05
N GLN B 88 -16.03 -57.89 42.78
CA GLN B 88 -14.75 -57.40 43.24
C GLN B 88 -13.76 -57.26 42.08
N PRO B 89 -12.86 -56.27 42.14
CA PRO B 89 -12.66 -55.27 43.20
C PRO B 89 -13.52 -53.99 43.09
N VAL B 90 -14.00 -53.50 44.24
CA VAL B 90 -14.86 -52.33 44.35
C VAL B 90 -14.02 -51.16 44.84
N SER B 91 -14.21 -50.00 44.22
CA SER B 91 -13.59 -48.76 44.68
C SER B 91 -14.67 -47.73 44.98
N ILE B 92 -14.41 -46.87 45.96
CA ILE B 92 -15.26 -45.71 46.13
C ILE B 92 -14.44 -44.61 46.76
N ARG B 93 -14.53 -43.40 46.19
CA ARG B 93 -13.74 -42.25 46.59
C ARG B 93 -14.52 -41.00 46.22
N ILE B 94 -14.08 -39.86 46.76
CA ILE B 94 -14.64 -38.57 46.35
C ILE B 94 -14.39 -38.37 44.85
N ALA B 95 -15.38 -37.82 44.16
CA ALA B 95 -15.31 -37.71 42.70
C ALA B 95 -14.30 -36.67 42.23
N ASP B 96 -13.60 -36.98 41.14
CA ASP B 96 -12.60 -36.08 40.57
C ASP B 96 -13.15 -34.67 40.44
N GLY B 97 -12.40 -33.72 40.97
CA GLY B 97 -12.78 -32.34 40.87
C GLY B 97 -13.86 -31.92 41.82
N GLU B 98 -14.30 -32.80 42.71
CA GLU B 98 -15.38 -32.47 43.63
C GLU B 98 -14.82 -32.47 45.04
N HIS B 99 -15.48 -31.70 45.91
CA HIS B 99 -15.08 -31.62 47.32
C HIS B 99 -16.30 -31.77 48.21
N ALA B 100 -16.05 -32.24 49.43
CA ALA B 100 -17.10 -32.39 50.42
C ALA B 100 -17.56 -31.02 50.91
N VAL B 101 -18.82 -30.97 51.34
CA VAL B 101 -19.42 -29.75 51.86
C VAL B 101 -20.17 -30.10 53.14
N GLU B 102 -20.45 -29.08 53.93
CA GLU B 102 -21.14 -29.23 55.19
C GLU B 102 -22.31 -28.25 55.24
N ALA B 103 -23.51 -28.77 55.41
CA ALA B 103 -24.71 -27.96 55.50
C ALA B 103 -25.64 -28.58 56.52
N GLY B 104 -26.16 -27.75 57.43
CA GLY B 104 -27.08 -28.19 58.45
C GLY B 104 -26.63 -29.40 59.24
N GLY B 105 -25.33 -29.58 59.38
CA GLY B 105 -24.84 -30.75 60.08
C GLY B 105 -24.71 -31.98 59.22
N VAL B 106 -24.86 -31.84 57.90
CA VAL B 106 -24.75 -32.96 56.96
C VAL B 106 -23.48 -32.78 56.14
N LEU B 107 -22.66 -33.81 56.10
CA LEU B 107 -21.47 -33.85 55.26
C LEU B 107 -21.85 -34.56 53.97
N GLN B 108 -21.67 -33.87 52.83
CA GLN B 108 -22.11 -34.37 51.53
C GLN B 108 -20.97 -34.29 50.52
N SER B 109 -20.99 -35.24 49.58
CA SER B 109 -20.02 -35.17 48.53
C SER B 109 -20.46 -36.09 47.39
N TRP B 110 -20.21 -35.62 46.16
CA TRP B 110 -20.20 -36.50 45.01
C TRP B 110 -19.10 -37.53 45.16
N ILE B 111 -19.37 -38.73 44.67
CA ILE B 111 -18.42 -39.82 44.74
C ILE B 111 -18.40 -40.55 43.41
N THR B 112 -17.37 -41.35 43.23
CA THR B 112 -17.20 -42.24 42.09
C THR B 112 -17.13 -43.65 42.63
N VAL B 113 -17.75 -44.59 41.91
CA VAL B 113 -17.85 -45.96 42.40
C VAL B 113 -17.59 -46.90 41.23
N GLU B 114 -16.75 -47.92 41.45
CA GLU B 114 -16.40 -48.87 40.40
C GLU B 114 -16.55 -50.29 40.90
N THR B 115 -16.99 -51.17 40.01
CA THR B 115 -16.93 -52.60 40.19
C THR B 115 -16.03 -53.17 39.10
N ASN B 116 -15.93 -54.49 39.05
CA ASN B 116 -15.07 -55.13 38.06
C ASN B 116 -15.59 -54.96 36.62
N VAL B 117 -16.86 -54.61 36.42
CA VAL B 117 -17.47 -54.50 35.10
C VAL B 117 -18.07 -53.13 34.80
N ALA B 118 -18.09 -52.20 35.76
CA ALA B 118 -18.80 -50.95 35.55
C ALA B 118 -18.22 -49.85 36.42
N ARG B 119 -18.60 -48.62 36.11
CA ARG B 119 -18.31 -47.43 36.90
C ARG B 119 -19.57 -46.57 37.03
N GLY B 120 -19.59 -45.69 38.02
CA GLY B 120 -20.69 -44.75 38.11
C GLY B 120 -20.45 -43.66 39.13
N VAL B 121 -21.32 -42.66 39.09
CA VAL B 121 -21.31 -41.57 40.05
C VAL B 121 -22.17 -41.95 41.24
N GLY B 122 -21.96 -41.23 42.33
CA GLY B 122 -22.78 -41.45 43.49
C GLY B 122 -22.88 -40.20 44.32
N PHE B 123 -23.58 -40.33 45.44
CA PHE B 123 -23.72 -39.24 46.39
C PHE B 123 -23.84 -39.83 47.78
N ILE B 124 -23.23 -39.14 48.75
CA ILE B 124 -23.18 -39.62 50.12
C ILE B 124 -23.51 -38.46 51.05
N ARG B 125 -24.34 -38.75 52.04
CA ARG B 125 -24.66 -37.85 53.14
C ARG B 125 -24.23 -38.52 54.44
N ILE B 126 -23.53 -37.76 55.28
CA ILE B 126 -22.96 -38.26 56.52
C ILE B 126 -23.38 -37.35 57.65
N ARG B 127 -23.77 -37.96 58.78
CA ARG B 127 -24.13 -37.22 59.98
C ARG B 127 -23.42 -37.87 61.15
N ASP B 128 -22.72 -37.05 61.93
CA ASP B 128 -21.97 -37.49 63.11
C ASP B 128 -21.13 -38.73 62.81
N GLY B 129 -20.42 -38.70 61.68
CA GLY B 129 -19.56 -39.82 61.32
C GLY B 129 -20.29 -41.04 60.81
N LYS B 130 -21.58 -40.95 60.57
CA LYS B 130 -22.35 -42.10 60.10
C LYS B 130 -22.98 -41.78 58.74
N ILE B 131 -22.95 -42.77 57.84
CA ILE B 131 -23.57 -42.61 56.53
C ILE B 131 -25.09 -42.60 56.71
N TRP B 132 -25.72 -41.44 56.44
CA TRP B 132 -27.17 -41.31 56.40
C TRP B 132 -27.76 -41.84 55.11
N THR B 133 -27.27 -41.36 53.97
CA THR B 133 -27.73 -41.84 52.67
C THR B 133 -26.53 -42.05 51.76
N LEU B 134 -26.57 -43.14 51.01
CA LEU B 134 -25.61 -43.42 49.95
C LEU B 134 -26.37 -43.73 48.68
N LEU B 135 -26.00 -43.05 47.60
CA LEU B 135 -26.49 -43.34 46.26
C LEU B 135 -25.35 -43.89 45.42
N THR B 136 -25.53 -45.09 44.88
CA THR B 136 -24.61 -45.63 43.89
C THR B 136 -25.39 -45.84 42.60
N THR B 137 -24.79 -45.40 41.48
CA THR B 137 -25.38 -45.53 40.14
C THR B 137 -24.37 -46.10 39.17
N MET B 138 -24.88 -46.63 38.06
CA MET B 138 -24.05 -47.12 36.97
C MET B 138 -24.10 -46.12 35.81
N SER B 139 -22.93 -45.60 35.43
CA SER B 139 -22.77 -44.68 34.31
C SER B 139 -22.40 -45.37 33.02
N GLU B 140 -21.60 -46.43 33.08
CA GLU B 140 -21.04 -47.03 31.88
C GLU B 140 -20.60 -48.45 32.20
N LEU B 141 -20.58 -49.28 31.16
CA LEU B 141 -20.02 -50.62 31.25
C LEU B 141 -18.57 -50.60 30.76
N LYS B 142 -17.67 -51.13 31.59
CA LYS B 142 -16.26 -51.13 31.25
C LYS B 142 -16.05 -51.82 29.91
N GLY B 143 -15.34 -51.13 29.01
CA GLY B 143 -15.14 -51.64 27.66
C GLY B 143 -16.27 -51.35 26.69
N PHE B 144 -17.36 -50.75 27.14
CA PHE B 144 -18.44 -50.36 26.26
C PHE B 144 -18.84 -48.92 26.55
N GLU B 145 -17.88 -48.10 26.95
CA GLU B 145 -18.18 -46.72 27.24
C GLU B 145 -18.71 -46.02 25.99
N GLU B 146 -19.54 -45.01 26.20
CA GLU B 146 -20.15 -44.27 25.10
C GLU B 146 -19.13 -43.38 24.42
N ALA B 147 -19.25 -43.27 23.10
CA ALA B 147 -18.34 -42.49 22.27
C ALA B 147 -18.70 -41.02 22.36
N LYS B 148 -18.28 -40.40 23.46
CA LYS B 148 -18.53 -38.99 23.71
C LYS B 148 -17.23 -38.35 24.15
N GLY B 149 -17.17 -37.03 24.00
CA GLY B 149 -16.00 -36.26 24.38
C GLY B 149 -14.71 -36.74 23.76
N GLY B 150 -13.72 -37.03 24.60
CA GLY B 150 -12.46 -37.58 24.12
C GLY B 150 -12.58 -38.92 23.44
N ARG B 151 -13.72 -39.60 23.55
CA ARG B 151 -13.94 -40.84 22.84
C ARG B 151 -14.90 -40.67 21.66
N ARG B 152 -15.07 -39.44 21.19
CA ARG B 152 -15.83 -39.17 19.98
C ARG B 152 -15.43 -40.12 18.86
N PRO B 153 -16.38 -40.61 18.09
CA PRO B 153 -16.03 -41.22 16.80
C PRO B 153 -15.32 -40.19 15.94
N MET B 154 -14.35 -40.63 15.13
CA MET B 154 -13.71 -39.68 14.21
C MET B 154 -14.68 -39.24 13.13
N GLY B 155 -15.58 -40.13 12.72
CA GLY B 155 -16.57 -39.84 11.70
C GLY B 155 -16.17 -40.22 10.31
N ALA B 156 -14.94 -39.86 9.92
CA ALA B 156 -14.41 -40.11 8.57
C ALA B 156 -13.26 -41.13 8.57
N SER B 165 -17.66 -47.11 1.27
CA SER B 165 -19.06 -47.06 1.74
C SER B 165 -19.36 -45.84 2.61
N SER B 166 -20.25 -44.98 2.11
CA SER B 166 -20.51 -43.69 2.71
C SER B 166 -21.47 -43.79 3.89
N TRP B 167 -21.51 -42.71 4.68
CA TRP B 167 -22.40 -42.66 5.84
C TRP B 167 -23.85 -42.82 5.42
N LEU B 168 -24.27 -42.15 4.34
CA LEU B 168 -25.65 -42.25 3.90
C LEU B 168 -25.97 -43.67 3.48
N GLU B 169 -25.03 -44.33 2.80
CA GLU B 169 -25.26 -45.71 2.40
C GLU B 169 -25.44 -46.60 3.62
N GLN B 170 -24.57 -46.44 4.63
CA GLN B 170 -24.69 -47.27 5.84
C GLN B 170 -26.03 -47.07 6.50
N ARG B 171 -26.51 -45.83 6.61
CA ARG B 171 -27.83 -45.58 7.19
C ARG B 171 -28.92 -46.28 6.39
N GLU B 172 -28.87 -46.15 5.07
CA GLU B 172 -29.88 -46.80 4.22
C GLU B 172 -29.78 -48.31 4.29
N GLN B 173 -28.56 -48.85 4.41
CA GLN B 173 -28.39 -50.27 4.64
C GLN B 173 -29.15 -50.72 5.87
N GLU B 174 -29.00 -50.00 6.99
CA GLU B 174 -29.67 -50.39 8.22
C GLU B 174 -31.18 -50.28 8.10
N ALA B 175 -31.67 -49.23 7.42
CA ALA B 175 -33.10 -49.06 7.24
C ALA B 175 -33.70 -50.21 6.46
N LYS B 176 -32.94 -50.76 5.51
CA LYS B 176 -33.44 -51.81 4.64
C LYS B 176 -33.31 -53.19 5.28
N GLU B 177 -32.30 -53.41 6.13
CA GLU B 177 -32.02 -54.74 6.65
C GLU B 177 -32.59 -54.99 8.05
N LEU B 178 -32.55 -54.01 8.94
CA LEU B 178 -32.89 -54.26 10.34
C LEU B 178 -34.39 -54.48 10.49
N GLY B 179 -34.75 -55.62 11.07
CA GLY B 179 -36.12 -56.10 11.14
C GLY B 179 -36.54 -56.95 9.96
N TYR B 180 -35.70 -57.06 8.94
CA TYR B 180 -35.99 -57.87 7.76
C TYR B 180 -34.96 -58.97 7.59
N ALA B 181 -33.87 -58.71 6.87
CA ALA B 181 -32.81 -59.70 6.77
C ALA B 181 -32.12 -59.96 8.11
N ARG B 182 -32.13 -58.97 9.01
CA ARG B 182 -31.42 -59.05 10.29
C ARG B 182 -32.36 -58.57 11.39
N GLN B 183 -32.50 -59.39 12.53
CA GLN B 183 -33.48 -58.90 13.52
C GLN B 183 -32.85 -57.93 14.52
N PRO B 184 -33.63 -56.99 15.03
CA PRO B 184 -33.11 -56.10 16.08
C PRO B 184 -32.90 -56.85 17.39
N TYR B 185 -31.98 -56.35 18.20
CA TYR B 185 -31.82 -56.93 19.53
C TYR B 185 -33.01 -56.57 20.41
N CYS B 186 -33.50 -55.34 20.30
CA CYS B 186 -34.51 -54.78 21.16
C CYS B 186 -35.58 -54.09 20.33
N VAL B 187 -36.84 -54.28 20.69
CA VAL B 187 -37.96 -53.55 20.08
C VAL B 187 -38.61 -52.75 21.19
N ILE B 188 -38.88 -51.49 20.91
CA ILE B 188 -39.62 -50.60 21.79
C ILE B 188 -40.96 -50.34 21.13
N ILE B 189 -42.04 -50.61 21.86
CA ILE B 189 -43.38 -50.26 21.40
C ILE B 189 -43.71 -48.89 21.96
N GLY B 190 -43.98 -47.94 21.08
CA GLY B 190 -44.24 -46.57 21.51
C GLY B 190 -43.12 -45.60 21.16
N GLY B 191 -43.43 -44.61 20.31
CA GLY B 191 -42.47 -43.62 19.86
C GLY B 191 -42.73 -42.21 20.33
N GLY B 192 -43.27 -42.06 21.55
CA GLY B 192 -43.40 -40.77 22.18
C GLY B 192 -42.06 -40.33 22.73
N GLN B 193 -42.11 -39.35 23.63
CA GLN B 193 -40.87 -38.85 24.27
C GLN B 193 -40.08 -39.97 24.93
N GLY B 194 -40.76 -40.96 25.51
CA GLY B 194 -40.04 -41.97 26.27
C GLY B 194 -39.29 -42.91 25.36
N GLY B 195 -39.97 -43.40 24.31
CA GLY B 195 -39.31 -44.27 23.35
C GLY B 195 -38.16 -43.62 22.61
N ILE B 196 -38.28 -42.31 22.33
CA ILE B 196 -37.22 -41.60 21.62
C ILE B 196 -35.98 -41.45 22.50
N ALA B 197 -36.15 -41.10 23.78
CA ALA B 197 -35.02 -40.95 24.69
C ALA B 197 -34.31 -42.29 24.89
N LEU B 198 -35.09 -43.33 25.16
CA LEU B 198 -34.51 -44.66 25.29
C LEU B 198 -33.87 -45.09 23.97
N GLY B 199 -34.48 -44.70 22.84
CA GLY B 199 -33.90 -45.04 21.56
C GLY B 199 -32.54 -44.40 21.33
N ALA B 200 -32.42 -43.10 21.63
CA ALA B 200 -31.11 -42.45 21.53
C ALA B 200 -30.07 -43.13 22.41
N ARG B 201 -30.41 -43.44 23.67
CA ARG B 201 -29.43 -44.11 24.54
C ARG B 201 -29.04 -45.49 23.99
N LEU B 202 -30.00 -46.26 23.49
CA LEU B 202 -29.65 -47.58 22.96
C LEU B 202 -28.78 -47.46 21.71
N ARG B 203 -29.05 -46.44 20.87
CA ARG B 203 -28.22 -46.18 19.69
C ARG B 203 -26.79 -45.79 20.08
N GLN B 204 -26.64 -44.94 21.11
CA GLN B 204 -25.31 -44.57 21.61
C GLN B 204 -24.60 -45.72 22.30
N LEU B 205 -25.29 -46.81 22.63
CA LEU B 205 -24.66 -48.01 23.18
C LEU B 205 -24.53 -49.13 22.16
N ASN B 206 -24.78 -48.84 20.88
CA ASN B 206 -24.70 -49.83 19.80
C ASN B 206 -25.58 -51.04 20.08
N VAL B 207 -26.76 -50.79 20.64
CA VAL B 207 -27.77 -51.83 20.81
C VAL B 207 -28.78 -51.71 19.68
N PRO B 208 -28.74 -52.58 18.66
CA PRO B 208 -29.67 -52.44 17.53
C PRO B 208 -31.13 -52.54 17.95
N THR B 209 -31.89 -51.49 17.64
CA THR B 209 -33.22 -51.26 18.16
C THR B 209 -34.15 -50.65 17.12
N ILE B 210 -35.39 -51.14 17.12
CA ILE B 210 -36.46 -50.56 16.32
C ILE B 210 -37.50 -50.01 17.28
N ILE B 211 -37.91 -48.76 17.05
CA ILE B 211 -39.03 -48.14 17.76
C ILE B 211 -40.28 -48.33 16.92
N ILE B 212 -41.35 -48.83 17.55
CA ILE B 212 -42.58 -49.10 16.83
C ILE B 212 -43.61 -48.03 17.22
N GLU B 213 -44.09 -47.28 16.23
CA GLU B 213 -45.01 -46.18 16.52
C GLU B 213 -46.12 -46.11 15.48
N LYS B 214 -47.38 -46.13 15.94
CA LYS B 214 -48.53 -46.10 15.05
C LYS B 214 -48.81 -44.71 14.49
N ASN B 215 -48.32 -43.65 15.13
CA ASN B 215 -48.43 -42.34 14.53
C ASN B 215 -47.54 -42.26 13.29
N ALA B 216 -47.77 -41.23 12.47
CA ALA B 216 -47.06 -41.15 11.20
C ALA B 216 -45.64 -40.64 11.38
N ARG B 217 -45.45 -39.64 12.24
CA ARG B 217 -44.21 -38.93 12.46
C ARG B 217 -43.82 -38.92 13.93
N PRO B 218 -42.53 -38.96 14.25
CA PRO B 218 -42.12 -38.69 15.65
C PRO B 218 -42.61 -37.31 16.03
N GLY B 219 -42.98 -37.16 17.30
CA GLY B 219 -43.55 -35.92 17.79
C GLY B 219 -45.05 -35.83 17.70
N ASP B 220 -45.70 -36.75 16.98
CA ASP B 220 -47.17 -36.68 16.87
C ASP B 220 -47.86 -36.95 18.20
N SER B 221 -47.22 -37.72 19.10
CA SER B 221 -47.75 -37.94 20.44
C SER B 221 -48.04 -36.64 21.19
N TRP B 222 -47.29 -35.59 20.90
CA TRP B 222 -47.62 -34.29 21.49
C TRP B 222 -48.48 -33.42 20.58
N ARG B 223 -48.33 -33.53 19.25
CA ARG B 223 -49.16 -32.74 18.35
C ARG B 223 -50.65 -33.03 18.52
N LYS B 224 -50.99 -34.28 18.82
CA LYS B 224 -52.39 -34.73 18.90
C LYS B 224 -53.16 -34.14 20.08
N ARG B 225 -52.51 -33.39 20.98
CA ARG B 225 -53.19 -32.81 22.14
C ARG B 225 -53.94 -31.54 21.75
N TYR B 226 -54.63 -30.95 22.71
CA TYR B 226 -55.50 -29.81 22.42
C TYR B 226 -54.70 -28.56 22.02
N LYS B 227 -55.37 -27.70 21.25
CA LYS B 227 -54.74 -26.56 20.60
C LYS B 227 -53.81 -25.79 21.53
N SER B 228 -54.26 -25.50 22.75
CA SER B 228 -53.57 -24.53 23.61
C SER B 228 -52.52 -25.16 24.54
N LEU B 229 -52.43 -26.49 24.59
CA LEU B 229 -51.60 -27.17 25.57
C LEU B 229 -50.12 -26.79 25.45
N CYS B 230 -49.50 -26.52 26.60
CA CYS B 230 -48.06 -26.40 26.73
C CYS B 230 -47.61 -27.32 27.83
N LEU B 231 -46.32 -27.66 27.85
CA LEU B 231 -45.79 -28.42 28.96
C LEU B 231 -46.03 -27.64 30.26
N HIS B 232 -46.30 -28.37 31.34
CA HIS B 232 -46.48 -27.69 32.61
C HIS B 232 -45.22 -27.73 33.47
N ASP B 233 -44.23 -28.60 33.14
CA ASP B 233 -42.90 -28.65 33.72
C ASP B 233 -41.99 -27.69 32.95
N PRO B 234 -41.04 -27.06 33.62
CA PRO B 234 -40.22 -26.05 32.95
C PRO B 234 -39.02 -26.62 32.21
N VAL B 235 -38.50 -25.80 31.28
CA VAL B 235 -37.43 -26.19 30.35
C VAL B 235 -36.22 -26.79 31.10
N TRP B 236 -35.81 -26.18 32.22
CA TRP B 236 -34.61 -26.68 32.91
C TRP B 236 -34.77 -28.13 33.38
N TYR B 237 -36.01 -28.62 33.49
CA TYR B 237 -36.34 -29.94 33.95
C TYR B 237 -36.62 -30.91 32.80
N ASP B 238 -36.76 -30.43 31.55
CA ASP B 238 -37.40 -31.18 30.47
C ASP B 238 -36.46 -31.77 29.45
N HIS B 239 -35.16 -31.51 29.53
CA HIS B 239 -34.26 -31.83 28.42
C HIS B 239 -34.29 -33.32 28.08
N MET B 240 -34.18 -33.62 26.78
CA MET B 240 -33.85 -34.94 26.31
C MET B 240 -32.35 -35.22 26.50
N PRO B 241 -31.94 -36.49 26.52
CA PRO B 241 -30.51 -36.78 26.60
C PRO B 241 -29.72 -36.25 25.40
N TYR B 242 -28.48 -35.82 25.69
CA TYR B 242 -27.43 -35.49 24.72
C TYR B 242 -27.59 -34.09 24.13
N ILE B 243 -28.80 -33.74 23.70
CA ILE B 243 -29.07 -32.42 23.15
C ILE B 243 -30.04 -31.67 24.05
N PRO B 244 -29.56 -30.87 24.99
CA PRO B 244 -30.50 -30.12 25.82
C PRO B 244 -31.15 -29.00 25.01
N PHE B 245 -32.30 -28.52 25.49
CA PHE B 245 -32.90 -27.35 24.85
C PHE B 245 -31.93 -26.18 24.97
N PRO B 246 -31.86 -25.31 23.96
CA PRO B 246 -30.94 -24.18 24.00
C PRO B 246 -31.41 -23.07 24.93
N ASP B 247 -30.47 -22.17 25.23
CA ASP B 247 -30.67 -21.11 26.20
C ASP B 247 -31.83 -20.19 25.86
N ASN B 248 -32.26 -20.12 24.61
CA ASN B 248 -33.34 -19.24 24.23
C ASN B 248 -34.66 -20.00 24.08
N TRP B 249 -34.67 -21.29 24.43
CA TRP B 249 -35.89 -22.06 24.41
C TRP B 249 -36.86 -21.57 25.50
N PRO B 250 -38.18 -21.61 25.23
CA PRO B 250 -39.16 -21.14 26.21
C PRO B 250 -39.18 -22.00 27.47
N VAL B 251 -39.65 -21.40 28.56
CA VAL B 251 -39.82 -22.14 29.81
C VAL B 251 -40.83 -23.27 29.63
N PHE B 252 -41.99 -22.98 29.07
CA PHE B 252 -43.07 -23.96 28.93
C PHE B 252 -43.37 -24.13 27.46
N THR B 253 -43.13 -25.30 26.93
CA THR B 253 -43.05 -25.45 25.49
C THR B 253 -44.41 -25.75 24.89
N PRO B 254 -44.86 -24.97 23.91
CA PRO B 254 -46.10 -25.31 23.23
C PRO B 254 -46.01 -26.72 22.64
N LYS B 255 -47.17 -27.41 22.64
CA LYS B 255 -47.20 -28.84 22.36
C LYS B 255 -46.66 -29.18 20.97
N ASP B 256 -46.90 -28.32 19.96
CA ASP B 256 -46.39 -28.59 18.60
C ASP B 256 -44.91 -28.27 18.47
N LYS B 257 -44.43 -27.28 19.23
CA LYS B 257 -42.99 -27.04 19.30
C LYS B 257 -42.28 -28.22 19.96
N VAL B 258 -42.92 -28.88 20.94
CA VAL B 258 -42.34 -30.13 21.46
C VAL B 258 -42.28 -31.17 20.36
N GLY B 259 -43.35 -31.23 19.55
CA GLY B 259 -43.39 -32.19 18.46
C GLY B 259 -42.28 -31.96 17.45
N ASP B 260 -42.12 -30.69 17.02
CA ASP B 260 -41.00 -30.38 16.13
C ASP B 260 -39.69 -30.82 16.73
N TRP B 261 -39.50 -30.56 18.03
CA TRP B 261 -38.22 -30.87 18.65
C TRP B 261 -37.94 -32.37 18.63
N LEU B 262 -38.95 -33.17 18.97
CA LEU B 262 -38.75 -34.61 19.02
C LEU B 262 -38.48 -35.18 17.63
N GLU B 263 -39.17 -34.66 16.61
CA GLU B 263 -38.99 -35.15 15.25
C GLU B 263 -37.60 -34.84 14.71
N MET B 264 -37.12 -33.64 14.95
CA MET B 264 -35.77 -33.36 14.54
C MET B 264 -34.75 -34.08 15.42
N TYR B 265 -35.06 -34.29 16.70
CA TYR B 265 -34.18 -35.07 17.56
C TYR B 265 -34.06 -36.50 17.04
N THR B 266 -35.18 -37.09 16.61
CA THR B 266 -35.18 -38.46 16.15
C THR B 266 -34.29 -38.61 14.93
N LYS B 267 -34.30 -37.59 14.06
CA LYS B 267 -33.44 -37.61 12.88
C LYS B 267 -31.96 -37.51 13.25
N VAL B 268 -31.57 -36.48 14.00
CA VAL B 268 -30.12 -36.28 14.14
C VAL B 268 -29.50 -37.32 15.04
N MET B 269 -30.26 -37.95 15.94
CA MET B 269 -29.70 -39.03 16.75
C MET B 269 -29.75 -40.39 16.04
N GLU B 270 -30.13 -40.42 14.77
CA GLU B 270 -29.98 -41.61 13.94
C GLU B 270 -30.81 -42.76 14.47
N LEU B 271 -32.00 -42.47 14.99
CA LEU B 271 -32.83 -43.56 15.48
C LEU B 271 -33.42 -44.32 14.29
N ASN B 272 -33.91 -45.50 14.58
CA ASN B 272 -34.56 -46.38 13.62
C ASN B 272 -36.02 -46.47 14.07
N TYR B 273 -36.89 -45.73 13.40
CA TYR B 273 -38.19 -45.34 13.93
C TYR B 273 -39.28 -45.74 12.95
N TRP B 274 -39.98 -46.84 13.22
CA TRP B 274 -41.05 -47.27 12.32
C TRP B 274 -42.35 -46.57 12.66
N GLY B 275 -42.59 -45.42 12.02
CA GLY B 275 -43.88 -44.78 12.09
C GLY B 275 -44.92 -45.50 11.25
N SER B 276 -46.18 -45.09 11.46
CA SER B 276 -47.35 -45.69 10.82
C SER B 276 -47.32 -47.21 11.00
N THR B 277 -46.86 -47.66 12.16
CA THR B 277 -46.70 -49.08 12.46
C THR B 277 -47.39 -49.40 13.78
N SER B 278 -48.43 -50.24 13.74
CA SER B 278 -49.11 -50.67 14.95
C SER B 278 -48.57 -52.02 15.39
N CYS B 279 -48.36 -52.17 16.69
CA CYS B 279 -48.05 -53.46 17.31
C CYS B 279 -49.33 -54.21 17.67
N GLU B 280 -49.45 -55.43 17.14
CA GLU B 280 -50.66 -56.23 17.27
C GLU B 280 -50.57 -57.25 18.39
N SER B 281 -49.41 -57.89 18.58
CA SER B 281 -49.32 -58.95 19.56
C SER B 281 -47.85 -59.30 19.79
N ALA B 282 -47.60 -59.89 20.94
CA ALA B 282 -46.28 -60.38 21.26
C ALA B 282 -46.40 -61.52 22.25
N SER B 283 -45.52 -62.51 22.09
CA SER B 283 -45.42 -63.59 23.05
C SER B 283 -43.96 -63.99 23.11
N PHE B 284 -43.59 -64.57 24.24
CA PHE B 284 -42.21 -64.91 24.52
C PHE B 284 -42.05 -66.42 24.51
N ASP B 285 -40.99 -66.86 23.89
CA ASP B 285 -40.62 -68.27 23.86
C ASP B 285 -39.38 -68.38 24.74
N ALA B 286 -39.58 -68.84 25.97
CA ALA B 286 -38.44 -68.95 26.89
C ALA B 286 -37.42 -69.93 26.36
N ALA B 287 -37.86 -70.89 25.54
CA ALA B 287 -36.93 -71.86 24.95
C ALA B 287 -35.85 -71.15 24.15
N SER B 288 -36.26 -70.45 23.08
CA SER B 288 -35.34 -69.73 22.20
C SER B 288 -34.89 -68.37 22.75
N GLY B 289 -35.48 -67.91 23.86
CA GLY B 289 -35.17 -66.59 24.38
C GLY B 289 -35.60 -65.45 23.48
N GLU B 290 -36.54 -65.69 22.56
CA GLU B 290 -36.96 -64.72 21.56
C GLU B 290 -38.42 -64.34 21.74
N TRP B 291 -38.73 -63.08 21.49
CA TRP B 291 -40.10 -62.63 21.32
C TRP B 291 -40.54 -62.84 19.89
N THR B 292 -41.84 -63.01 19.68
CA THR B 292 -42.40 -62.86 18.34
C THR B 292 -43.39 -61.70 18.39
N VAL B 293 -43.06 -60.62 17.70
CA VAL B 293 -43.83 -59.39 17.73
C VAL B 293 -44.40 -59.17 16.34
N GLN B 294 -45.73 -59.12 16.25
CA GLN B 294 -46.46 -58.92 15.01
C GLN B 294 -46.85 -57.46 14.91
N VAL B 295 -46.40 -56.80 13.85
CA VAL B 295 -46.71 -55.40 13.64
C VAL B 295 -47.34 -55.26 12.25
N LEU B 296 -47.98 -54.13 12.04
CA LEU B 296 -48.52 -53.77 10.73
C LEU B 296 -47.85 -52.47 10.31
N ARG B 297 -46.83 -52.58 9.47
CA ARG B 297 -46.08 -51.42 9.02
C ARG B 297 -46.72 -50.88 7.75
N ASP B 298 -47.46 -49.77 7.88
CA ASP B 298 -48.11 -49.15 6.74
C ASP B 298 -49.04 -50.14 6.06
N GLY B 299 -49.74 -50.93 6.86
CA GLY B 299 -50.64 -51.95 6.36
C GLY B 299 -50.03 -53.32 6.18
N GLN B 300 -48.68 -53.43 6.00
CA GLN B 300 -48.05 -54.73 5.71
C GLN B 300 -47.60 -55.43 6.98
N PRO B 301 -47.88 -56.72 7.12
CA PRO B 301 -47.38 -57.46 8.29
C PRO B 301 -45.87 -57.62 8.25
N VAL B 302 -45.25 -57.42 9.40
CA VAL B 302 -43.85 -57.72 9.63
C VAL B 302 -43.78 -58.46 10.95
N THR B 303 -42.95 -59.50 11.00
CA THR B 303 -42.69 -60.27 12.20
C THR B 303 -41.26 -59.99 12.67
N LEU B 304 -41.15 -59.41 13.86
CA LEU B 304 -39.86 -59.09 14.50
C LEU B 304 -39.61 -60.08 15.61
N LYS B 305 -38.36 -60.52 15.74
CA LYS B 305 -37.99 -61.51 16.76
C LYS B 305 -36.92 -60.95 17.68
N PRO B 306 -37.24 -59.92 18.45
CA PRO B 306 -36.23 -59.33 19.34
C PRO B 306 -35.99 -60.20 20.56
N LYS B 307 -34.83 -60.00 21.20
CA LYS B 307 -34.56 -60.64 22.48
C LYS B 307 -35.11 -59.85 23.65
N GLN B 308 -35.35 -58.55 23.51
CA GLN B 308 -35.83 -57.75 24.62
C GLN B 308 -36.96 -56.86 24.11
N LEU B 309 -38.04 -56.79 24.89
CA LEU B 309 -39.24 -56.05 24.51
C LEU B 309 -39.49 -54.96 25.54
N VAL B 310 -39.61 -53.72 25.08
CA VAL B 310 -39.85 -52.59 25.96
C VAL B 310 -41.19 -51.98 25.59
N LEU B 311 -42.07 -51.88 26.55
CA LEU B 311 -43.31 -51.13 26.36
C LEU B 311 -43.06 -49.69 26.78
N ALA B 312 -43.20 -48.78 25.84
CA ALA B 312 -43.06 -47.35 26.11
C ALA B 312 -44.28 -46.65 25.55
N THR B 313 -45.43 -47.17 25.95
CA THR B 313 -46.73 -46.76 25.45
C THR B 313 -47.43 -45.76 26.35
N GLY B 314 -46.69 -45.14 27.29
CA GLY B 314 -47.26 -44.13 28.15
C GLY B 314 -47.67 -44.69 29.50
N MET B 315 -47.38 -43.97 30.57
CA MET B 315 -47.72 -44.44 31.91
C MET B 315 -49.24 -44.60 32.06
N SER B 316 -50.00 -43.69 31.51
CA SER B 316 -51.45 -43.81 31.46
C SER B 316 -51.84 -44.86 30.44
N GLY B 317 -52.33 -46.00 30.93
CA GLY B 317 -52.90 -47.03 30.09
C GLY B 317 -54.41 -46.86 29.92
N LYS B 318 -55.07 -47.96 29.55
CA LYS B 318 -56.51 -48.09 29.30
C LYS B 318 -57.41 -47.10 30.05
N ALA B 319 -58.23 -46.34 29.31
CA ALA B 319 -59.13 -45.37 29.91
C ALA B 319 -60.12 -46.01 30.88
N ASN B 320 -60.28 -45.37 32.05
CA ASN B 320 -61.25 -45.82 33.05
C ASN B 320 -62.62 -45.27 32.66
N MET B 321 -63.54 -46.16 32.29
CA MET B 321 -64.88 -45.75 31.89
C MET B 321 -65.88 -46.09 32.97
N PRO B 322 -66.74 -45.13 33.36
CA PRO B 322 -67.73 -45.42 34.40
C PRO B 322 -68.88 -46.23 33.82
N LYS B 323 -69.56 -46.93 34.72
CA LYS B 323 -70.77 -47.69 34.38
C LYS B 323 -71.92 -47.08 35.18
N PHE B 324 -72.50 -45.99 34.66
CA PHE B 324 -73.57 -45.29 35.34
C PHE B 324 -74.92 -45.78 34.82
N LYS B 325 -75.90 -45.78 35.72
CA LYS B 325 -77.26 -46.13 35.33
C LYS B 325 -77.74 -45.13 34.30
N GLY B 326 -78.28 -45.65 33.21
CA GLY B 326 -78.88 -44.81 32.21
C GLY B 326 -77.96 -44.28 31.14
N MET B 327 -76.71 -44.73 31.08
CA MET B 327 -75.83 -44.30 29.99
C MET B 327 -76.43 -44.68 28.63
N ASP B 328 -77.24 -45.76 28.59
CA ASP B 328 -77.96 -46.16 27.38
C ASP B 328 -79.23 -45.36 27.15
N VAL B 329 -79.63 -44.49 28.08
CA VAL B 329 -80.83 -43.69 27.96
C VAL B 329 -80.49 -42.28 27.47
N PHE B 330 -79.28 -41.81 27.79
CA PHE B 330 -78.87 -40.46 27.45
C PHE B 330 -78.84 -40.27 25.95
N GLN B 331 -79.52 -39.24 25.49
CA GLN B 331 -79.67 -39.00 24.06
C GLN B 331 -78.69 -37.96 23.53
N GLY B 332 -77.73 -37.52 24.37
CA GLY B 332 -76.65 -36.68 23.93
C GLY B 332 -75.37 -37.48 23.76
N GLU B 333 -74.27 -36.75 23.60
CA GLU B 333 -72.97 -37.40 23.41
C GLU B 333 -72.30 -37.69 24.75
N GLN B 334 -71.66 -38.85 24.83
CA GLN B 334 -70.83 -39.21 25.98
C GLN B 334 -69.41 -39.54 25.52
N GLN B 335 -68.44 -38.87 26.11
CA GLN B 335 -67.05 -39.09 25.77
C GLN B 335 -66.22 -39.29 27.04
N HIS B 336 -65.27 -40.21 26.97
CA HIS B 336 -64.16 -40.16 27.91
C HIS B 336 -63.28 -38.96 27.56
N SER B 337 -62.57 -38.43 28.56
CA SER B 337 -61.72 -37.26 28.33
C SER B 337 -60.76 -37.49 27.18
N SER B 338 -60.28 -38.73 27.02
CA SER B 338 -59.40 -39.08 25.92
C SER B 338 -60.12 -39.14 24.56
N GLN B 339 -61.44 -39.00 24.53
CA GLN B 339 -62.20 -38.99 23.28
C GLN B 339 -62.83 -37.64 23.00
N HIS B 340 -62.37 -36.58 23.66
CA HIS B 340 -62.98 -35.28 23.50
C HIS B 340 -62.20 -34.45 22.50
N PRO B 341 -62.80 -34.08 21.37
CA PRO B 341 -62.04 -33.37 20.31
C PRO B 341 -61.76 -31.89 20.59
N GLY B 342 -62.38 -31.28 21.59
CA GLY B 342 -62.24 -29.86 21.83
C GLY B 342 -63.61 -29.20 21.86
N PRO B 343 -63.64 -27.88 22.09
CA PRO B 343 -64.94 -27.20 22.25
C PRO B 343 -65.74 -26.92 20.96
N ASP B 344 -65.15 -27.00 19.76
CA ASP B 344 -65.75 -26.36 18.57
C ASP B 344 -67.13 -26.93 18.21
N ALA B 345 -67.30 -28.23 18.28
CA ALA B 345 -68.60 -28.75 17.81
C ALA B 345 -69.77 -28.46 18.79
N TYR B 346 -69.58 -27.66 19.85
CA TYR B 346 -70.55 -27.60 20.95
C TYR B 346 -70.97 -26.18 21.25
N ALA B 347 -70.85 -25.28 20.27
CA ALA B 347 -71.40 -23.94 20.44
C ALA B 347 -72.90 -24.04 20.71
N GLY B 348 -73.38 -23.24 21.66
CA GLY B 348 -74.77 -23.23 22.06
C GLY B 348 -75.22 -24.47 22.80
N LYS B 349 -74.31 -25.38 23.10
CA LYS B 349 -74.64 -26.59 23.84
C LYS B 349 -74.08 -26.48 25.26
N LYS B 350 -74.54 -27.39 26.09
CA LYS B 350 -74.20 -27.42 27.50
C LYS B 350 -73.39 -28.68 27.76
N VAL B 351 -72.21 -28.52 28.38
CA VAL B 351 -71.28 -29.60 28.66
C VAL B 351 -71.22 -29.83 30.18
N VAL B 352 -71.19 -31.09 30.57
CA VAL B 352 -70.95 -31.48 31.95
C VAL B 352 -69.69 -32.33 31.95
N VAL B 353 -68.70 -31.92 32.72
CA VAL B 353 -67.45 -32.66 32.85
C VAL B 353 -67.44 -33.34 34.22
N VAL B 354 -67.44 -34.68 34.23
CA VAL B 354 -67.42 -35.48 35.45
C VAL B 354 -65.95 -35.77 35.79
N GLY B 355 -65.42 -35.02 36.74
CA GLY B 355 -64.05 -35.18 37.17
C GLY B 355 -63.49 -33.83 37.55
N ALA B 356 -62.37 -33.86 38.27
CA ALA B 356 -61.69 -32.62 38.63
C ALA B 356 -60.18 -32.79 38.56
N ASN B 357 -59.70 -33.78 37.81
CA ASN B 357 -58.27 -34.01 37.64
C ASN B 357 -57.75 -32.92 36.70
N ASN B 358 -56.56 -33.09 36.15
CA ASN B 358 -56.03 -32.02 35.28
C ASN B 358 -56.66 -32.06 33.88
N SER B 359 -57.00 -33.25 33.38
CA SER B 359 -57.76 -33.33 32.12
C SER B 359 -59.08 -32.56 32.24
N ALA B 360 -59.80 -32.77 33.34
CA ALA B 360 -61.06 -32.06 33.53
C ALA B 360 -60.84 -30.55 33.53
N HIS B 361 -59.78 -30.09 34.18
CA HIS B 361 -59.59 -28.64 34.24
C HIS B 361 -59.27 -28.07 32.86
N ASP B 362 -58.46 -28.80 32.08
CA ASP B 362 -58.10 -28.35 30.74
C ASP B 362 -59.33 -28.33 29.82
N ILE B 363 -60.12 -29.41 29.82
CA ILE B 363 -61.29 -29.46 28.96
C ILE B 363 -62.27 -28.34 29.32
N CYS B 364 -62.46 -28.10 30.63
CA CYS B 364 -63.40 -27.08 31.06
C CYS B 364 -62.91 -25.68 30.72
N ALA B 365 -61.61 -25.42 30.88
CA ALA B 365 -61.08 -24.10 30.55
C ALA B 365 -61.15 -23.83 29.05
N ALA B 366 -60.96 -24.85 28.21
CA ALA B 366 -61.11 -24.66 26.78
C ALA B 366 -62.58 -24.39 26.42
N LEU B 367 -63.52 -25.07 27.08
CA LEU B 367 -64.93 -24.83 26.81
C LEU B 367 -65.33 -23.39 27.16
N TRP B 368 -64.77 -22.85 28.25
CA TRP B 368 -65.10 -21.48 28.64
C TRP B 368 -64.47 -20.45 27.70
N GLU B 369 -63.25 -20.70 27.26
CA GLU B 369 -62.62 -19.79 26.31
C GLU B 369 -63.42 -19.73 25.02
N ALA B 370 -64.04 -20.83 24.61
CA ALA B 370 -64.92 -20.89 23.45
C ALA B 370 -66.36 -20.43 23.75
N GLY B 371 -66.63 -19.88 24.93
CA GLY B 371 -67.97 -19.44 25.29
C GLY B 371 -69.01 -20.54 25.33
N VAL B 372 -68.64 -21.71 25.85
CA VAL B 372 -69.54 -22.84 26.02
C VAL B 372 -69.94 -22.95 27.48
N ASP B 373 -71.21 -23.29 27.71
CA ASP B 373 -71.76 -23.55 29.03
C ASP B 373 -71.14 -24.83 29.58
N VAL B 374 -70.32 -24.72 30.62
CA VAL B 374 -69.60 -25.88 31.15
C VAL B 374 -69.75 -25.95 32.67
N THR B 375 -70.06 -27.16 33.16
CA THR B 375 -70.16 -27.41 34.59
C THR B 375 -69.18 -28.51 34.92
N MET B 376 -68.39 -28.31 35.96
CA MET B 376 -67.47 -29.32 36.46
C MET B 376 -68.13 -29.99 37.66
N VAL B 377 -68.15 -31.33 37.67
CA VAL B 377 -68.78 -32.12 38.72
C VAL B 377 -67.66 -32.86 39.46
N GLN B 378 -67.43 -32.47 40.71
CA GLN B 378 -66.32 -32.99 41.51
C GLN B 378 -66.85 -33.93 42.59
N ARG B 379 -66.35 -35.15 42.58
CA ARG B 379 -66.61 -36.15 43.62
C ARG B 379 -65.50 -36.24 44.65
N SER B 380 -64.24 -36.09 44.25
CA SER B 380 -63.09 -36.30 45.11
C SER B 380 -62.22 -35.06 45.07
N SER B 381 -61.39 -34.90 46.11
CA SER B 381 -60.53 -33.72 46.19
C SER B 381 -59.41 -33.78 45.14
N THR B 382 -58.87 -32.61 44.83
CA THR B 382 -57.75 -32.53 43.90
C THR B 382 -56.67 -31.65 44.52
N HIS B 383 -55.41 -31.94 44.18
CA HIS B 383 -54.30 -31.09 44.60
C HIS B 383 -54.06 -30.03 43.53
N ILE B 384 -54.14 -28.76 43.92
CA ILE B 384 -53.99 -27.63 43.02
C ILE B 384 -52.74 -26.88 43.44
N VAL B 385 -51.86 -26.64 42.48
CA VAL B 385 -50.63 -25.88 42.71
C VAL B 385 -50.49 -24.84 41.61
N LYS B 386 -50.21 -23.61 42.02
CA LYS B 386 -49.96 -22.58 41.03
C LYS B 386 -48.64 -22.80 40.32
N SER B 387 -48.68 -22.70 38.98
CA SER B 387 -47.50 -22.92 38.16
C SER B 387 -46.27 -22.15 38.66
N ASP B 388 -46.41 -20.85 38.91
CA ASP B 388 -45.26 -20.08 39.34
C ASP B 388 -44.66 -20.65 40.63
N SER B 389 -45.53 -21.02 41.58
CA SER B 389 -45.06 -21.53 42.87
C SER B 389 -44.43 -22.91 42.73
N LEU B 390 -44.94 -23.75 41.84
CA LEU B 390 -44.24 -25.00 41.55
C LEU B 390 -42.81 -24.75 41.07
N MET B 391 -42.63 -23.80 40.14
CA MET B 391 -41.31 -23.54 39.57
C MET B 391 -40.36 -22.98 40.61
N ASP B 392 -40.84 -22.03 41.42
CA ASP B 392 -39.99 -21.36 42.37
C ASP B 392 -39.70 -22.23 43.59
N LEU B 393 -40.74 -22.69 44.28
CA LEU B 393 -40.53 -23.32 45.59
C LEU B 393 -40.25 -24.82 45.52
N ALA B 394 -40.80 -25.54 44.54
CA ALA B 394 -40.58 -26.97 44.46
C ALA B 394 -39.49 -27.36 43.45
N LEU B 395 -39.32 -26.61 42.36
CA LEU B 395 -38.27 -26.95 41.40
C LEU B 395 -37.07 -26.03 41.43
N GLY B 396 -37.18 -24.85 42.04
CA GLY B 396 -36.15 -23.84 41.91
C GLY B 396 -34.78 -24.25 42.41
N ASP B 397 -34.71 -25.10 43.42
CA ASP B 397 -33.41 -25.45 43.99
C ASP B 397 -32.61 -26.34 43.05
N LEU B 398 -33.29 -27.15 42.26
CA LEU B 398 -32.60 -28.14 41.45
C LEU B 398 -32.64 -27.85 39.97
N TYR B 399 -33.73 -27.23 39.46
CA TYR B 399 -34.00 -27.05 38.02
C TYR B 399 -34.50 -25.62 37.79
N SER B 400 -33.57 -24.69 37.59
CA SER B 400 -33.89 -23.29 37.43
C SER B 400 -32.61 -22.60 36.94
N GLU B 401 -32.75 -21.36 36.50
CA GLU B 401 -31.54 -20.58 36.17
C GLU B 401 -30.66 -20.44 37.40
N ARG B 402 -31.28 -20.24 38.57
CA ARG B 402 -30.54 -20.09 39.82
C ARG B 402 -29.78 -21.37 40.18
N ALA B 403 -30.41 -22.52 39.97
CA ALA B 403 -29.72 -23.78 40.19
C ALA B 403 -28.49 -23.88 39.30
N LEU B 404 -28.63 -23.52 38.02
CA LEU B 404 -27.51 -23.59 37.07
C LEU B 404 -26.40 -22.64 37.46
N ALA B 405 -26.74 -21.41 37.84
CA ALA B 405 -25.69 -20.49 38.25
C ALA B 405 -24.92 -20.99 39.47
N ALA B 406 -25.54 -21.80 40.33
CA ALA B 406 -24.82 -22.37 41.48
C ALA B 406 -24.08 -23.67 41.16
N GLY B 407 -24.00 -24.07 39.89
CA GLY B 407 -23.31 -25.28 39.51
C GLY B 407 -24.16 -26.53 39.48
N MET B 408 -25.46 -26.43 39.79
CA MET B 408 -26.33 -27.60 39.77
C MET B 408 -26.70 -27.88 38.32
N THR B 409 -25.86 -28.67 37.64
CA THR B 409 -26.21 -29.00 36.27
C THR B 409 -27.40 -29.94 36.25
N THR B 410 -27.96 -30.12 35.07
CA THR B 410 -29.07 -31.04 34.91
C THR B 410 -28.72 -32.43 35.44
N ASN B 411 -27.51 -32.94 35.14
CA ASN B 411 -27.19 -34.28 35.61
C ASN B 411 -27.01 -34.30 37.13
N LYS B 412 -26.38 -33.26 37.69
CA LYS B 412 -26.27 -33.20 39.13
C LYS B 412 -27.67 -33.08 39.76
N ALA B 413 -28.57 -32.31 39.13
CA ALA B 413 -29.91 -32.17 39.65
C ALA B 413 -30.64 -33.50 39.67
N ASP B 414 -30.58 -34.23 38.58
CA ASP B 414 -31.23 -35.54 38.53
C ASP B 414 -30.68 -36.45 39.61
N LEU B 415 -29.35 -36.46 39.78
CA LEU B 415 -28.76 -37.36 40.74
C LEU B 415 -29.09 -36.93 42.15
N THR B 416 -29.16 -35.62 42.39
CA THR B 416 -29.51 -35.12 43.73
C THR B 416 -30.90 -35.59 44.14
N PHE B 417 -31.88 -35.41 43.24
CA PHE B 417 -33.23 -35.89 43.48
C PHE B 417 -33.26 -37.40 43.68
N ALA B 418 -32.57 -38.13 42.81
CA ALA B 418 -32.53 -39.59 42.93
C ALA B 418 -31.87 -40.06 44.22
N SER B 419 -31.04 -39.21 44.85
CA SER B 419 -30.34 -39.59 46.07
C SER B 419 -31.21 -39.49 47.33
N ILE B 420 -32.44 -38.99 47.21
CA ILE B 420 -33.37 -38.95 48.34
C ILE B 420 -34.23 -40.22 48.27
N PRO B 421 -34.05 -41.16 49.18
CA PRO B 421 -34.87 -42.36 49.16
C PRO B 421 -36.35 -42.00 49.18
N TYR B 422 -37.16 -42.76 48.43
CA TYR B 422 -38.60 -42.49 48.39
C TYR B 422 -39.25 -42.56 49.76
N LYS B 423 -38.71 -43.39 50.68
CA LYS B 423 -39.27 -43.46 52.02
C LYS B 423 -39.25 -42.10 52.72
N ILE B 424 -38.23 -41.28 52.48
CA ILE B 424 -38.09 -40.02 53.21
C ILE B 424 -38.33 -38.81 52.32
N LEU B 425 -38.56 -38.99 51.01
CA LEU B 425 -38.80 -37.84 50.14
C LEU B 425 -39.99 -37.04 50.65
N ALA B 426 -41.05 -37.71 51.11
CA ALA B 426 -42.20 -36.97 51.64
C ALA B 426 -41.80 -36.01 52.75
N ASN B 427 -40.77 -36.34 53.52
CA ASN B 427 -40.39 -35.44 54.60
C ASN B 427 -39.66 -34.22 54.08
N PHE B 428 -38.87 -34.36 53.01
CA PHE B 428 -38.27 -33.19 52.37
C PHE B 428 -39.35 -32.30 51.76
N GLN B 429 -40.42 -32.91 51.22
CA GLN B 429 -41.43 -32.20 50.44
C GLN B 429 -42.46 -31.50 51.31
N LYS B 430 -42.78 -32.04 52.49
CA LYS B 430 -43.80 -31.39 53.33
C LYS B 430 -43.50 -29.93 53.58
N PRO B 431 -42.30 -29.53 54.01
CA PRO B 431 -42.03 -28.11 54.22
C PRO B 431 -42.18 -27.30 52.95
N VAL B 432 -41.85 -27.89 51.81
CA VAL B 432 -41.98 -27.20 50.53
C VAL B 432 -43.42 -26.78 50.29
N PHE B 433 -44.34 -27.71 50.43
CA PHE B 433 -45.73 -27.38 50.13
C PHE B 433 -46.42 -26.70 51.29
N LYS B 434 -45.87 -26.75 52.50
CA LYS B 434 -46.37 -25.85 53.53
C LYS B 434 -46.12 -24.40 53.14
N ALA B 435 -44.95 -24.12 52.59
CA ALA B 435 -44.62 -22.77 52.12
C ALA B 435 -45.48 -22.37 50.92
N ILE B 436 -45.78 -23.32 50.03
CA ILE B 436 -46.67 -23.03 48.92
C ILE B 436 -48.07 -22.68 49.42
N ARG B 437 -48.55 -23.36 50.48
CA ARG B 437 -49.87 -23.05 51.03
C ARG B 437 -49.90 -21.70 51.71
N GLU B 438 -48.84 -21.35 52.45
CA GLU B 438 -48.80 -20.02 53.04
C GLU B 438 -48.70 -18.95 51.97
N ARG B 439 -47.89 -19.17 50.95
CA ARG B 439 -47.72 -18.17 49.90
C ARG B 439 -49.03 -17.90 49.18
N ASP B 440 -49.72 -18.96 48.78
CA ASP B 440 -50.95 -18.85 48.00
C ASP B 440 -52.21 -19.02 48.83
N ALA B 441 -52.18 -18.66 50.13
CA ALA B 441 -53.31 -18.96 51.02
C ALA B 441 -54.60 -18.31 50.54
N ASP B 442 -54.55 -17.07 50.06
CA ASP B 442 -55.79 -16.47 49.57
C ASP B 442 -56.36 -17.23 48.39
N PHE B 443 -55.49 -17.68 47.47
CA PHE B 443 -55.93 -18.48 46.33
C PHE B 443 -56.68 -19.72 46.79
N TYR B 444 -56.12 -20.45 47.74
CA TYR B 444 -56.79 -21.67 48.21
C TYR B 444 -58.10 -21.33 48.93
N ALA B 445 -58.12 -20.25 49.72
CA ALA B 445 -59.34 -19.86 50.41
C ALA B 445 -60.48 -19.59 49.44
N ARG B 446 -60.20 -18.88 48.33
CA ARG B 446 -61.25 -18.56 47.36
C ARG B 446 -61.76 -19.81 46.64
N LEU B 447 -60.88 -20.80 46.40
CA LEU B 447 -61.33 -22.05 45.82
C LEU B 447 -62.25 -22.78 46.78
N GLU B 448 -61.94 -22.71 48.06
CA GLU B 448 -62.77 -23.36 49.08
C GLU B 448 -64.11 -22.65 49.24
N GLU B 449 -64.11 -21.30 49.24
CA GLU B 449 -65.35 -20.54 49.34
C GLU B 449 -66.32 -20.93 48.22
N ARG B 450 -65.78 -21.30 47.06
CA ARG B 450 -66.56 -21.75 45.92
C ARG B 450 -67.02 -23.19 46.04
N GLY B 451 -66.48 -23.95 46.99
CA GLY B 451 -66.85 -25.34 47.13
C GLY B 451 -65.92 -26.34 46.50
N PHE B 452 -64.76 -25.91 45.99
CA PHE B 452 -63.82 -26.87 45.43
C PHE B 452 -63.13 -27.66 46.55
N MET B 453 -63.01 -28.97 46.34
CA MET B 453 -62.44 -29.88 47.33
C MET B 453 -60.93 -29.95 47.13
N LEU B 454 -60.18 -29.33 48.04
CA LEU B 454 -58.72 -29.28 48.02
C LEU B 454 -58.13 -30.43 48.83
N ASP B 455 -56.96 -30.90 48.40
CA ASP B 455 -56.10 -31.74 49.23
C ASP B 455 -54.67 -31.39 48.90
N PHE B 456 -53.75 -31.98 49.64
CA PHE B 456 -52.32 -31.76 49.46
C PHE B 456 -51.58 -33.08 49.52
N GLY B 457 -52.19 -34.12 48.98
CA GLY B 457 -51.70 -35.46 49.23
C GLY B 457 -52.23 -35.97 50.56
N ASP B 458 -52.22 -37.30 50.69
CA ASP B 458 -52.86 -37.90 51.86
C ASP B 458 -52.15 -37.47 53.15
N ASP B 459 -50.85 -37.21 53.08
CA ASP B 459 -50.07 -36.81 54.24
C ASP B 459 -49.56 -35.38 54.13
N ASP B 460 -50.13 -34.58 53.23
CA ASP B 460 -49.73 -33.19 53.01
C ASP B 460 -48.31 -33.04 52.48
N SER B 461 -47.81 -34.04 51.77
CA SER B 461 -46.47 -33.98 51.19
C SER B 461 -46.47 -33.46 49.73
N GLY B 462 -47.63 -33.18 49.14
CA GLY B 462 -47.66 -32.31 47.98
C GLY B 462 -47.75 -33.02 46.65
N LEU B 463 -47.51 -32.22 45.59
CA LEU B 463 -47.79 -32.65 44.22
C LEU B 463 -46.85 -33.77 43.78
N PHE B 464 -45.54 -33.58 44.00
CA PHE B 464 -44.55 -34.56 43.54
C PHE B 464 -44.83 -35.94 44.13
N MET B 465 -45.11 -36.01 45.43
CA MET B 465 -45.40 -37.30 46.06
C MET B 465 -46.67 -37.93 45.49
N LYS B 466 -47.73 -37.14 45.27
CA LYS B 466 -48.91 -37.71 44.59
C LYS B 466 -48.53 -38.26 43.24
N TYR B 467 -47.80 -37.48 42.46
CA TYR B 467 -47.37 -37.98 41.15
C TYR B 467 -46.63 -39.30 41.30
N LEU B 468 -45.71 -39.39 42.28
CA LEU B 468 -44.92 -40.60 42.46
C LEU B 468 -45.73 -41.77 43.00
N ARG B 469 -46.76 -41.51 43.81
CA ARG B 469 -47.51 -42.62 44.39
C ARG B 469 -48.54 -43.18 43.41
N ARG B 470 -49.35 -42.31 42.79
CA ARG B 470 -50.47 -42.70 41.93
C ARG B 470 -50.45 -42.14 40.52
N GLY B 471 -49.54 -41.22 40.20
CA GLY B 471 -49.41 -40.70 38.86
C GLY B 471 -50.55 -39.86 38.37
N SER B 472 -51.34 -39.28 39.28
CA SER B 472 -52.59 -38.57 38.99
C SER B 472 -52.98 -37.80 40.25
N GLY B 473 -54.15 -37.17 40.22
CA GLY B 473 -54.67 -36.48 41.38
C GLY B 473 -54.23 -35.04 41.59
N TYR B 474 -53.73 -34.37 40.56
CA TYR B 474 -53.23 -33.02 40.74
C TYR B 474 -53.55 -32.20 39.50
N TYR B 475 -53.50 -30.89 39.67
CA TYR B 475 -53.60 -29.95 38.56
C TYR B 475 -52.65 -28.80 38.84
N ILE B 476 -51.70 -28.59 37.92
CA ILE B 476 -50.82 -27.43 37.98
C ILE B 476 -51.56 -26.30 37.28
N ASP B 477 -51.90 -25.26 38.05
CA ASP B 477 -52.84 -24.25 37.56
C ASP B 477 -52.16 -23.31 36.56
N VAL B 478 -52.66 -23.32 35.33
CA VAL B 478 -52.20 -22.39 34.31
C VAL B 478 -53.33 -21.46 33.90
N GLY B 479 -54.45 -21.47 34.62
CA GLY B 479 -55.54 -20.55 34.36
C GLY B 479 -56.94 -21.07 34.68
N ALA B 480 -57.11 -22.38 34.77
CA ALA B 480 -58.44 -22.93 34.95
C ALA B 480 -58.95 -22.76 36.38
N SER B 481 -58.06 -22.79 37.38
CA SER B 481 -58.49 -22.71 38.77
C SER B 481 -59.17 -21.38 39.07
N GLU B 482 -58.64 -20.30 38.51
CA GLU B 482 -59.25 -18.99 38.72
C GLU B 482 -60.63 -18.91 38.10
N LEU B 483 -60.85 -19.58 36.97
CA LEU B 483 -62.18 -19.60 36.40
C LEU B 483 -63.17 -20.32 37.30
N VAL B 484 -62.66 -21.26 38.12
CA VAL B 484 -63.52 -21.99 39.06
C VAL B 484 -63.81 -21.13 40.27
N ALA B 485 -62.79 -20.47 40.82
CA ALA B 485 -62.97 -19.64 42.01
C ALA B 485 -63.94 -18.50 41.75
N GLU B 486 -63.93 -17.92 40.54
CA GLU B 486 -64.80 -16.81 40.21
C GLU B 486 -66.16 -17.29 39.71
N GLY B 487 -66.34 -18.59 39.56
CA GLY B 487 -67.58 -19.14 39.07
C GLY B 487 -67.74 -19.20 37.57
N LYS B 488 -66.75 -18.73 36.78
CA LYS B 488 -66.85 -18.79 35.32
C LYS B 488 -67.04 -20.23 34.84
N ILE B 489 -66.23 -21.14 35.39
CA ILE B 489 -66.51 -22.57 35.30
C ILE B 489 -67.45 -22.91 36.45
N LYS B 490 -68.65 -23.38 36.13
CA LYS B 490 -69.62 -23.74 37.16
C LYS B 490 -69.21 -25.02 37.88
N LEU B 491 -69.34 -25.02 39.19
CA LEU B 491 -68.90 -26.14 40.02
C LEU B 491 -70.07 -26.73 40.79
N LYS B 492 -70.23 -28.05 40.70
CA LYS B 492 -71.06 -28.81 41.63
C LYS B 492 -70.19 -29.91 42.23
N SER B 493 -69.84 -29.78 43.52
CA SER B 493 -68.94 -30.75 44.17
C SER B 493 -69.60 -31.39 45.38
N GLY B 494 -68.92 -32.43 45.89
CA GLY B 494 -69.43 -33.23 46.98
C GLY B 494 -70.47 -34.25 46.58
N VAL B 495 -70.60 -34.53 45.29
CA VAL B 495 -71.69 -35.33 44.77
C VAL B 495 -71.11 -36.37 43.84
N GLY B 496 -71.79 -37.52 43.75
CA GLY B 496 -71.50 -38.49 42.73
C GLY B 496 -72.53 -38.38 41.62
N VAL B 497 -72.39 -39.25 40.64
CA VAL B 497 -73.37 -39.36 39.56
C VAL B 497 -74.35 -40.47 39.91
N GLN B 498 -75.64 -40.13 39.93
CA GLN B 498 -76.68 -41.11 40.21
C GLN B 498 -77.09 -41.86 38.94
N GLU B 499 -77.49 -41.13 37.91
CA GLU B 499 -77.86 -41.75 36.64
C GLU B 499 -77.93 -40.68 35.57
N LEU B 500 -77.96 -41.12 34.32
CA LEU B 500 -78.29 -40.25 33.20
C LEU B 500 -79.73 -40.45 32.75
N LYS B 501 -80.47 -39.34 32.64
CA LYS B 501 -81.78 -39.31 32.01
C LYS B 501 -81.60 -38.98 30.53
N SER B 502 -82.67 -38.59 29.83
CA SER B 502 -82.57 -38.45 28.38
C SER B 502 -81.72 -37.25 27.96
N HIS B 503 -81.87 -36.12 28.67
CA HIS B 503 -81.18 -34.89 28.31
C HIS B 503 -80.53 -34.25 29.53
N SER B 504 -80.30 -35.04 30.56
CA SER B 504 -79.83 -34.52 31.84
C SER B 504 -78.95 -35.57 32.49
N ILE B 505 -78.17 -35.13 33.47
CA ILE B 505 -77.39 -36.04 34.30
C ILE B 505 -77.78 -35.75 35.74
N VAL B 506 -78.10 -36.81 36.48
CA VAL B 506 -78.66 -36.67 37.81
C VAL B 506 -77.56 -36.91 38.82
N LEU B 507 -77.36 -35.95 39.71
CA LEU B 507 -76.33 -36.06 40.73
C LEU B 507 -76.92 -36.64 42.01
N SER B 508 -76.02 -37.11 42.87
CA SER B 508 -76.40 -37.83 44.09
C SER B 508 -77.06 -36.96 45.15
N ASP B 509 -77.06 -35.63 45.00
CA ASP B 509 -77.83 -34.74 45.86
C ASP B 509 -79.19 -34.35 45.24
N GLY B 510 -79.58 -34.96 44.14
CA GLY B 510 -80.81 -34.63 43.48
C GLY B 510 -80.70 -33.55 42.42
N THR B 511 -79.60 -32.80 42.39
CA THR B 511 -79.41 -31.80 41.34
C THR B 511 -79.43 -32.50 40.00
N GLU B 512 -80.14 -31.94 39.04
CA GLU B 512 -80.18 -32.46 37.68
C GLU B 512 -79.48 -31.46 36.77
N LEU B 513 -78.39 -31.90 36.13
CA LEU B 513 -77.75 -30.95 35.21
C LEU B 513 -78.14 -31.27 33.79
N PRO B 514 -78.63 -30.29 33.04
CA PRO B 514 -78.89 -30.52 31.61
C PRO B 514 -77.58 -30.61 30.87
N ALA B 515 -77.53 -31.52 29.90
CA ALA B 515 -76.28 -31.75 29.17
C ALA B 515 -76.57 -32.23 27.76
N ASP B 516 -75.97 -31.55 26.78
CA ASP B 516 -75.88 -32.09 25.44
C ASP B 516 -74.69 -33.03 25.34
N LEU B 517 -73.62 -32.74 26.09
CA LEU B 517 -72.39 -33.51 26.11
C LEU B 517 -71.96 -33.77 27.55
N VAL B 518 -71.67 -35.03 27.87
CA VAL B 518 -71.07 -35.41 29.14
C VAL B 518 -69.67 -35.95 28.84
N VAL B 519 -68.65 -35.31 29.41
CA VAL B 519 -67.26 -35.78 29.34
C VAL B 519 -66.90 -36.47 30.64
N TYR B 520 -66.42 -37.72 30.55
CA TYR B 520 -65.97 -38.48 31.73
C TYR B 520 -64.45 -38.29 31.89
N ALA B 521 -64.06 -37.37 32.77
CA ALA B 521 -62.65 -37.10 33.05
C ALA B 521 -62.16 -37.94 34.22
N THR B 522 -62.20 -39.26 34.02
CA THR B 522 -62.06 -40.24 35.10
C THR B 522 -60.74 -40.99 35.07
N GLY B 523 -59.72 -40.44 34.40
CA GLY B 523 -58.40 -41.01 34.48
C GLY B 523 -58.26 -42.33 33.74
N TYR B 524 -57.15 -42.98 34.04
CA TYR B 524 -56.69 -44.15 33.29
C TYR B 524 -56.13 -45.19 34.27
N GLY B 525 -56.18 -46.46 33.87
CA GLY B 525 -55.52 -47.50 34.63
C GLY B 525 -54.00 -47.48 34.45
N SER B 526 -53.36 -48.49 35.00
CA SER B 526 -51.90 -48.53 34.99
C SER B 526 -51.40 -49.16 33.70
N MET B 527 -50.12 -48.92 33.41
CA MET B 527 -49.48 -49.46 32.20
C MET B 527 -49.69 -50.95 32.05
N ASN B 528 -50.07 -51.62 33.12
CA ASN B 528 -50.34 -53.04 33.08
C ASN B 528 -51.32 -53.37 31.96
N GLY B 529 -52.24 -52.44 31.67
CA GLY B 529 -53.21 -52.66 30.61
C GLY B 529 -52.61 -52.83 29.23
N TRP B 530 -51.50 -52.12 28.95
CA TRP B 530 -50.82 -52.31 27.68
C TRP B 530 -50.33 -53.74 27.55
N ALA B 531 -49.76 -54.29 28.63
CA ALA B 531 -49.26 -55.66 28.58
C ALA B 531 -50.38 -56.66 28.33
N ALA B 532 -51.52 -56.46 29.01
CA ALA B 532 -52.67 -57.35 28.85
C ALA B 532 -53.17 -57.38 27.43
N ASP B 533 -53.23 -56.21 26.78
CA ASP B 533 -53.81 -56.02 25.46
C ASP B 533 -52.86 -56.41 24.33
N LEU B 534 -51.56 -56.40 24.56
CA LEU B 534 -50.58 -56.69 23.52
C LEU B 534 -49.92 -58.04 23.69
N ILE B 535 -49.82 -58.54 24.91
CA ILE B 535 -49.15 -59.81 25.15
C ILE B 535 -50.20 -60.86 25.50
N SER B 536 -50.67 -60.84 26.73
CA SER B 536 -51.77 -61.67 27.20
C SER B 536 -52.13 -61.23 28.61
N PRO B 537 -53.35 -61.51 29.04
CA PRO B 537 -53.69 -61.29 30.45
C PRO B 537 -52.83 -62.12 31.40
N GLU B 538 -52.36 -63.29 30.98
CA GLU B 538 -51.53 -64.10 31.87
C GLU B 538 -50.21 -63.40 32.14
N VAL B 539 -49.59 -62.84 31.11
CA VAL B 539 -48.38 -62.06 31.31
C VAL B 539 -48.68 -60.79 32.09
N ALA B 540 -49.80 -60.12 31.78
CA ALA B 540 -50.19 -58.93 32.54
C ALA B 540 -50.35 -59.23 34.02
N ASN B 541 -50.96 -60.37 34.37
CA ASN B 541 -51.06 -60.73 35.77
C ASN B 541 -49.70 -61.04 36.36
N LYS B 542 -48.84 -61.75 35.59
CA LYS B 542 -47.52 -62.11 36.07
C LYS B 542 -46.71 -60.86 36.40
N VAL B 543 -46.88 -59.81 35.60
CA VAL B 543 -46.13 -58.57 35.77
C VAL B 543 -46.72 -57.73 36.92
N GLY B 544 -48.06 -57.60 36.96
CA GLY B 544 -48.71 -56.85 38.02
C GLY B 544 -48.84 -55.35 37.75
N LYS B 545 -49.31 -54.66 38.79
CA LYS B 545 -49.47 -53.21 38.72
C LYS B 545 -48.16 -52.53 38.28
N VAL B 546 -48.29 -51.52 37.42
CA VAL B 546 -47.16 -50.69 37.02
C VAL B 546 -47.29 -49.32 37.69
N TRP B 547 -46.15 -48.76 38.11
CA TRP B 547 -46.07 -47.46 38.79
C TRP B 547 -46.53 -47.55 40.24
N GLY B 548 -46.19 -46.54 41.04
CA GLY B 548 -46.51 -46.55 42.45
C GLY B 548 -45.35 -47.07 43.31
N LEU B 549 -45.39 -46.70 44.60
CA LEU B 549 -44.36 -47.00 45.57
C LEU B 549 -44.79 -48.04 46.61
N GLY B 550 -46.08 -48.36 46.71
CA GLY B 550 -46.55 -49.15 47.82
C GLY B 550 -46.73 -48.35 49.09
N SER B 551 -47.08 -47.07 48.97
CA SER B 551 -47.16 -46.14 50.08
C SER B 551 -48.42 -46.32 50.93
N ALA B 552 -49.30 -47.25 50.55
CA ALA B 552 -50.57 -47.45 51.24
C ALA B 552 -51.32 -46.11 51.34
N THR B 553 -51.43 -45.43 50.21
CA THR B 553 -52.21 -44.21 50.13
C THR B 553 -53.22 -44.36 49.00
N THR B 554 -53.95 -43.30 48.69
CA THR B 554 -54.99 -43.41 47.69
C THR B 554 -54.41 -43.87 46.36
N LYS B 555 -55.01 -44.91 45.80
CA LYS B 555 -54.64 -45.48 44.51
C LYS B 555 -53.24 -46.05 44.50
N ASP B 556 -52.59 -46.16 45.67
CA ASP B 556 -51.28 -46.81 45.80
C ASP B 556 -51.31 -47.75 47.01
N PRO B 557 -51.86 -48.95 46.85
CA PRO B 557 -52.00 -49.85 47.99
C PRO B 557 -50.64 -50.35 48.46
N GLY B 558 -50.58 -50.66 49.77
CA GLY B 558 -49.44 -51.32 50.35
C GLY B 558 -49.29 -52.74 49.82
N PRO B 559 -48.23 -53.43 50.26
CA PRO B 559 -47.17 -53.03 51.19
C PRO B 559 -46.06 -52.21 50.46
N TRP B 560 -45.14 -51.66 51.23
CA TRP B 560 -44.11 -50.75 50.72
C TRP B 560 -43.17 -51.45 49.76
N GLU B 561 -42.94 -50.82 48.61
CA GLU B 561 -41.98 -51.38 47.66
C GLU B 561 -40.73 -50.53 47.52
N GLY B 562 -40.83 -49.19 47.60
CA GLY B 562 -39.68 -48.33 47.62
C GLY B 562 -39.14 -47.91 46.26
N GLU B 563 -39.64 -48.49 45.17
CA GLU B 563 -39.27 -48.09 43.82
C GLU B 563 -40.49 -48.15 42.90
N GLN B 564 -40.51 -47.32 41.87
CA GLN B 564 -41.60 -47.35 40.90
C GLN B 564 -41.86 -48.75 40.38
N ARG B 565 -43.10 -49.22 40.55
CA ARG B 565 -43.44 -50.59 40.19
C ARG B 565 -43.15 -50.85 38.71
N ASN B 566 -42.28 -51.83 38.45
CA ASN B 566 -41.97 -52.35 37.11
C ASN B 566 -41.29 -51.34 36.19
N MET B 567 -40.84 -50.19 36.70
CA MET B 567 -40.31 -49.14 35.84
C MET B 567 -38.79 -49.27 35.74
N TRP B 568 -38.29 -49.38 34.49
CA TRP B 568 -36.87 -49.23 34.19
C TRP B 568 -36.00 -50.31 34.80
N LYS B 569 -36.52 -51.54 34.91
CA LYS B 569 -35.84 -52.55 35.71
C LYS B 569 -36.42 -53.94 35.42
N PRO B 570 -35.80 -55.01 35.89
CA PRO B 570 -36.34 -56.35 35.58
C PRO B 570 -37.74 -56.54 36.13
N THR B 571 -38.61 -57.17 35.33
CA THR B 571 -39.98 -57.53 35.72
C THR B 571 -40.07 -59.05 35.87
N GLN B 572 -41.19 -59.51 36.46
CA GLN B 572 -41.41 -60.95 36.66
C GLN B 572 -41.68 -61.71 35.36
N GLN B 573 -41.90 -61.00 34.25
CA GLN B 573 -41.92 -61.56 32.91
C GLN B 573 -40.54 -61.37 32.30
N GLN B 574 -39.93 -62.47 31.87
CA GLN B 574 -38.57 -62.42 31.35
C GLN B 574 -38.51 -61.63 30.05
N ALA B 575 -37.48 -60.79 29.92
CA ALA B 575 -37.22 -60.02 28.70
C ALA B 575 -38.33 -59.04 28.36
N LEU B 576 -39.11 -58.60 29.33
CA LEU B 576 -40.10 -57.55 29.17
C LEU B 576 -39.74 -56.38 30.09
N TRP B 577 -39.81 -55.17 29.58
CA TRP B 577 -39.43 -54.00 30.37
C TRP B 577 -40.45 -52.89 30.15
N PHE B 578 -40.54 -51.98 31.11
CA PHE B 578 -41.41 -50.82 31.02
C PHE B 578 -40.58 -49.56 31.10
N HIS B 579 -40.75 -48.66 30.12
CA HIS B 579 -40.09 -47.35 30.10
C HIS B 579 -41.13 -46.26 29.96
N GLY B 580 -40.89 -45.13 30.62
CA GLY B 580 -41.87 -44.05 30.64
C GLY B 580 -41.52 -43.08 31.75
N GLY B 581 -42.52 -42.29 32.14
CA GLY B 581 -42.38 -41.24 33.11
C GLY B 581 -42.55 -39.86 32.50
N ASN B 582 -42.31 -38.84 33.32
CA ASN B 582 -42.29 -37.49 32.78
C ASN B 582 -40.95 -37.28 32.09
N LEU B 583 -40.73 -36.09 31.51
CA LEU B 583 -39.51 -35.86 30.73
C LEU B 583 -38.24 -36.05 31.56
N HIS B 584 -38.28 -35.62 32.81
CA HIS B 584 -37.16 -35.79 33.73
C HIS B 584 -36.84 -37.26 33.97
N GLN B 585 -37.82 -38.02 34.45
CA GLN B 585 -37.56 -39.44 34.74
C GLN B 585 -37.17 -40.20 33.49
N SER B 586 -37.72 -39.81 32.33
CA SER B 586 -37.39 -40.49 31.10
C SER B 586 -35.93 -40.24 30.73
N ARG B 587 -35.50 -38.99 30.83
CA ARG B 587 -34.09 -38.66 30.59
C ARG B 587 -33.18 -39.50 31.46
N HIS B 588 -33.42 -39.46 32.77
CA HIS B 588 -32.48 -40.02 33.72
C HIS B 588 -32.54 -41.55 33.70
N TYR B 589 -33.74 -42.15 33.84
CA TYR B 589 -33.83 -43.60 33.98
C TYR B 589 -33.69 -44.35 32.65
N SER B 590 -33.80 -43.70 31.51
CA SER B 590 -33.42 -44.39 30.27
C SER B 590 -31.94 -44.75 30.29
N GLN B 591 -31.14 -44.03 31.06
CA GLN B 591 -29.73 -44.37 31.19
C GLN B 591 -29.58 -45.75 31.85
N TYR B 592 -30.24 -45.96 33.01
CA TYR B 592 -30.07 -47.24 33.69
C TYR B 592 -30.77 -48.37 32.96
N LEU B 593 -31.88 -48.08 32.28
CA LEU B 593 -32.53 -49.12 31.49
C LEU B 593 -31.67 -49.54 30.31
N SER B 594 -31.08 -48.57 29.58
CA SER B 594 -30.28 -48.94 28.41
C SER B 594 -29.04 -49.74 28.80
N LEU B 595 -28.40 -49.38 29.91
CA LEU B 595 -27.25 -50.14 30.37
C LEU B 595 -27.62 -51.58 30.71
N GLN B 596 -28.81 -51.80 31.29
CA GLN B 596 -29.27 -53.16 31.56
C GLN B 596 -29.52 -53.93 30.27
N LEU B 597 -30.10 -53.28 29.25
CA LEU B 597 -30.28 -53.95 27.97
C LEU B 597 -28.93 -54.22 27.31
N LYS B 598 -28.02 -53.27 27.41
CA LYS B 598 -26.71 -53.43 26.79
C LYS B 598 -25.92 -54.55 27.47
N ALA B 599 -25.95 -54.62 28.80
CA ALA B 599 -25.23 -55.67 29.50
C ALA B 599 -25.72 -57.05 29.07
N ARG B 600 -27.02 -57.21 28.88
CA ARG B 600 -27.52 -58.52 28.47
C ARG B 600 -27.15 -58.83 27.03
N MET B 601 -27.14 -57.84 26.14
CA MET B 601 -26.67 -58.08 24.78
C MET B 601 -25.21 -58.55 24.79
N GLU B 602 -24.36 -57.97 25.63
CA GLU B 602 -22.95 -58.40 25.64
C GLU B 602 -22.71 -59.67 26.43
N GLY B 603 -23.75 -60.33 26.94
CA GLY B 603 -23.54 -61.56 27.67
C GLY B 603 -22.87 -61.37 29.02
N LEU B 604 -22.99 -60.19 29.63
CA LEU B 604 -22.45 -59.99 30.96
C LEU B 604 -23.28 -60.75 32.01
N ASN B 605 -22.63 -61.06 33.11
CA ASN B 605 -23.31 -61.61 34.26
C ASN B 605 -24.08 -60.51 34.96
N THR B 606 -25.40 -60.64 35.04
CA THR B 606 -26.26 -59.64 35.66
C THR B 606 -27.11 -60.31 36.73
N PRO B 607 -26.53 -60.58 37.92
CA PRO B 607 -27.30 -61.22 38.99
C PRO B 607 -28.20 -60.26 39.74
N VAL B 608 -29.50 -60.32 39.43
CA VAL B 608 -30.48 -59.42 40.03
C VAL B 608 -30.70 -59.73 41.50
N TYR B 609 -30.58 -58.70 42.36
CA TYR B 609 -30.88 -58.81 43.78
C TYR B 609 -32.19 -58.11 44.13
N GLY B 610 -33.01 -58.79 44.93
CA GLY B 610 -34.20 -58.17 45.47
C GLY B 610 -35.28 -57.92 44.45
N GLN B 611 -35.33 -58.73 43.40
CA GLN B 611 -36.34 -58.63 42.37
C GLN B 611 -37.73 -58.54 43.02
N GLN B 612 -38.46 -57.48 42.69
CA GLN B 612 -39.68 -57.14 43.42
C GLN B 612 -40.81 -58.14 43.19
N GLU B 613 -41.41 -58.62 44.29
CA GLU B 613 -42.54 -59.55 44.20
C GLU B 613 -43.82 -58.81 43.88
N VAL B 614 -44.69 -59.47 43.12
CA VAL B 614 -45.93 -58.85 42.70
C VAL B 614 -46.94 -58.91 43.85
N HIS B 615 -47.50 -57.76 44.22
CA HIS B 615 -48.54 -57.68 45.24
C HIS B 615 -49.90 -57.26 44.72
N HIS B 616 -50.02 -56.88 43.46
CA HIS B 616 -51.31 -56.45 42.93
C HIS B 616 -51.32 -56.85 41.47
N LEU B 617 -52.40 -57.50 41.02
CA LEU B 617 -52.42 -57.90 39.62
C LEU B 617 -52.65 -56.72 38.71
N SER B 618 -53.09 -55.60 39.27
CA SER B 618 -53.33 -54.36 38.54
C SER B 618 -53.52 -53.26 39.59
N ASN C 22 6.59 37.33 -48.49
CA ASN C 22 7.52 38.37 -48.91
C ASN C 22 7.79 38.39 -50.40
N PRO C 23 7.80 39.61 -50.97
CA PRO C 23 7.84 39.71 -52.44
C PRO C 23 9.13 39.20 -53.01
N HIS C 24 10.18 39.24 -52.20
CA HIS C 24 11.48 38.75 -52.59
C HIS C 24 11.59 37.24 -52.43
N ASP C 25 10.80 36.65 -51.54
CA ASP C 25 10.84 35.20 -51.36
C ASP C 25 10.56 34.47 -52.67
N LEU C 26 9.57 34.94 -53.43
CA LEU C 26 9.23 34.24 -54.67
C LEU C 26 10.39 34.31 -55.66
N ALA C 27 10.96 35.51 -55.82
CA ALA C 27 12.09 35.70 -56.72
C ALA C 27 13.24 34.73 -56.40
N VAL C 28 13.68 34.71 -55.15
CA VAL C 28 14.83 33.88 -54.78
C VAL C 28 14.48 32.40 -54.87
N ALA C 29 13.28 32.02 -54.44
CA ALA C 29 12.91 30.61 -54.44
C ALA C 29 12.86 30.03 -55.85
N GLY C 30 12.43 30.83 -56.83
CA GLY C 30 12.45 30.33 -58.21
C GLY C 30 13.86 30.11 -58.75
N ILE C 31 14.76 31.06 -58.50
CA ILE C 31 16.16 30.86 -58.85
C ILE C 31 16.72 29.60 -58.16
N LEU C 32 16.41 29.41 -56.88
CA LEU C 32 16.91 28.23 -56.18
C LEU C 32 16.33 26.94 -56.79
N GLU C 33 15.09 27.00 -57.27
CA GLU C 33 14.48 25.79 -57.84
C GLU C 33 15.14 25.42 -59.16
N GLN C 34 15.46 26.40 -60.00
CA GLN C 34 16.23 26.14 -61.22
C GLN C 34 17.60 25.54 -60.90
N LEU C 35 18.29 26.15 -59.92
CA LEU C 35 19.56 25.59 -59.47
C LEU C 35 19.38 24.17 -59.01
N GLU C 36 18.33 23.93 -58.22
CA GLU C 36 18.07 22.60 -57.72
C GLU C 36 17.79 21.65 -58.87
N GLY C 37 16.98 22.11 -59.84
CA GLY C 37 16.73 21.29 -61.00
C GLY C 37 18.00 20.93 -61.75
N CYS C 38 18.84 21.94 -62.02
CA CYS C 38 20.08 21.63 -62.75
C CYS C 38 20.96 20.66 -61.97
N LEU C 39 21.05 20.84 -60.64
CA LEU C 39 21.96 20.00 -59.87
C LEU C 39 21.49 18.54 -59.85
N ARG C 40 20.18 18.31 -59.73
CA ARG C 40 19.66 16.94 -59.77
C ARG C 40 19.93 16.28 -61.11
N ALA C 41 19.85 17.06 -62.19
CA ALA C 41 20.03 16.52 -63.53
C ALA C 41 21.50 16.26 -63.87
N SER C 42 22.42 16.52 -62.94
CA SER C 42 23.86 16.47 -63.24
C SER C 42 24.17 17.34 -64.45
N ASP C 43 23.51 18.49 -64.50
CA ASP C 43 23.67 19.46 -65.58
C ASP C 43 24.59 20.58 -65.07
N SER C 44 25.90 20.31 -65.11
CA SER C 44 26.86 21.28 -64.58
C SER C 44 26.80 22.59 -65.33
N THR C 45 26.79 22.51 -66.66
CA THR C 45 26.77 23.71 -67.48
C THR C 45 25.51 24.53 -67.24
N GLY C 46 24.36 23.87 -67.13
CA GLY C 46 23.11 24.60 -66.92
C GLY C 46 23.09 25.32 -65.59
N ALA C 47 23.55 24.66 -64.53
CA ALA C 47 23.67 25.31 -63.23
C ALA C 47 24.60 26.53 -63.30
N ALA C 48 25.78 26.37 -63.93
CA ALA C 48 26.70 27.50 -64.01
C ALA C 48 26.12 28.67 -64.79
N GLN C 49 25.27 28.40 -65.78
CA GLN C 49 24.63 29.49 -66.55
C GLN C 49 23.73 30.35 -65.68
N LEU C 50 23.29 29.84 -64.53
CA LEU C 50 22.45 30.64 -63.65
C LEU C 50 23.26 31.66 -62.86
N PHE C 51 24.58 31.48 -62.78
CA PHE C 51 25.43 32.46 -62.14
C PHE C 51 25.75 33.60 -63.11
N GLU C 52 26.10 34.76 -62.55
CA GLU C 52 26.82 35.78 -63.34
C GLU C 52 28.03 35.15 -64.01
N PRO C 53 28.43 35.64 -65.19
CA PRO C 53 29.60 35.03 -65.86
C PRO C 53 30.82 34.90 -64.95
N ASP C 54 31.03 35.85 -64.05
CA ASP C 54 32.18 35.77 -63.14
C ASP C 54 31.73 35.49 -61.71
N GLY C 55 30.59 34.82 -61.57
CA GLY C 55 30.06 34.55 -60.24
C GLY C 55 30.90 33.56 -59.45
N TYR C 56 30.57 33.46 -58.16
CA TYR C 56 31.37 32.69 -57.23
C TYR C 56 30.53 31.64 -56.53
N TRP C 57 31.11 30.46 -56.36
CA TRP C 57 30.57 29.40 -55.52
C TRP C 57 31.68 29.01 -54.55
N ARG C 58 31.54 29.39 -53.28
CA ARG C 58 32.46 29.00 -52.22
C ARG C 58 31.84 27.80 -51.50
N ASP C 59 32.57 26.70 -51.44
CA ASP C 59 32.08 25.48 -50.83
C ASP C 59 32.96 25.10 -49.64
N LEU C 60 32.31 24.78 -48.53
CA LEU C 60 33.03 24.36 -47.34
C LEU C 60 32.63 22.90 -47.06
N VAL C 61 33.36 21.98 -47.69
CA VAL C 61 33.27 20.54 -47.49
C VAL C 61 32.07 19.94 -48.22
N LEU C 62 30.91 20.61 -48.16
CA LEU C 62 29.64 19.96 -48.51
C LEU C 62 29.63 19.38 -49.92
N PHE C 63 30.15 20.10 -50.93
CA PHE C 63 30.21 19.52 -52.26
C PHE C 63 31.59 19.03 -52.67
N THR C 64 32.66 19.62 -52.15
CA THR C 64 34.00 19.38 -52.68
C THR C 64 34.87 18.54 -51.76
N TRP C 65 34.39 18.19 -50.58
CA TRP C 65 35.22 17.63 -49.50
C TRP C 65 36.52 18.40 -49.35
N ASN C 66 36.39 19.72 -49.34
CA ASN C 66 37.53 20.61 -49.37
C ASN C 66 37.02 21.99 -49.01
N LEU C 67 37.94 22.91 -48.82
CA LEU C 67 37.61 24.33 -48.77
C LEU C 67 38.03 24.88 -50.13
N LYS C 68 37.05 25.23 -50.97
CA LYS C 68 37.33 25.55 -52.35
C LYS C 68 36.40 26.65 -52.85
N THR C 69 36.97 27.68 -53.46
CA THR C 69 36.19 28.74 -54.10
C THR C 69 36.30 28.61 -55.62
N LEU C 70 35.17 28.33 -56.27
CA LEU C 70 35.09 28.24 -57.71
C LEU C 70 34.77 29.62 -58.26
N GLU C 71 35.65 30.16 -59.12
CA GLU C 71 35.50 31.53 -59.60
C GLU C 71 35.12 31.48 -61.08
N GLY C 72 33.90 31.93 -61.40
CA GLY C 72 33.44 32.00 -62.77
C GLY C 72 32.73 30.74 -63.23
N ARG C 73 31.88 30.89 -64.25
CA ARG C 73 31.01 29.81 -64.70
C ARG C 73 31.78 28.54 -65.04
N GLU C 74 32.96 28.69 -65.65
CA GLU C 74 33.71 27.52 -66.11
C GLU C 74 34.29 26.72 -64.95
N GLN C 75 34.79 27.41 -63.92
CA GLN C 75 35.23 26.68 -62.73
C GLN C 75 34.05 26.07 -62.01
N ILE C 76 32.94 26.82 -61.90
CA ILE C 76 31.73 26.29 -61.28
C ILE C 76 31.28 25.04 -61.99
N ALA C 77 31.21 25.11 -63.33
CA ALA C 77 30.75 23.94 -64.08
C ALA C 77 31.70 22.77 -63.93
N ALA C 78 33.01 23.05 -63.89
CA ALA C 78 33.97 21.95 -63.81
C ALA C 78 33.86 21.20 -62.49
N MET C 79 33.64 21.92 -61.37
CA MET C 79 33.43 21.27 -60.08
C MET C 79 32.16 20.42 -60.09
N LEU C 80 31.05 21.00 -60.55
CA LEU C 80 29.78 20.29 -60.57
C LEU C 80 29.84 19.04 -61.45
N ALA C 81 30.53 19.13 -62.59
CA ALA C 81 30.67 17.98 -63.49
C ALA C 81 31.46 16.85 -62.84
N ALA C 82 32.42 17.16 -61.98
CA ALA C 82 33.22 16.16 -61.29
C ALA C 82 32.58 15.62 -60.00
N GLN C 83 31.70 16.37 -59.34
CA GLN C 83 31.19 15.96 -58.03
C GLN C 83 29.73 15.51 -58.01
N LEU C 84 28.88 15.99 -58.93
CA LEU C 84 27.44 15.86 -58.78
C LEU C 84 26.98 14.41 -58.78
N GLY C 85 27.61 13.57 -59.58
CA GLY C 85 27.13 12.21 -59.70
C GLY C 85 27.18 11.44 -58.40
N ALA C 86 28.11 11.79 -57.52
CA ALA C 86 28.36 11.05 -56.29
C ALA C 86 27.54 11.54 -55.08
N VAL C 87 26.84 12.67 -55.20
CA VAL C 87 26.17 13.31 -54.07
C VAL C 87 24.65 13.31 -54.21
N GLN C 88 24.11 12.69 -55.25
CA GLN C 88 22.67 12.77 -55.52
C GLN C 88 21.88 11.94 -54.51
N PRO C 89 20.68 12.39 -54.11
CA PRO C 89 19.93 13.60 -54.49
C PRO C 89 20.26 14.87 -53.70
N VAL C 90 20.31 15.99 -54.40
CA VAL C 90 20.67 17.29 -53.84
C VAL C 90 19.40 18.13 -53.72
N SER C 91 19.22 18.79 -52.58
CA SER C 91 18.19 19.81 -52.42
C SER C 91 18.83 21.13 -52.00
N ILE C 92 18.24 22.24 -52.41
CA ILE C 92 18.66 23.56 -51.92
C ILE C 92 17.45 24.49 -51.96
N ARG C 93 17.17 25.16 -50.84
CA ARG C 93 15.99 25.99 -50.69
C ARG C 93 16.26 27.06 -49.63
N ILE C 94 15.35 28.03 -49.54
CA ILE C 94 15.47 29.04 -48.49
C ILE C 94 15.45 28.33 -47.14
N ALA C 95 16.26 28.82 -46.22
CA ALA C 95 16.39 28.16 -44.92
C ALA C 95 15.13 28.37 -44.10
N ASP C 96 14.73 27.33 -43.36
CA ASP C 96 13.54 27.40 -42.51
C ASP C 96 13.57 28.63 -41.63
N GLY C 97 12.47 29.37 -41.65
CA GLY C 97 12.34 30.51 -40.79
C GLY C 97 13.05 31.77 -41.27
N GLU C 98 13.62 31.75 -42.47
CA GLU C 98 14.34 32.90 -42.99
C GLU C 98 13.58 33.45 -44.19
N HIS C 99 13.85 34.71 -44.50
CA HIS C 99 13.23 35.36 -45.65
C HIS C 99 14.27 36.11 -46.46
N ALA C 100 13.97 36.26 -47.75
CA ALA C 100 14.84 37.02 -48.62
C ALA C 100 14.72 38.51 -48.33
N VAL C 101 15.81 39.23 -48.55
CA VAL C 101 15.84 40.68 -48.36
C VAL C 101 16.57 41.28 -49.55
N GLU C 102 16.36 42.57 -49.74
CA GLU C 102 16.93 43.30 -50.87
C GLU C 102 17.65 44.53 -50.35
N ALA C 103 18.92 44.66 -50.71
CA ALA C 103 19.71 45.82 -50.34
C ALA C 103 20.65 46.15 -51.48
N GLY C 104 20.72 47.44 -51.84
CA GLY C 104 21.61 47.91 -52.87
C GLY C 104 21.50 47.16 -54.18
N GLY C 105 20.32 46.63 -54.51
CA GLY C 105 20.22 45.88 -55.73
C GLY C 105 20.67 44.44 -55.64
N VAL C 106 20.94 43.95 -54.42
CA VAL C 106 21.34 42.58 -54.17
C VAL C 106 20.19 41.88 -53.46
N LEU C 107 19.78 40.74 -54.00
CA LEU C 107 18.79 39.87 -53.38
C LEU C 107 19.53 38.77 -52.63
N GLN C 108 19.30 38.65 -51.32
CA GLN C 108 20.06 37.71 -50.50
C GLN C 108 19.15 36.89 -49.59
N SER C 109 19.62 35.70 -49.24
CA SER C 109 18.86 34.87 -48.34
C SER C 109 19.73 33.79 -47.74
N TRP C 110 19.47 33.47 -46.47
CA TRP C 110 19.96 32.22 -45.91
C TRP C 110 19.31 31.07 -46.67
N ILE C 111 20.07 29.99 -46.84
CA ILE C 111 19.57 28.80 -47.51
C ILE C 111 19.98 27.57 -46.72
N THR C 112 19.33 26.45 -47.06
CA THR C 112 19.65 25.11 -46.57
C THR C 112 19.99 24.24 -47.76
N VAL C 113 21.00 23.37 -47.63
CA VAL C 113 21.49 22.57 -48.74
C VAL C 113 21.73 21.15 -48.24
N GLU C 114 21.30 20.16 -49.02
CA GLU C 114 21.41 18.75 -48.66
C GLU C 114 22.08 17.95 -49.76
N THR C 115 22.91 17.00 -49.36
CA THR C 115 23.43 15.96 -50.24
C THR C 115 22.96 14.62 -49.69
N ASN C 116 23.43 13.53 -50.30
CA ASN C 116 23.02 12.21 -49.85
C ASN C 116 23.59 11.85 -48.48
N VAL C 117 24.67 12.50 -48.05
CA VAL C 117 25.34 12.18 -46.78
C VAL C 117 25.41 13.34 -45.81
N ALA C 118 24.94 14.55 -46.16
CA ALA C 118 25.15 15.68 -45.28
C ALA C 118 24.12 16.78 -45.54
N ARG C 119 24.05 17.73 -44.62
CA ARG C 119 23.24 18.93 -44.74
C ARG C 119 24.08 20.12 -44.31
N GLY C 120 23.64 21.32 -44.68
CA GLY C 120 24.27 22.54 -44.22
C GLY C 120 23.46 23.76 -44.58
N VAL C 121 23.87 24.88 -43.99
CA VAL C 121 23.32 26.18 -44.31
C VAL C 121 24.23 26.84 -45.33
N GLY C 122 23.70 27.87 -46.00
CA GLY C 122 24.47 28.62 -46.95
C GLY C 122 23.92 30.01 -47.10
N PHE C 123 24.49 30.75 -48.05
CA PHE C 123 24.05 32.10 -48.31
C PHE C 123 24.20 32.41 -49.80
N ILE C 124 23.25 33.16 -50.33
CA ILE C 124 23.15 33.42 -51.76
C ILE C 124 22.87 34.90 -51.92
N ARG C 125 23.58 35.51 -52.87
CA ARG C 125 23.36 36.88 -53.32
C ARG C 125 23.03 36.81 -54.80
N ILE C 126 21.99 37.53 -55.21
CA ILE C 126 21.47 37.53 -56.56
C ILE C 126 21.38 38.96 -57.07
N ARG C 127 21.80 39.17 -58.32
CA ARG C 127 21.73 40.47 -58.97
C ARG C 127 21.16 40.29 -60.37
N ASP C 128 20.15 41.08 -60.71
CA ASP C 128 19.52 41.04 -62.05
C ASP C 128 19.27 39.60 -62.48
N GLY C 129 18.72 38.79 -61.56
CA GLY C 129 18.35 37.41 -61.81
C GLY C 129 19.50 36.43 -61.87
N LYS C 130 20.70 36.87 -61.56
CA LYS C 130 21.87 36.02 -61.69
C LYS C 130 22.53 35.83 -60.32
N ILE C 131 22.96 34.61 -60.02
CA ILE C 131 23.67 34.38 -58.76
C ILE C 131 25.03 35.09 -58.81
N TRP C 132 25.21 36.11 -57.98
CA TRP C 132 26.50 36.74 -57.79
C TRP C 132 27.40 35.89 -56.89
N THR C 133 26.93 35.51 -55.69
CA THR C 133 27.71 34.66 -54.78
C THR C 133 26.83 33.58 -54.17
N LEU C 134 27.38 32.38 -54.07
CA LEU C 134 26.75 31.27 -53.40
C LEU C 134 27.72 30.67 -52.39
N LEU C 135 27.25 30.50 -51.15
CA LEU C 135 27.98 29.77 -50.12
C LEU C 135 27.25 28.48 -49.81
N THR C 136 27.94 27.36 -49.94
CA THR C 136 27.47 26.09 -49.42
C THR C 136 28.47 25.60 -48.38
N THR C 137 27.95 25.15 -47.23
CA THR C 137 28.74 24.64 -46.12
C THR C 137 28.11 23.34 -45.64
N MET C 138 28.92 22.56 -44.93
CA MET C 138 28.47 21.32 -44.31
C MET C 138 28.30 21.54 -42.82
N SER C 139 27.09 21.27 -42.31
CA SER C 139 26.74 21.37 -40.90
C SER C 139 26.84 20.05 -40.17
N GLU C 140 26.47 18.96 -40.82
CA GLU C 140 26.38 17.68 -40.14
C GLU C 140 26.36 16.56 -41.15
N LEU C 141 26.79 15.39 -40.72
CA LEU C 141 26.70 14.18 -41.50
C LEU C 141 25.43 13.42 -41.11
N LYS C 142 24.61 13.07 -42.10
CA LYS C 142 23.34 12.38 -41.87
C LYS C 142 23.57 11.10 -41.08
N GLY C 143 22.84 10.96 -39.97
CA GLY C 143 23.02 9.80 -39.12
C GLY C 143 24.13 9.91 -38.12
N PHE C 144 24.86 11.02 -38.12
CA PHE C 144 25.88 11.28 -37.12
C PHE C 144 25.70 12.69 -36.56
N GLU C 145 24.47 13.16 -36.49
CA GLU C 145 24.24 14.50 -35.97
C GLU C 145 24.70 14.62 -34.53
N GLU C 146 25.03 15.84 -34.15
CA GLU C 146 25.51 16.08 -32.80
C GLU C 146 24.37 15.95 -31.81
N ALA C 147 24.69 15.43 -30.62
CA ALA C 147 23.69 15.27 -29.57
C ALA C 147 23.48 16.64 -28.93
N LYS C 148 22.69 17.47 -29.59
CA LYS C 148 22.41 18.81 -29.10
C LYS C 148 20.91 19.05 -29.18
N GLY C 149 20.44 20.05 -28.44
CA GLY C 149 19.05 20.44 -28.46
C GLY C 149 18.09 19.29 -28.20
N GLY C 150 17.18 19.09 -29.15
CA GLY C 150 16.27 17.97 -29.07
C GLY C 150 16.96 16.62 -29.05
N ARG C 151 18.22 16.55 -29.48
N ARG C 151 18.22 16.56 -29.47
CA ARG C 151 18.96 15.30 -29.52
CA ARG C 151 18.99 15.32 -29.54
C ARG C 151 19.89 15.13 -28.34
C ARG C 151 19.92 15.15 -28.34
N ARG C 152 19.78 15.99 -27.32
CA ARG C 152 20.59 15.91 -26.12
C ARG C 152 20.73 14.48 -25.61
N PRO C 153 21.91 14.10 -25.12
CA PRO C 153 22.02 12.88 -24.31
C PRO C 153 21.11 13.00 -23.07
N MET C 154 20.56 11.85 -22.64
CA MET C 154 19.77 11.84 -21.40
C MET C 154 20.65 12.01 -20.17
N GLY C 155 21.85 11.46 -20.20
CA GLY C 155 22.82 11.51 -19.14
C GLY C 155 22.66 10.33 -18.25
N ALA C 156 21.43 10.09 -17.79
CA ALA C 156 21.09 9.01 -16.86
C ALA C 156 20.17 8.01 -17.52
N GLU C 157 20.37 6.73 -17.19
CA GLU C 157 19.42 5.68 -17.53
C GLU C 157 18.36 5.64 -16.45
N HIS C 158 17.10 5.82 -16.84
CA HIS C 158 15.98 5.92 -15.89
C HIS C 158 15.20 4.59 -15.80
N SER C 165 28.08 1.11 -14.81
CA SER C 165 29.30 1.92 -14.82
C SER C 165 28.99 3.41 -14.88
N SER C 166 29.45 4.18 -13.89
CA SER C 166 29.04 5.57 -13.72
C SER C 166 29.81 6.49 -14.66
N TRP C 167 29.32 7.74 -14.74
CA TRP C 167 29.93 8.75 -15.61
C TRP C 167 31.39 8.99 -15.25
N LEU C 168 31.69 9.12 -13.95
CA LEU C 168 33.08 9.34 -13.52
C LEU C 168 33.94 8.10 -13.77
N GLU C 169 33.40 6.92 -13.52
CA GLU C 169 34.15 5.70 -13.78
C GLU C 169 34.52 5.58 -15.27
N GLN C 170 33.56 5.87 -16.18
CA GLN C 170 33.86 5.80 -17.61
C GLN C 170 34.95 6.79 -18.01
N ARG C 171 34.91 8.01 -17.47
CA ARG C 171 35.95 8.98 -17.78
C ARG C 171 37.31 8.46 -17.35
N GLU C 172 37.41 7.93 -16.13
CA GLU C 172 38.68 7.38 -15.67
C GLU C 172 39.11 6.22 -16.54
N GLN C 173 38.15 5.43 -17.02
CA GLN C 173 38.44 4.37 -17.98
C GLN C 173 39.08 4.94 -19.23
N GLU C 174 38.51 6.02 -19.77
CA GLU C 174 39.07 6.61 -20.97
C GLU C 174 40.44 7.24 -20.70
N ALA C 175 40.63 7.85 -19.52
CA ALA C 175 41.92 8.43 -19.19
C ALA C 175 43.02 7.37 -19.09
N LYS C 176 42.68 6.16 -18.64
CA LYS C 176 43.67 5.10 -18.48
C LYS C 176 43.89 4.28 -19.75
N GLU C 177 42.89 4.15 -20.61
CA GLU C 177 42.96 3.26 -21.77
C GLU C 177 43.31 3.98 -23.08
N LEU C 178 42.85 5.21 -23.29
CA LEU C 178 43.04 5.86 -24.58
C LEU C 178 44.49 6.33 -24.74
N GLY C 179 45.14 5.90 -25.82
CA GLY C 179 46.55 6.16 -25.99
C GLY C 179 47.45 5.11 -25.42
N TYR C 180 46.90 4.15 -24.70
CA TYR C 180 47.67 3.06 -24.15
C TYR C 180 47.11 1.75 -24.66
N ALA C 181 46.17 1.13 -23.93
CA ALA C 181 45.57 -0.12 -24.38
C ALA C 181 44.80 0.04 -25.68
N ARG C 182 44.27 1.24 -25.93
CA ARG C 182 43.48 1.51 -27.13
C ARG C 182 43.97 2.83 -27.73
N GLN C 183 44.21 2.84 -29.09
CA GLN C 183 44.78 4.02 -29.72
C GLN C 183 43.70 4.99 -30.19
N PRO C 184 44.00 6.28 -30.11
CA PRO C 184 43.07 7.29 -30.61
C PRO C 184 42.93 7.23 -32.12
N TYR C 185 41.78 7.68 -32.62
CA TYR C 185 41.64 7.87 -34.06
C TYR C 185 42.47 9.06 -34.50
N CYS C 186 42.49 10.12 -33.70
CA CYS C 186 43.12 11.38 -34.04
C CYS C 186 43.97 11.87 -32.88
N VAL C 187 45.15 12.40 -33.20
CA VAL C 187 46.02 13.10 -32.26
C VAL C 187 46.18 14.53 -32.74
N ILE C 188 46.00 15.48 -31.82
CA ILE C 188 46.26 16.89 -32.09
C ILE C 188 47.51 17.28 -31.33
N ILE C 189 48.47 17.89 -32.02
CA ILE C 189 49.65 18.44 -31.38
C ILE C 189 49.41 19.92 -31.12
N GLY C 190 49.42 20.28 -29.84
CA GLY C 190 49.20 21.65 -29.42
C GLY C 190 47.86 21.87 -28.75
N GLY C 191 47.91 22.26 -27.48
CA GLY C 191 46.73 22.48 -26.67
C GLY C 191 46.42 23.93 -26.34
N GLY C 192 46.67 24.83 -27.29
CA GLY C 192 46.24 26.21 -27.17
C GLY C 192 44.77 26.32 -27.52
N GLN C 193 44.33 27.56 -27.73
CA GLN C 193 42.94 27.82 -28.07
C GLN C 193 42.48 26.99 -29.26
N GLY C 194 43.36 26.75 -30.23
CA GLY C 194 42.94 26.08 -31.44
C GLY C 194 42.70 24.60 -31.24
N GLY C 195 43.64 23.91 -30.58
CA GLY C 195 43.46 22.50 -30.28
C GLY C 195 42.31 22.23 -29.32
N ILE C 196 42.10 23.13 -28.36
CA ILE C 196 41.01 22.95 -27.42
C ILE C 196 39.66 23.05 -28.13
N ALA C 197 39.52 24.04 -29.03
CA ALA C 197 38.27 24.16 -29.78
C ALA C 197 38.07 22.97 -30.70
N LEU C 198 39.11 22.58 -31.44
CA LEU C 198 39.00 21.42 -32.30
C LEU C 198 38.70 20.16 -31.50
N GLY C 199 39.31 20.04 -30.31
CA GLY C 199 39.03 18.90 -29.43
C GLY C 199 37.60 18.85 -28.94
N ALA C 200 37.05 19.98 -28.51
CA ALA C 200 35.64 20.03 -28.16
C ALA C 200 34.77 19.56 -29.33
N ARG C 201 35.05 20.06 -30.54
CA ARG C 201 34.25 19.64 -31.70
C ARG C 201 34.40 18.15 -31.95
N LEU C 202 35.62 17.63 -31.87
CA LEU C 202 35.81 16.20 -32.13
C LEU C 202 35.11 15.36 -31.08
N ARG C 203 35.08 15.83 -29.82
CA ARG C 203 34.41 15.11 -28.75
C ARG C 203 32.93 15.00 -29.02
N GLN C 204 32.32 16.07 -29.51
CA GLN C 204 30.91 16.11 -29.87
C GLN C 204 30.57 15.21 -31.05
N LEU C 205 31.58 14.78 -31.81
CA LEU C 205 31.37 13.85 -32.91
C LEU C 205 31.87 12.45 -32.58
N ASN C 206 32.17 12.19 -31.30
CA ASN C 206 32.62 10.88 -30.83
C ASN C 206 33.83 10.38 -31.61
N VAL C 207 34.73 11.29 -31.94
CA VAL C 207 35.99 10.91 -32.58
C VAL C 207 37.04 10.85 -31.49
N PRO C 208 37.42 9.64 -31.02
CA PRO C 208 38.35 9.55 -29.87
C PRO C 208 39.68 10.22 -30.20
N THR C 209 40.06 11.18 -29.36
CA THR C 209 41.13 12.11 -29.68
C THR C 209 41.97 12.42 -28.44
N ILE C 210 43.28 12.54 -28.63
CA ILE C 210 44.18 13.00 -27.59
C ILE C 210 44.84 14.29 -28.05
N ILE C 211 44.80 15.31 -27.19
CA ILE C 211 45.52 16.56 -27.40
C ILE C 211 46.87 16.47 -26.70
N ILE C 212 47.95 16.81 -27.40
CA ILE C 212 49.30 16.79 -26.85
C ILE C 212 49.77 18.23 -26.60
N GLU C 213 50.09 18.56 -25.36
CA GLU C 213 50.44 19.93 -25.01
C GLU C 213 51.63 19.93 -24.08
N LYS C 214 52.69 20.64 -24.46
CA LYS C 214 53.90 20.60 -23.67
C LYS C 214 53.79 21.46 -22.41
N ASN C 215 52.88 22.44 -22.40
CA ASN C 215 52.64 23.18 -21.15
C ASN C 215 51.98 22.27 -20.11
N ALA C 216 51.92 22.75 -18.88
CA ALA C 216 51.39 21.91 -17.80
C ALA C 216 49.87 21.85 -17.82
N ARG C 217 49.19 22.98 -18.04
CA ARG C 217 47.75 23.10 -17.92
C ARG C 217 47.14 23.73 -19.15
N PRO C 218 45.89 23.40 -19.50
CA PRO C 218 45.21 24.15 -20.57
C PRO C 218 45.10 25.62 -20.17
N GLY C 219 45.22 26.48 -21.17
CA GLY C 219 45.26 27.90 -20.95
C GLY C 219 46.64 28.47 -20.70
N ASP C 220 47.64 27.61 -20.44
CA ASP C 220 48.99 28.12 -20.19
C ASP C 220 49.57 28.79 -21.41
N SER C 221 49.11 28.40 -22.60
CA SER C 221 49.53 29.06 -23.83
C SER C 221 49.29 30.57 -23.77
N TRP C 222 48.26 31.01 -23.06
CA TRP C 222 48.00 32.45 -22.90
C TRP C 222 48.59 33.02 -21.62
N ARG C 223 48.66 32.22 -20.54
CA ARG C 223 49.26 32.72 -19.30
C ARG C 223 50.72 33.16 -19.49
N LYS C 224 51.46 32.50 -20.38
CA LYS C 224 52.90 32.74 -20.58
C LYS C 224 53.23 34.11 -21.19
N ARG C 225 52.27 34.91 -21.64
CA ARG C 225 52.58 36.20 -22.27
C ARG C 225 52.90 37.27 -21.23
N TYR C 226 53.19 38.48 -21.72
CA TYR C 226 53.57 39.56 -20.84
C TYR C 226 52.42 40.01 -19.96
N LYS C 227 52.79 40.47 -18.75
CA LYS C 227 51.83 40.71 -17.69
C LYS C 227 50.57 41.40 -18.16
N SER C 228 50.74 42.43 -18.98
CA SER C 228 49.65 43.36 -19.28
C SER C 228 48.83 42.95 -20.50
N LEU C 229 49.21 41.88 -21.21
CA LEU C 229 48.55 41.53 -22.46
C LEU C 229 47.06 41.24 -22.26
N CYS C 230 46.25 41.78 -23.18
CA CYS C 230 44.85 41.45 -23.34
C CYS C 230 44.55 41.12 -24.80
N LEU C 231 43.47 40.40 -25.04
CA LEU C 231 43.04 40.18 -26.42
C LEU C 231 42.82 41.53 -27.07
N HIS C 232 43.28 41.67 -28.32
CA HIS C 232 43.00 42.91 -29.03
C HIS C 232 41.74 42.82 -29.89
N ASP C 233 41.18 41.54 -30.12
CA ASP C 233 39.89 41.32 -30.75
C ASP C 233 38.81 41.32 -29.69
N PRO C 234 37.61 41.81 -30.00
CA PRO C 234 36.57 41.96 -28.97
C PRO C 234 35.79 40.66 -28.71
N VAL C 235 35.13 40.65 -27.53
CA VAL C 235 34.45 39.46 -27.00
C VAL C 235 33.47 38.86 -28.00
N TRP C 236 32.68 39.70 -28.69
CA TRP C 236 31.65 39.23 -29.62
C TRP C 236 32.21 38.41 -30.78
N TYR C 237 33.51 38.55 -31.05
CA TYR C 237 34.24 37.88 -32.10
C TYR C 237 34.98 36.64 -31.60
N ASP C 238 35.09 36.47 -30.29
CA ASP C 238 36.10 35.62 -29.67
C ASP C 238 35.58 34.30 -29.10
N HIS C 239 34.26 34.01 -29.16
CA HIS C 239 33.70 32.87 -28.44
C HIS C 239 34.35 31.55 -28.85
N MET C 240 34.48 30.63 -27.91
CA MET C 240 34.76 29.25 -28.23
C MET C 240 33.49 28.54 -28.67
N PRO C 241 33.60 27.40 -29.34
CA PRO C 241 32.40 26.64 -29.70
C PRO C 241 31.63 26.23 -28.46
N TYR C 242 30.30 26.20 -28.61
CA TYR C 242 29.39 25.59 -27.64
C TYR C 242 29.12 26.42 -26.40
N ILE C 243 30.16 26.97 -25.78
CA ILE C 243 29.98 27.78 -24.58
C ILE C 243 30.46 29.20 -24.84
N PRO C 244 29.59 30.10 -25.25
CA PRO C 244 30.03 31.47 -25.52
C PRO C 244 30.40 32.17 -24.23
N PHE C 245 31.19 33.24 -24.34
CA PHE C 245 31.41 34.04 -23.15
C PHE C 245 30.08 34.61 -22.67
N PRO C 246 29.92 34.80 -21.36
CA PRO C 246 28.67 35.38 -20.84
C PRO C 246 28.54 36.87 -21.08
N ASP C 247 27.32 37.37 -20.95
CA ASP C 247 27.02 38.79 -21.27
C ASP C 247 27.82 39.77 -20.43
N ASN C 248 28.37 39.34 -19.29
CA ASN C 248 29.13 40.25 -18.46
C ASN C 248 30.62 40.04 -18.63
N TRP C 249 31.04 39.21 -19.57
CA TRP C 249 32.46 39.04 -19.84
C TRP C 249 33.04 40.34 -20.42
N PRO C 250 34.29 40.66 -20.11
CA PRO C 250 34.89 41.91 -20.62
C PRO C 250 35.07 41.90 -22.13
N VAL C 251 35.13 43.10 -22.71
CA VAL C 251 35.31 43.25 -24.16
C VAL C 251 36.65 42.66 -24.61
N PHE C 252 37.73 43.04 -23.93
CA PHE C 252 39.09 42.61 -24.26
C PHE C 252 39.62 41.86 -23.05
N THR C 253 39.89 40.56 -23.21
CA THR C 253 40.09 39.69 -22.05
C THR C 253 41.55 39.64 -21.64
N PRO C 254 41.85 39.92 -20.38
CA PRO C 254 43.24 39.77 -19.91
C PRO C 254 43.74 38.36 -20.13
N LYS C 255 45.05 38.26 -20.36
CA LYS C 255 45.63 37.01 -20.81
C LYS C 255 45.39 35.87 -19.82
N ASP C 256 45.38 36.16 -18.51
CA ASP C 256 45.16 35.10 -17.53
C ASP C 256 43.70 34.76 -17.37
N LYS C 257 42.81 35.72 -17.58
CA LYS C 257 41.39 35.40 -17.61
C LYS C 257 41.05 34.48 -18.79
N VAL C 258 41.74 34.65 -19.92
CA VAL C 258 41.60 33.69 -21.02
C VAL C 258 42.07 32.31 -20.59
N GLY C 259 43.17 32.27 -19.84
CA GLY C 259 43.72 31.00 -19.41
C GLY C 259 42.77 30.24 -18.53
N ASP C 260 42.18 30.94 -17.56
CA ASP C 260 41.17 30.35 -16.69
C ASP C 260 40.02 29.78 -17.48
N TRP C 261 39.55 30.54 -18.48
CA TRP C 261 38.42 30.11 -19.28
C TRP C 261 38.76 28.86 -20.08
N LEU C 262 39.95 28.83 -20.71
CA LEU C 262 40.35 27.67 -21.48
C LEU C 262 40.52 26.43 -20.63
N GLU C 263 41.05 26.58 -19.41
CA GLU C 263 41.23 25.45 -18.51
C GLU C 263 39.91 24.89 -18.07
N MET C 264 38.99 25.77 -17.71
CA MET C 264 37.68 25.33 -17.32
C MET C 264 36.86 24.83 -18.49
N TYR C 265 37.02 25.45 -19.68
CA TYR C 265 36.36 24.93 -20.89
C TYR C 265 36.83 23.52 -21.20
N THR C 266 38.14 23.28 -21.06
CA THR C 266 38.71 21.96 -21.34
C THR C 266 38.14 20.90 -20.40
N LYS C 267 37.94 21.23 -19.13
CA LYS C 267 37.40 20.26 -18.17
C LYS C 267 35.94 19.94 -18.50
N VAL C 268 35.11 20.97 -18.65
CA VAL C 268 33.68 20.71 -18.77
C VAL C 268 33.33 20.13 -20.12
N MET C 269 34.13 20.39 -21.17
CA MET C 269 33.85 19.75 -22.47
C MET C 269 34.50 18.37 -22.58
N GLU C 270 35.08 17.87 -21.48
CA GLU C 270 35.49 16.47 -21.38
C GLU C 270 36.59 16.12 -22.39
N LEU C 271 37.55 17.02 -22.56
CA LEU C 271 38.64 16.76 -23.50
C LEU C 271 39.64 15.78 -22.91
N ASN C 272 40.25 14.98 -23.76
CA ASN C 272 41.38 14.18 -23.35
C ASN C 272 42.65 14.99 -23.65
N TYR C 273 43.20 15.63 -22.62
CA TYR C 273 44.22 16.67 -22.78
C TYR C 273 45.48 16.28 -22.00
N TRP C 274 46.50 15.81 -22.72
CA TRP C 274 47.79 15.42 -22.11
C TRP C 274 48.66 16.66 -22.00
N GLY C 275 48.60 17.31 -20.84
CA GLY C 275 49.57 18.34 -20.51
C GLY C 275 50.93 17.75 -20.13
N SER C 276 51.92 18.64 -20.00
CA SER C 276 53.31 18.24 -19.72
C SER C 276 53.79 17.15 -20.68
N THR C 277 53.34 17.17 -21.92
CA THR C 277 53.67 16.13 -22.89
C THR C 277 54.20 16.77 -24.17
N SER C 278 55.45 16.49 -24.50
CA SER C 278 56.03 17.03 -25.71
C SER C 278 55.90 16.01 -26.83
N CYS C 279 55.57 16.49 -28.01
CA CYS C 279 55.65 15.67 -29.20
C CYS C 279 57.08 15.72 -29.73
N GLU C 280 57.71 14.55 -29.87
CA GLU C 280 59.12 14.45 -30.27
C GLU C 280 59.29 14.18 -31.77
N SER C 281 58.43 13.36 -32.37
CA SER C 281 58.56 13.00 -33.76
C SER C 281 57.30 12.30 -34.21
N ALA C 282 57.07 12.32 -35.52
CA ALA C 282 55.94 11.61 -36.09
C ALA C 282 56.27 11.22 -37.52
N SER C 283 55.76 10.07 -37.93
CA SER C 283 55.91 9.63 -39.31
C SER C 283 54.66 8.86 -39.74
N PHE C 284 54.43 8.82 -41.05
CA PHE C 284 53.25 8.17 -41.60
C PHE C 284 53.65 6.95 -42.42
N ASP C 285 52.89 5.87 -42.26
CA ASP C 285 53.07 4.66 -43.06
C ASP C 285 51.84 4.51 -43.94
N ALA C 286 51.98 4.83 -45.24
CA ALA C 286 50.83 4.72 -46.13
C ALA C 286 50.31 3.30 -46.23
N ALA C 287 51.17 2.31 -45.97
CA ALA C 287 50.70 0.92 -46.01
C ALA C 287 49.58 0.71 -45.00
N SER C 288 49.87 0.88 -43.71
CA SER C 288 48.90 0.65 -42.64
C SER C 288 47.95 1.82 -42.41
N GLY C 289 48.18 2.95 -43.06
CA GLY C 289 47.37 4.13 -42.79
C GLY C 289 47.53 4.68 -41.40
N GLU C 290 48.64 4.39 -40.71
CA GLU C 290 48.85 4.81 -39.34
C GLU C 290 50.08 5.70 -39.20
N TRP C 291 49.94 6.69 -38.33
CA TRP C 291 51.07 7.47 -37.84
C TRP C 291 51.71 6.73 -36.69
N THR C 292 53.01 6.99 -36.48
CA THR C 292 53.69 6.64 -35.25
C THR C 292 54.19 7.95 -34.65
N VAL C 293 53.60 8.35 -33.54
CA VAL C 293 53.91 9.62 -32.89
C VAL C 293 54.55 9.29 -31.55
N GLN C 294 55.78 9.75 -31.38
CA GLN C 294 56.55 9.54 -30.17
C GLN C 294 56.44 10.77 -29.29
N VAL C 295 55.91 10.61 -28.09
CA VAL C 295 55.75 11.73 -27.16
C VAL C 295 56.48 11.39 -25.87
N LEU C 296 56.74 12.42 -25.07
CA LEU C 296 57.28 12.29 -23.73
C LEU C 296 56.29 12.89 -22.74
N ARG C 297 55.47 12.03 -22.12
CA ARG C 297 54.43 12.44 -21.16
C ARG C 297 55.00 12.44 -19.77
N ASP C 298 55.28 13.64 -19.24
CA ASP C 298 55.89 13.76 -17.91
C ASP C 298 57.16 12.92 -17.83
N GLY C 299 57.96 12.96 -18.89
CA GLY C 299 59.20 12.21 -18.98
C GLY C 299 59.09 10.82 -19.58
N GLN C 300 57.88 10.17 -19.52
CA GLN C 300 57.75 8.78 -19.95
C GLN C 300 57.52 8.69 -21.45
N PRO C 301 58.27 7.85 -22.16
CA PRO C 301 58.00 7.68 -23.59
C PRO C 301 56.68 6.97 -23.79
N VAL C 302 55.89 7.49 -24.74
CA VAL C 302 54.65 6.85 -25.15
C VAL C 302 54.58 6.92 -26.66
N THR C 303 54.14 5.82 -27.28
CA THR C 303 54.00 5.73 -28.72
C THR C 303 52.51 5.70 -29.05
N LEU C 304 52.06 6.72 -29.79
CA LEU C 304 50.67 6.86 -30.21
C LEU C 304 50.58 6.54 -31.68
N LYS C 305 49.52 5.83 -32.08
CA LYS C 305 49.35 5.38 -33.46
C LYS C 305 47.99 5.81 -34.01
N PRO C 306 47.76 7.12 -34.16
CA PRO C 306 46.49 7.60 -34.70
C PRO C 306 46.41 7.47 -36.21
N LYS C 307 45.17 7.48 -36.72
CA LYS C 307 44.98 7.45 -38.16
C LYS C 307 45.08 8.84 -38.79
N GLN C 308 44.89 9.92 -38.03
CA GLN C 308 44.93 11.28 -38.53
C GLN C 308 45.72 12.12 -37.55
N LEU C 309 46.58 12.99 -38.08
CA LEU C 309 47.42 13.86 -37.27
C LEU C 309 47.10 15.30 -37.61
N VAL C 310 46.81 16.09 -36.58
CA VAL C 310 46.49 17.51 -36.73
C VAL C 310 47.56 18.33 -36.05
N LEU C 311 48.14 19.27 -36.79
CA LEU C 311 49.08 20.22 -36.20
C LEU C 311 48.30 21.47 -35.80
N ALA C 312 48.29 21.76 -34.51
CA ALA C 312 47.65 22.93 -33.96
C ALA C 312 48.63 23.66 -33.07
N THR C 313 49.81 23.90 -33.63
CA THR C 313 50.92 24.46 -32.87
C THR C 313 51.04 25.97 -33.03
N GLY C 314 50.02 26.63 -33.56
CA GLY C 314 50.09 28.07 -33.73
C GLY C 314 50.46 28.43 -35.16
N MET C 315 49.79 29.44 -35.72
CA MET C 315 50.06 29.85 -37.09
C MET C 315 51.51 30.33 -37.24
N SER C 316 52.04 30.99 -36.21
CA SER C 316 53.44 31.41 -36.19
C SER C 316 54.35 30.22 -35.97
N GLY C 317 55.21 29.95 -36.97
CA GLY C 317 56.19 28.89 -36.87
C GLY C 317 57.56 29.28 -36.29
N LYS C 318 58.62 28.98 -37.04
CA LYS C 318 59.98 29.21 -36.54
C LYS C 318 60.33 30.70 -36.59
N ALA C 319 60.95 31.18 -35.52
CA ALA C 319 61.41 32.57 -35.44
C ALA C 319 62.42 32.90 -36.54
N ASN C 320 62.24 34.08 -37.14
CA ASN C 320 63.22 34.57 -38.12
C ASN C 320 64.41 35.17 -37.40
N MET C 321 65.58 34.56 -37.55
CA MET C 321 66.75 35.16 -36.94
C MET C 321 67.54 35.85 -38.04
N PRO C 322 67.85 37.13 -37.88
CA PRO C 322 68.60 37.84 -38.92
C PRO C 322 70.05 37.40 -38.92
N LYS C 323 70.70 37.67 -40.04
CA LYS C 323 72.13 37.40 -40.23
C LYS C 323 72.81 38.75 -40.43
N PHE C 324 73.06 39.45 -39.32
CA PHE C 324 73.70 40.76 -39.31
C PHE C 324 75.19 40.61 -39.03
N LYS C 325 75.98 41.48 -39.66
CA LYS C 325 77.41 41.52 -39.40
C LYS C 325 77.70 41.89 -37.95
N GLY C 326 78.52 41.09 -37.29
CA GLY C 326 78.98 41.42 -35.97
C GLY C 326 78.11 40.92 -34.84
N MET C 327 77.13 40.08 -35.13
CA MET C 327 76.32 39.49 -34.07
C MET C 327 77.18 38.67 -33.10
N ASP C 328 78.33 38.16 -33.57
CA ASP C 328 79.29 37.48 -32.72
C ASP C 328 80.20 38.41 -31.94
N VAL C 329 80.18 39.71 -32.24
CA VAL C 329 81.08 40.69 -31.63
C VAL C 329 80.33 41.38 -30.48
N PHE C 330 79.01 41.47 -30.60
CA PHE C 330 78.20 42.16 -29.61
C PHE C 330 78.32 41.47 -28.25
N GLN C 331 78.63 42.25 -27.23
CA GLN C 331 78.85 41.71 -25.89
C GLN C 331 77.65 41.84 -24.99
N GLY C 332 76.53 42.36 -25.49
CA GLY C 332 75.30 42.42 -24.74
C GLY C 332 74.37 41.30 -25.15
N GLU C 333 73.13 41.39 -24.68
CA GLU C 333 72.17 40.35 -24.96
C GLU C 333 71.46 40.56 -26.29
N GLN C 334 71.27 39.46 -27.03
CA GLN C 334 70.48 39.43 -28.25
C GLN C 334 69.35 38.42 -28.07
N GLN C 335 68.11 38.88 -28.27
CA GLN C 335 66.91 38.06 -28.15
C GLN C 335 66.05 38.24 -29.39
N HIS C 336 65.47 37.15 -29.88
CA HIS C 336 64.29 37.30 -30.71
C HIS C 336 63.13 37.72 -29.81
N SER C 337 62.16 38.45 -30.40
CA SER C 337 61.00 38.92 -29.64
C SER C 337 60.36 37.78 -28.85
N SER C 338 60.41 36.55 -29.37
CA SER C 338 59.89 35.39 -28.69
C SER C 338 60.74 34.91 -27.51
N GLN C 339 61.93 35.48 -27.30
CA GLN C 339 62.79 35.10 -26.18
C GLN C 339 62.96 36.26 -25.21
N HIS C 340 62.11 37.27 -25.31
CA HIS C 340 62.26 38.45 -24.49
C HIS C 340 61.37 38.31 -23.26
N PRO C 341 61.95 38.25 -22.05
CA PRO C 341 61.13 37.99 -20.86
C PRO C 341 60.31 39.19 -20.38
N GLY C 342 60.64 40.40 -20.80
CA GLY C 342 60.01 41.58 -20.28
C GLY C 342 61.04 42.58 -19.80
N PRO C 343 60.55 43.73 -19.29
CA PRO C 343 61.46 44.84 -18.95
C PRO C 343 62.20 44.70 -17.62
N ASP C 344 61.83 43.75 -16.76
CA ASP C 344 62.28 43.82 -15.36
C ASP C 344 63.80 43.75 -15.22
N ALA C 345 64.47 42.90 -15.99
CA ALA C 345 65.90 42.70 -15.83
C ALA C 345 66.74 43.85 -16.38
N TYR C 346 66.13 44.93 -16.88
CA TYR C 346 66.85 45.89 -17.72
C TYR C 346 66.66 47.31 -17.23
N ALA C 347 66.36 47.50 -15.94
CA ALA C 347 66.35 48.84 -15.40
C ALA C 347 67.74 49.43 -15.58
N GLY C 348 67.78 50.69 -16.00
CA GLY C 348 69.03 51.38 -16.26
C GLY C 348 69.81 50.92 -17.46
N LYS C 349 69.29 49.97 -18.24
CA LYS C 349 69.96 49.53 -19.45
C LYS C 349 69.32 50.15 -20.68
N LYS C 350 69.99 49.98 -21.82
CA LYS C 350 69.53 50.56 -23.08
C LYS C 350 69.20 49.45 -24.06
N VAL C 351 67.97 49.45 -24.56
CA VAL C 351 67.44 48.43 -25.46
C VAL C 351 67.19 49.02 -26.85
N VAL C 352 67.56 48.26 -27.88
CA VAL C 352 67.23 48.58 -29.25
C VAL C 352 66.36 47.45 -29.77
N VAL C 353 65.17 47.80 -30.26
CA VAL C 353 64.24 46.83 -30.85
C VAL C 353 64.27 46.97 -32.37
N VAL C 354 64.73 45.92 -33.05
CA VAL C 354 64.81 45.91 -34.50
C VAL C 354 63.48 45.32 -35.00
N GLY C 355 62.59 46.21 -35.41
CA GLY C 355 61.30 45.82 -35.93
C GLY C 355 60.26 46.84 -35.56
N ALA C 356 59.14 46.80 -36.29
CA ALA C 356 58.03 47.70 -36.02
C ALA C 356 56.67 47.01 -36.14
N ASN C 357 56.61 45.68 -36.03
CA ASN C 357 55.35 44.95 -36.03
C ASN C 357 54.67 45.08 -34.66
N ASN C 358 53.67 44.24 -34.39
CA ASN C 358 53.01 44.41 -33.09
C ASN C 358 53.85 43.86 -31.94
N SER C 359 54.64 42.81 -32.18
CA SER C 359 55.58 42.38 -31.15
C SER C 359 56.51 43.51 -30.77
N ALA C 360 57.03 44.23 -31.77
CA ALA C 360 57.92 45.35 -31.47
C ALA C 360 57.23 46.41 -30.63
N HIS C 361 55.97 46.71 -30.96
CA HIS C 361 55.24 47.74 -30.23
C HIS C 361 54.94 47.30 -28.80
N ASP C 362 54.62 46.03 -28.60
CA ASP C 362 54.34 45.52 -27.26
C ASP C 362 55.58 45.65 -26.38
N ILE C 363 56.72 45.17 -26.90
CA ILE C 363 57.96 45.14 -26.14
C ILE C 363 58.44 46.56 -25.82
N CYS C 364 58.28 47.48 -26.77
CA CYS C 364 58.73 48.85 -26.53
C CYS C 364 57.85 49.57 -25.54
N ALA C 365 56.52 49.36 -25.61
CA ALA C 365 55.61 50.01 -24.67
C ALA C 365 55.84 49.51 -23.25
N ALA C 366 56.13 48.22 -23.10
CA ALA C 366 56.43 47.71 -21.76
C ALA C 366 57.76 48.27 -21.22
N LEU C 367 58.79 48.38 -22.06
CA LEU C 367 60.07 48.92 -21.59
C LEU C 367 59.92 50.37 -21.14
N TRP C 368 59.09 51.16 -21.84
CA TRP C 368 58.91 52.56 -21.45
C TRP C 368 58.07 52.71 -20.19
N GLU C 369 57.04 51.88 -20.04
CA GLU C 369 56.22 51.92 -18.82
C GLU C 369 57.07 51.59 -17.60
N ALA C 370 58.08 50.75 -17.76
CA ALA C 370 59.07 50.40 -16.76
C ALA C 370 60.20 51.42 -16.68
N GLY C 371 60.14 52.51 -17.43
CA GLY C 371 61.23 53.49 -17.42
C GLY C 371 62.59 52.99 -17.89
N VAL C 372 62.62 52.13 -18.92
CA VAL C 372 63.86 51.68 -19.55
C VAL C 372 64.03 52.39 -20.89
N ASP C 373 65.27 52.75 -21.20
CA ASP C 373 65.61 53.38 -22.48
C ASP C 373 65.37 52.43 -23.64
N VAL C 374 64.44 52.77 -24.53
CA VAL C 374 64.09 51.91 -25.67
C VAL C 374 64.07 52.73 -26.95
N THR C 375 64.68 52.17 -28.00
CA THR C 375 64.65 52.71 -29.36
C THR C 375 64.12 51.64 -30.30
N MET C 376 63.18 52.03 -31.15
CA MET C 376 62.64 51.16 -32.20
C MET C 376 63.32 51.47 -33.52
N VAL C 377 63.80 50.44 -34.21
CA VAL C 377 64.46 50.58 -35.52
C VAL C 377 63.53 49.98 -36.56
N GLN C 378 62.92 50.83 -37.39
CA GLN C 378 61.95 50.42 -38.40
C GLN C 378 62.56 50.49 -39.79
N ARG C 379 62.55 49.36 -40.49
CA ARG C 379 62.96 49.31 -41.88
C ARG C 379 61.78 49.27 -42.86
N SER C 380 60.67 48.65 -42.49
CA SER C 380 59.55 48.43 -43.38
C SER C 380 58.29 49.01 -42.76
N SER C 381 57.31 49.31 -43.61
CA SER C 381 56.09 49.97 -43.18
C SER C 381 55.22 49.03 -42.33
N THR C 382 54.34 49.63 -41.53
CA THR C 382 53.41 48.89 -40.69
C THR C 382 52.02 49.48 -40.82
N HIS C 383 51.01 48.63 -40.79
CA HIS C 383 49.64 49.10 -40.75
C HIS C 383 49.21 49.27 -39.30
N ILE C 384 48.77 50.47 -38.96
CA ILE C 384 48.37 50.82 -37.61
C ILE C 384 46.89 51.16 -37.65
N VAL C 385 46.13 50.54 -36.74
CA VAL C 385 44.71 50.80 -36.56
C VAL C 385 44.44 50.98 -35.07
N LYS C 386 43.71 52.03 -34.73
CA LYS C 386 43.28 52.20 -33.35
C LYS C 386 42.24 51.14 -33.02
N SER C 387 42.41 50.50 -31.86
CA SER C 387 41.48 49.48 -31.39
C SER C 387 40.04 49.95 -31.49
N ASP C 388 39.75 51.15 -30.98
CA ASP C 388 38.39 51.66 -31.03
C ASP C 388 37.87 51.69 -32.47
N SER C 389 38.71 52.13 -33.43
CA SER C 389 38.28 52.22 -34.83
C SER C 389 38.10 50.85 -35.46
N LEU C 390 39.00 49.91 -35.18
CA LEU C 390 38.79 48.55 -35.66
C LEU C 390 37.46 47.98 -35.16
N MET C 391 37.18 48.14 -33.87
CA MET C 391 35.96 47.60 -33.25
C MET C 391 34.70 48.18 -33.88
N ASP C 392 34.70 49.48 -34.13
CA ASP C 392 33.49 50.12 -34.62
C ASP C 392 33.33 49.91 -36.13
N LEU C 393 34.34 50.27 -36.91
CA LEU C 393 34.15 50.32 -38.35
C LEU C 393 34.42 49.00 -39.06
N ALA C 394 35.32 48.17 -38.55
CA ALA C 394 35.63 46.95 -39.27
C ALA C 394 34.90 45.74 -38.72
N LEU C 395 34.59 45.72 -37.41
CA LEU C 395 33.87 44.61 -36.79
C LEU C 395 32.43 44.97 -36.39
N GLY C 396 32.07 46.26 -36.40
CA GLY C 396 30.78 46.65 -35.85
C GLY C 396 29.59 46.03 -36.55
N ASP C 397 29.68 45.81 -37.85
CA ASP C 397 28.52 45.30 -38.56
C ASP C 397 28.25 43.84 -38.23
N LEU C 398 29.28 43.08 -37.88
CA LEU C 398 29.11 41.66 -37.72
C LEU C 398 29.26 41.17 -36.29
N TYR C 399 30.08 41.82 -35.47
CA TYR C 399 30.40 41.31 -34.13
C TYR C 399 30.37 42.49 -33.16
N SER C 400 29.19 42.75 -32.63
CA SER C 400 29.00 43.89 -31.73
C SER C 400 27.64 43.73 -31.06
N GLU C 401 27.42 44.53 -30.02
CA GLU C 401 26.10 44.58 -29.43
C GLU C 401 25.06 45.01 -30.45
N ARG C 402 25.41 45.96 -31.33
CA ARG C 402 24.47 46.40 -32.37
C ARG C 402 24.16 45.26 -33.34
N ALA C 403 25.18 44.49 -33.70
CA ALA C 403 24.97 43.34 -34.57
C ALA C 403 23.98 42.36 -33.96
N LEU C 404 24.16 42.04 -32.67
CA LEU C 404 23.31 41.05 -32.00
C LEU C 404 21.89 41.52 -31.93
N ALA C 405 21.68 42.78 -31.58
CA ALA C 405 20.31 43.28 -31.51
C ALA C 405 19.64 43.25 -32.88
N ALA C 406 20.42 43.36 -33.94
CA ALA C 406 19.83 43.26 -35.26
C ALA C 406 19.69 41.83 -35.73
N GLY C 407 20.00 40.85 -34.87
CA GLY C 407 19.87 39.45 -35.23
C GLY C 407 21.10 38.80 -35.82
N MET C 408 22.21 39.52 -35.95
CA MET C 408 23.41 38.91 -36.50
C MET C 408 24.04 38.12 -35.37
N THR C 409 23.64 36.85 -35.26
CA THR C 409 24.22 35.99 -34.25
C THR C 409 25.67 35.66 -34.61
N THR C 410 26.40 35.13 -33.63
CA THR C 410 27.76 34.73 -33.89
C THR C 410 27.83 33.76 -35.07
N ASN C 411 26.89 32.81 -35.15
CA ASN C 411 26.97 31.89 -36.27
C ASN C 411 26.70 32.59 -37.59
N LYS C 412 25.66 33.43 -37.63
CA LYS C 412 25.38 34.14 -38.88
C LYS C 412 26.52 35.07 -39.25
N ALA C 413 27.19 35.67 -38.25
CA ALA C 413 28.34 36.52 -38.55
C ALA C 413 29.44 35.71 -39.20
N ASP C 414 29.77 34.57 -38.62
CA ASP C 414 30.81 33.73 -39.21
C ASP C 414 30.45 33.33 -40.65
N LEU C 415 29.20 32.95 -40.88
CA LEU C 415 28.78 32.53 -42.20
C LEU C 415 28.70 33.71 -43.16
N THR C 416 28.32 34.90 -42.69
CA THR C 416 28.30 36.07 -43.57
C THR C 416 29.72 36.42 -44.03
N PHE C 417 30.67 36.45 -43.09
CA PHE C 417 32.05 36.72 -43.47
C PHE C 417 32.56 35.63 -44.42
N ALA C 418 32.29 34.37 -44.10
CA ALA C 418 32.77 33.29 -44.96
C ALA C 418 32.17 33.32 -46.37
N SER C 419 31.03 33.98 -46.58
CA SER C 419 30.32 34.04 -47.85
C SER C 419 30.89 35.08 -48.82
N ILE C 420 31.89 35.84 -48.42
CA ILE C 420 32.57 36.77 -49.30
C ILE C 420 33.80 36.05 -49.85
N PRO C 421 33.85 35.72 -51.14
CA PRO C 421 35.06 35.08 -51.70
C PRO C 421 36.28 35.94 -51.41
N TYR C 422 37.39 35.27 -51.06
CA TYR C 422 38.59 36.04 -50.75
C TYR C 422 39.00 36.94 -51.90
N LYS C 423 38.63 36.58 -53.14
CA LYS C 423 38.97 37.42 -54.29
C LYS C 423 38.43 38.84 -54.18
N ILE C 424 37.22 39.00 -53.66
CA ILE C 424 36.57 40.31 -53.67
C ILE C 424 36.46 40.93 -52.28
N LEU C 425 36.95 40.24 -51.24
CA LEU C 425 36.90 40.79 -49.89
C LEU C 425 37.63 42.13 -49.82
N ALA C 426 38.81 42.23 -50.44
CA ALA C 426 39.54 43.49 -50.41
C ALA C 426 38.67 44.62 -50.95
N ASN C 427 37.72 44.31 -51.84
CA ASN C 427 36.85 45.36 -52.34
C ASN C 427 35.85 45.80 -51.29
N PHE C 428 35.34 44.84 -50.51
CA PHE C 428 34.50 45.20 -49.37
C PHE C 428 35.29 45.98 -48.32
N GLN C 429 36.57 45.64 -48.17
CA GLN C 429 37.35 46.20 -47.06
C GLN C 429 37.85 47.60 -47.34
N LYS C 430 38.16 47.91 -48.61
CA LYS C 430 38.72 49.21 -48.97
C LYS C 430 37.91 50.38 -48.44
N PRO C 431 36.59 50.45 -48.62
CA PRO C 431 35.86 51.59 -48.05
C PRO C 431 35.91 51.64 -46.54
N VAL C 432 35.98 50.47 -45.90
CA VAL C 432 36.06 50.42 -44.43
C VAL C 432 37.32 51.10 -43.95
N PHE C 433 38.45 50.75 -44.54
CA PHE C 433 39.69 51.30 -44.07
C PHE C 433 39.95 52.69 -44.62
N LYS C 434 39.28 53.09 -45.71
CA LYS C 434 39.31 54.51 -46.06
C LYS C 434 38.63 55.36 -45.00
N ALA C 435 37.49 54.89 -44.48
CA ALA C 435 36.79 55.62 -43.43
C ALA C 435 37.62 55.69 -42.17
N ILE C 436 38.36 54.62 -41.88
CA ILE C 436 39.27 54.61 -40.72
C ILE C 436 40.36 55.67 -40.87
N ARG C 437 40.85 55.88 -42.10
CA ARG C 437 41.88 56.90 -42.30
C ARG C 437 41.31 58.30 -42.14
N GLU C 438 40.10 58.53 -42.65
CA GLU C 438 39.52 59.85 -42.46
C GLU C 438 39.22 60.12 -41.00
N ARG C 439 38.69 59.13 -40.27
CA ARG C 439 38.40 59.31 -38.85
C ARG C 439 39.68 59.58 -38.05
N ASP C 440 40.72 58.78 -38.26
CA ASP C 440 41.93 58.84 -37.47
C ASP C 440 43.04 59.62 -38.17
N ALA C 441 42.69 60.58 -39.03
CA ALA C 441 43.71 61.22 -39.85
C ALA C 441 44.75 61.96 -39.00
N ASP C 442 44.31 62.67 -37.97
CA ASP C 442 45.28 63.41 -37.17
C ASP C 442 46.27 62.47 -36.51
N PHE C 443 45.77 61.34 -35.97
CA PHE C 443 46.62 60.29 -35.40
C PHE C 443 47.67 59.84 -36.41
N TYR C 444 47.25 59.62 -37.66
CA TYR C 444 48.15 59.18 -38.71
C TYR C 444 49.17 60.26 -39.08
N ALA C 445 48.73 61.53 -39.14
CA ALA C 445 49.66 62.59 -39.47
C ALA C 445 50.80 62.66 -38.48
N ARG C 446 50.47 62.56 -37.17
CA ARG C 446 51.49 62.65 -36.14
C ARG C 446 52.44 61.47 -36.18
N LEU C 447 51.95 60.29 -36.56
CA LEU C 447 52.87 59.16 -36.70
C LEU C 447 53.85 59.43 -37.84
N GLU C 448 53.36 60.02 -38.94
CA GLU C 448 54.19 60.33 -40.10
C GLU C 448 55.15 61.49 -39.81
N GLU C 449 54.65 62.56 -39.18
CA GLU C 449 55.50 63.69 -38.82
C GLU C 449 56.68 63.23 -37.98
N ARG C 450 56.48 62.19 -37.18
CA ARG C 450 57.55 61.59 -36.41
C ARG C 450 58.45 60.70 -37.25
N GLY C 451 58.07 60.39 -38.48
CA GLY C 451 58.89 59.53 -39.32
C GLY C 451 58.49 58.07 -39.32
N PHE C 452 57.39 57.70 -38.70
CA PHE C 452 56.96 56.32 -38.73
C PHE C 452 56.43 55.99 -40.13
N MET C 453 56.79 54.81 -40.64
CA MET C 453 56.43 54.40 -42.00
C MET C 453 55.07 53.71 -41.99
N LEU C 454 54.04 54.41 -42.47
CA LEU C 454 52.69 53.87 -42.51
C LEU C 454 52.38 53.18 -43.84
N ASP C 455 51.53 52.15 -43.76
CA ASP C 455 50.87 51.59 -44.93
C ASP C 455 49.48 51.15 -44.54
N PHE C 456 48.72 50.73 -45.54
CA PHE C 456 47.35 50.30 -45.34
C PHE C 456 47.10 49.02 -46.12
N GLY C 457 48.11 48.16 -46.15
CA GLY C 457 48.13 47.01 -47.04
C GLY C 457 48.60 47.41 -48.43
N ASP C 458 49.08 46.43 -49.18
CA ASP C 458 49.70 46.73 -50.49
C ASP C 458 48.71 47.37 -51.45
N ASP C 459 47.43 47.08 -51.29
CA ASP C 459 46.41 47.62 -52.18
C ASP C 459 45.43 48.53 -51.45
N ASP C 460 45.81 49.03 -50.27
CA ASP C 460 44.99 49.91 -49.43
C ASP C 460 43.72 49.24 -48.91
N SER C 461 43.70 47.91 -48.79
CA SER C 461 42.51 47.22 -48.32
C SER C 461 42.52 46.89 -46.81
N GLY C 462 43.62 47.14 -46.11
CA GLY C 462 43.56 47.26 -44.67
C GLY C 462 44.04 46.05 -43.90
N LEU C 463 43.71 46.08 -42.59
CA LEU C 463 44.30 45.17 -41.60
C LEU C 463 43.90 43.72 -41.85
N PHE C 464 42.60 43.49 -42.08
CA PHE C 464 42.10 42.13 -42.26
C PHE C 464 42.79 41.45 -43.41
N MET C 465 42.92 42.14 -44.54
CA MET C 465 43.50 41.53 -45.73
C MET C 465 44.96 41.21 -45.52
N LYS C 466 45.72 42.10 -44.87
CA LYS C 466 47.10 41.75 -44.50
C LYS C 466 47.12 40.49 -43.63
N TYR C 467 46.28 40.45 -42.59
CA TYR C 467 46.19 39.26 -41.75
C TYR C 467 45.90 38.01 -42.58
N LEU C 468 44.93 38.08 -43.50
CA LEU C 468 44.57 36.90 -44.29
C LEU C 468 45.68 36.53 -45.29
N ARG C 469 46.40 37.53 -45.81
CA ARG C 469 47.41 37.30 -46.84
C ARG C 469 48.74 36.84 -46.24
N ARG C 470 49.25 37.55 -45.25
CA ARG C 470 50.56 37.25 -44.69
C ARG C 470 50.55 36.92 -43.20
N GLY C 471 49.43 37.11 -42.50
CA GLY C 471 49.33 36.82 -41.08
C GLY C 471 50.17 37.72 -40.20
N SER C 472 50.56 38.90 -40.68
CA SER C 472 51.47 39.79 -39.97
C SER C 472 51.43 41.17 -40.65
N GLY C 473 52.32 42.06 -40.21
CA GLY C 473 52.43 43.38 -40.76
C GLY C 473 51.52 44.43 -40.19
N TYR C 474 50.99 44.23 -39.00
CA TYR C 474 50.05 45.20 -38.46
C TYR C 474 50.22 45.27 -36.96
N TYR C 475 49.66 46.33 -36.40
CA TYR C 475 49.58 46.49 -34.96
C TYR C 475 48.27 47.19 -34.65
N ILE C 476 47.43 46.56 -33.82
CA ILE C 476 46.23 47.21 -33.30
C ILE C 476 46.64 48.04 -32.10
N ASP C 477 46.51 49.37 -32.19
CA ASP C 477 47.09 50.26 -31.20
C ASP C 477 46.26 50.28 -29.94
N VAL C 478 46.85 49.84 -28.84
CA VAL C 478 46.27 49.87 -27.51
C VAL C 478 47.06 50.77 -26.57
N GLY C 479 48.00 51.55 -27.09
CA GLY C 479 48.76 52.47 -26.26
C GLY C 479 50.17 52.76 -26.73
N ALA C 480 50.72 51.91 -27.61
CA ALA C 480 52.11 52.10 -28.02
C ALA C 480 52.27 53.19 -29.08
N SER C 481 51.34 53.32 -30.02
CA SER C 481 51.55 54.27 -31.11
C SER C 481 51.64 55.71 -30.62
N GLU C 482 50.89 56.06 -29.57
CA GLU C 482 51.00 57.41 -29.04
C GLU C 482 52.37 57.64 -28.42
N LEU C 483 52.92 56.61 -27.77
CA LEU C 483 54.27 56.75 -27.24
C LEU C 483 55.28 56.99 -28.36
N VAL C 484 54.99 56.49 -29.57
CA VAL C 484 55.85 56.71 -30.72
C VAL C 484 55.65 58.11 -31.28
N ALA C 485 54.39 58.55 -31.43
CA ALA C 485 54.13 59.88 -31.96
C ALA C 485 54.71 60.97 -31.08
N GLU C 486 54.69 60.78 -29.77
CA GLU C 486 55.16 61.75 -28.80
C GLU C 486 56.65 61.64 -28.53
N GLY C 487 57.33 60.69 -29.16
CA GLY C 487 58.76 60.50 -29.00
C GLY C 487 59.18 59.72 -27.76
N LYS C 488 58.22 59.30 -26.91
CA LYS C 488 58.56 58.57 -25.68
C LYS C 488 59.25 57.25 -26.01
N ILE C 489 58.75 56.52 -27.02
CA ILE C 489 59.51 55.46 -27.66
C ILE C 489 60.32 56.11 -28.76
N LYS C 490 61.65 56.02 -28.66
CA LYS C 490 62.49 56.62 -29.70
C LYS C 490 62.43 55.79 -30.98
N LEU C 491 62.35 56.49 -32.11
CA LEU C 491 62.22 55.87 -33.42
C LEU C 491 63.39 56.27 -34.31
N LYS C 492 64.00 55.29 -34.95
CA LYS C 492 64.89 55.51 -36.10
C LYS C 492 64.30 54.70 -37.23
N SER C 493 63.69 55.36 -38.21
CA SER C 493 63.09 54.64 -39.31
C SER C 493 63.78 54.98 -40.63
N GLY C 494 63.48 54.19 -41.64
CA GLY C 494 64.06 54.31 -42.96
C GLY C 494 65.46 53.77 -43.13
N VAL C 495 65.95 52.97 -42.18
CA VAL C 495 67.34 52.54 -42.17
C VAL C 495 67.40 51.06 -41.91
N GLY C 496 68.47 50.44 -42.41
CA GLY C 496 68.77 49.07 -42.09
C GLY C 496 69.84 48.99 -41.01
N VAL C 497 70.21 47.76 -40.69
CA VAL C 497 71.28 47.49 -39.76
C VAL C 497 72.56 47.18 -40.56
N GLN C 498 73.60 47.96 -40.31
CA GLN C 498 74.88 47.72 -40.96
C GLN C 498 75.65 46.63 -40.23
N GLU C 499 75.84 46.79 -38.92
CA GLU C 499 76.57 45.81 -38.12
C GLU C 499 76.33 46.06 -36.64
N LEU C 500 76.61 45.04 -35.85
CA LEU C 500 76.72 45.20 -34.41
C LEU C 500 78.20 45.31 -34.06
N LYS C 501 78.54 46.36 -33.34
CA LYS C 501 79.87 46.51 -32.76
C LYS C 501 79.84 45.93 -31.35
N SER C 502 80.85 46.23 -30.54
CA SER C 502 81.02 45.58 -29.25
C SER C 502 79.93 45.99 -28.25
N HIS C 503 79.51 47.25 -28.27
CA HIS C 503 78.48 47.70 -27.34
C HIS C 503 77.41 48.54 -28.02
N SER C 504 77.27 48.41 -29.33
CA SER C 504 76.37 49.26 -30.10
C SER C 504 75.86 48.49 -31.31
N ILE C 505 74.82 49.04 -31.93
CA ILE C 505 74.35 48.57 -33.23
C ILE C 505 74.37 49.76 -34.18
N VAL C 506 74.98 49.59 -35.34
CA VAL C 506 75.22 50.68 -36.27
C VAL C 506 74.23 50.54 -37.42
N LEU C 507 73.49 51.61 -37.71
CA LEU C 507 72.45 51.57 -38.73
C LEU C 507 73.03 51.99 -40.08
N SER C 508 72.29 51.70 -41.15
CA SER C 508 72.86 51.89 -42.49
C SER C 508 73.10 53.34 -42.84
N ASP C 509 72.55 54.29 -42.08
CA ASP C 509 72.86 55.69 -42.30
C ASP C 509 74.06 56.15 -41.48
N GLY C 510 74.74 55.22 -40.81
CA GLY C 510 75.87 55.54 -39.96
C GLY C 510 75.53 55.75 -38.50
N THR C 511 74.25 55.87 -38.15
CA THR C 511 73.88 56.08 -36.75
C THR C 511 74.32 54.89 -35.91
N GLU C 512 74.90 55.19 -34.75
CA GLU C 512 75.35 54.19 -33.80
C GLU C 512 74.52 54.29 -32.53
N LEU C 513 73.74 53.25 -32.25
CA LEU C 513 72.91 53.20 -31.05
C LEU C 513 73.59 52.33 -30.02
N PRO C 514 73.88 52.83 -28.82
CA PRO C 514 74.39 51.94 -27.78
C PRO C 514 73.29 50.99 -27.35
N ALA C 515 73.68 49.76 -27.07
CA ALA C 515 72.69 48.74 -26.75
C ALA C 515 73.28 47.75 -25.77
N ASP C 516 72.61 47.57 -24.63
CA ASP C 516 72.86 46.43 -23.75
C ASP C 516 72.05 45.22 -24.17
N LEU C 517 70.86 45.44 -24.72
CA LEU C 517 69.95 44.40 -25.17
C LEU C 517 69.46 44.78 -26.54
N VAL C 518 69.52 43.84 -27.48
CA VAL C 518 68.93 44.00 -28.80
C VAL C 518 67.83 42.94 -28.96
N VAL C 519 66.59 43.40 -29.13
CA VAL C 519 65.47 42.53 -29.43
C VAL C 519 65.22 42.55 -30.94
N TYR C 520 65.20 41.37 -31.57
CA TYR C 520 64.87 41.23 -32.99
C TYR C 520 63.39 40.86 -33.12
N ALA C 521 62.57 41.87 -33.41
CA ALA C 521 61.13 41.70 -33.64
C ALA C 521 60.87 41.46 -35.13
N THR C 522 61.38 40.33 -35.62
CA THR C 522 61.48 40.06 -37.04
C THR C 522 60.53 38.97 -37.52
N GLY C 523 59.50 38.65 -36.73
CA GLY C 523 58.45 37.73 -37.14
C GLY C 523 58.88 36.28 -37.18
N TYR C 524 58.02 35.48 -37.81
CA TYR C 524 58.07 34.02 -37.82
C TYR C 524 57.77 33.53 -39.22
N GLY C 525 58.32 32.37 -39.56
CA GLY C 525 57.94 31.70 -40.79
C GLY C 525 56.58 31.03 -40.66
N SER C 526 56.24 30.24 -41.67
CA SER C 526 54.91 29.64 -41.69
C SER C 526 54.90 28.33 -40.91
N MET C 527 53.67 27.87 -40.60
CA MET C 527 53.45 26.62 -39.87
C MET C 527 54.17 25.42 -40.48
N ASN C 528 54.55 25.51 -41.74
CA ASN C 528 55.30 24.48 -42.41
C ASN C 528 56.55 24.10 -41.63
N GLY C 529 57.12 25.05 -40.89
CA GLY C 529 58.25 24.75 -40.02
C GLY C 529 57.96 23.74 -38.93
N TRP C 530 56.72 23.72 -38.40
CA TRP C 530 56.35 22.70 -37.42
C TRP C 530 56.43 21.31 -38.04
N ALA C 531 55.91 21.15 -39.25
CA ALA C 531 55.97 19.84 -39.90
C ALA C 531 57.43 19.42 -40.19
N ALA C 532 58.26 20.39 -40.60
CA ALA C 532 59.67 20.09 -40.87
C ALA C 532 60.38 19.55 -39.62
N ASP C 533 60.06 20.13 -38.47
CA ASP C 533 60.70 19.83 -37.20
C ASP C 533 60.14 18.58 -36.52
N LEU C 534 58.89 18.20 -36.79
CA LEU C 534 58.24 17.10 -36.12
C LEU C 534 58.07 15.87 -36.98
N ILE C 535 57.95 16.04 -38.28
CA ILE C 535 57.76 14.91 -39.17
C ILE C 535 59.07 14.69 -39.93
N SER C 536 59.32 15.50 -40.95
CA SER C 536 60.57 15.51 -41.70
C SER C 536 60.57 16.73 -42.62
N PRO C 537 61.74 17.20 -43.03
CA PRO C 537 61.78 18.24 -44.06
C PRO C 537 61.17 17.80 -45.38
N GLU C 538 61.26 16.50 -45.69
CA GLU C 538 60.66 16.01 -46.93
C GLU C 538 59.15 16.16 -46.91
N VAL C 539 58.53 15.81 -45.78
CA VAL C 539 57.09 16.01 -45.61
C VAL C 539 56.74 17.49 -45.61
N ALA C 540 57.55 18.31 -44.96
CA ALA C 540 57.32 19.75 -45.01
C ALA C 540 57.28 20.26 -46.45
N ASN C 541 58.17 19.74 -47.30
CA ASN C 541 58.17 20.11 -48.72
C ASN C 541 56.92 19.61 -49.44
N LYS C 542 56.45 18.40 -49.13
CA LYS C 542 55.22 17.92 -49.77
C LYS C 542 54.09 18.88 -49.49
N VAL C 543 54.03 19.37 -48.25
CA VAL C 543 52.93 20.20 -47.79
C VAL C 543 53.05 21.62 -48.33
N GLY C 544 54.21 22.22 -48.21
CA GLY C 544 54.42 23.58 -48.68
C GLY C 544 54.04 24.64 -47.67
N LYS C 545 54.15 25.89 -48.13
CA LYS C 545 53.84 27.04 -47.28
C LYS C 545 52.44 26.90 -46.70
N VAL C 546 52.30 27.25 -45.44
CA VAL C 546 51.00 27.28 -44.77
C VAL C 546 50.59 28.74 -44.65
N TRP C 547 49.28 28.99 -44.79
CA TRP C 547 48.67 30.32 -44.68
C TRP C 547 48.87 31.15 -45.95
N GLY C 548 48.07 32.19 -46.11
CA GLY C 548 48.17 33.01 -47.28
C GLY C 548 47.17 32.61 -48.36
N LEU C 549 46.91 33.55 -49.27
CA LEU C 549 45.93 33.40 -50.33
C LEU C 549 46.54 33.23 -51.70
N GLY C 550 47.82 33.55 -51.86
CA GLY C 550 48.42 33.64 -53.18
C GLY C 550 48.10 34.94 -53.87
N SER C 551 48.00 36.03 -53.11
CA SER C 551 47.56 37.32 -53.63
C SER C 551 48.66 38.09 -54.35
N ALA C 552 49.88 37.56 -54.44
CA ALA C 552 51.01 38.29 -55.00
C ALA C 552 51.17 39.64 -54.31
N THR C 553 51.20 39.63 -52.98
CA THR C 553 51.52 40.84 -52.23
C THR C 553 52.65 40.52 -51.28
N THR C 554 52.99 41.45 -50.42
CA THR C 554 54.13 41.23 -49.55
C THR C 554 53.90 40.00 -48.68
N LYS C 555 54.90 39.10 -48.69
CA LYS C 555 54.95 37.88 -47.90
C LYS C 555 53.85 36.89 -48.24
N ASP C 556 53.11 37.15 -49.34
CA ASP C 556 52.09 36.24 -49.87
C ASP C 556 52.27 36.16 -51.39
N PRO C 557 53.22 35.35 -51.85
CA PRO C 557 53.49 35.28 -53.29
C PRO C 557 52.36 34.59 -54.04
N GLY C 558 52.17 35.00 -55.32
CA GLY C 558 51.32 34.30 -56.25
C GLY C 558 51.90 32.96 -56.63
N PRO C 559 51.15 32.20 -57.45
CA PRO C 559 49.82 32.50 -57.99
C PRO C 559 48.63 32.29 -57.02
N TRP C 560 47.47 32.76 -57.46
CA TRP C 560 46.27 32.79 -56.66
C TRP C 560 45.81 31.39 -56.33
N GLU C 561 45.51 31.17 -55.04
CA GLU C 561 44.97 29.92 -54.56
C GLU C 561 43.54 30.07 -54.08
N GLY C 562 43.19 31.21 -53.46
CA GLY C 562 41.83 31.54 -53.09
C GLY C 562 41.36 31.03 -51.73
N GLU C 563 42.12 30.14 -51.08
CA GLU C 563 41.87 29.66 -49.73
C GLU C 563 43.19 29.58 -48.99
N GLN C 564 43.12 29.72 -47.68
CA GLN C 564 44.29 29.64 -46.80
C GLN C 564 45.12 28.38 -47.07
N ARG C 565 46.41 28.58 -47.31
CA ARG C 565 47.25 27.45 -47.64
C ARG C 565 47.26 26.44 -46.50
N ASN C 566 46.79 25.22 -46.79
CA ASN C 566 46.86 24.01 -45.96
C ASN C 566 46.02 24.06 -44.67
N MET C 567 45.08 24.99 -44.53
CA MET C 567 44.33 25.16 -43.29
C MET C 567 42.99 24.44 -43.38
N TRP C 568 42.73 23.56 -42.42
CA TRP C 568 41.40 22.99 -42.19
C TRP C 568 40.91 22.14 -43.36
N LYS C 569 41.82 21.47 -44.07
CA LYS C 569 41.44 20.82 -45.31
C LYS C 569 42.53 19.84 -45.72
N PRO C 570 42.29 18.98 -46.72
CA PRO C 570 43.33 18.03 -47.12
C PRO C 570 44.60 18.72 -47.55
N THR C 571 45.72 18.13 -47.16
CA THR C 571 47.04 18.56 -47.60
C THR C 571 47.62 17.50 -48.54
N GLN C 572 48.76 17.83 -49.15
CA GLN C 572 49.47 16.87 -49.99
C GLN C 572 50.11 15.75 -49.19
N GLN C 573 50.21 15.88 -47.87
CA GLN C 573 50.65 14.77 -47.03
C GLN C 573 49.39 14.06 -46.53
N GLN C 574 49.32 12.77 -46.79
CA GLN C 574 48.10 12.04 -46.48
C GLN C 574 47.91 11.98 -44.97
N ALA C 575 46.67 12.23 -44.53
CA ALA C 575 46.25 12.14 -43.13
C ALA C 575 46.99 13.11 -42.23
N LEU C 576 47.52 14.21 -42.78
CA LEU C 576 48.11 15.31 -42.02
C LEU C 576 47.25 16.55 -42.23
N TRP C 577 46.95 17.26 -41.13
CA TRP C 577 46.04 18.41 -41.16
C TRP C 577 46.65 19.54 -40.34
N PHE C 578 46.22 20.75 -40.66
CA PHE C 578 46.63 21.95 -39.94
C PHE C 578 45.38 22.66 -39.43
N HIS C 579 45.36 22.98 -38.13
CA HIS C 579 44.30 23.76 -37.51
C HIS C 579 44.91 24.94 -36.78
N GLY C 580 44.20 26.06 -36.81
CA GLY C 580 44.71 27.28 -36.19
C GLY C 580 43.91 28.47 -36.68
N GLY C 581 44.50 29.65 -36.50
CA GLY C 581 43.84 30.89 -36.82
C GLY C 581 43.57 31.71 -35.57
N ASN C 582 42.83 32.81 -35.75
CA ASN C 582 42.43 33.57 -34.59
C ASN C 582 41.22 32.88 -33.96
N LEU C 583 40.69 33.44 -32.85
CA LEU C 583 39.60 32.76 -32.14
C LEU C 583 38.38 32.59 -33.05
N HIS C 584 38.12 33.57 -33.90
CA HIS C 584 37.03 33.47 -34.86
C HIS C 584 37.25 32.31 -35.83
N GLN C 585 38.36 32.33 -36.55
CA GLN C 585 38.60 31.28 -37.52
C GLN C 585 38.71 29.92 -36.86
N SER C 586 39.24 29.84 -35.64
CA SER C 586 39.32 28.56 -34.96
C SER C 586 37.92 28.06 -34.59
N ARG C 587 37.07 28.95 -34.07
CA ARG C 587 35.69 28.55 -33.79
C ARG C 587 35.02 28.00 -35.04
N HIS C 588 35.06 28.76 -36.14
CA HIS C 588 34.27 28.39 -37.30
C HIS C 588 34.87 27.21 -38.07
N TYR C 589 36.14 27.30 -38.46
CA TYR C 589 36.70 26.26 -39.31
C TYR C 589 37.04 24.97 -38.56
N SER C 590 37.07 24.97 -37.22
CA SER C 590 37.16 23.68 -36.52
C SER C 590 35.93 22.82 -36.81
N GLN C 591 34.80 23.43 -37.15
CA GLN C 591 33.64 22.66 -37.53
C GLN C 591 33.89 21.83 -38.79
N TYR C 592 34.38 22.48 -39.86
CA TYR C 592 34.60 21.79 -41.13
C TYR C 592 35.80 20.83 -41.08
N LEU C 593 36.82 21.14 -40.27
CA LEU C 593 37.90 20.18 -40.08
C LEU C 593 37.40 18.94 -39.33
N SER C 594 36.63 19.14 -38.24
CA SER C 594 36.18 17.97 -37.47
C SER C 594 35.23 17.10 -38.29
N LEU C 595 34.34 17.73 -39.06
CA LEU C 595 33.43 16.97 -39.94
C LEU C 595 34.19 16.17 -40.99
N GLN C 596 35.31 16.69 -41.49
CA GLN C 596 36.12 15.90 -42.41
C GLN C 596 36.83 14.75 -41.70
N LEU C 597 37.33 14.99 -40.47
CA LEU C 597 37.96 13.91 -39.72
C LEU C 597 36.95 12.84 -39.34
N LYS C 598 35.76 13.26 -38.92
CA LYS C 598 34.71 12.31 -38.57
C LYS C 598 34.29 11.51 -39.79
N ALA C 599 34.08 12.17 -40.93
CA ALA C 599 33.63 11.47 -42.13
C ALA C 599 34.60 10.34 -42.50
N ARG C 600 35.90 10.60 -42.37
CA ARG C 600 36.85 9.55 -42.68
C ARG C 600 36.84 8.46 -41.61
N MET C 601 36.63 8.83 -40.34
CA MET C 601 36.47 7.80 -39.31
C MET C 601 35.29 6.87 -39.62
N GLU C 602 34.20 7.42 -40.14
CA GLU C 602 33.08 6.56 -40.46
C GLU C 602 33.23 5.84 -41.78
N GLY C 603 34.37 5.99 -42.46
CA GLY C 603 34.53 5.26 -43.69
C GLY C 603 33.64 5.76 -44.79
N LEU C 604 33.26 7.03 -44.77
CA LEU C 604 32.48 7.61 -45.84
C LEU C 604 33.34 7.78 -47.08
N ASN C 605 32.66 7.88 -48.23
CA ASN C 605 33.34 8.29 -49.44
C ASN C 605 33.52 9.80 -49.40
N THR C 606 34.78 10.26 -49.46
CA THR C 606 35.10 11.69 -49.43
C THR C 606 36.00 12.02 -50.61
N PRO C 607 35.43 12.17 -51.81
CA PRO C 607 36.25 12.51 -52.99
C PRO C 607 36.59 14.00 -53.09
N VAL C 608 37.81 14.37 -52.70
CA VAL C 608 38.23 15.76 -52.69
C VAL C 608 38.32 16.32 -54.10
N TYR C 609 37.69 17.46 -54.33
CA TYR C 609 37.78 18.15 -55.60
C TYR C 609 38.76 19.32 -55.52
N GLY C 610 39.64 19.42 -56.49
CA GLY C 610 40.48 20.59 -56.63
C GLY C 610 41.54 20.69 -55.57
N GLN C 611 42.02 19.56 -55.08
CA GLN C 611 43.07 19.57 -54.09
C GLN C 611 44.22 20.46 -54.53
N GLN C 612 44.57 21.42 -53.69
CA GLN C 612 45.47 22.51 -54.06
C GLN C 612 46.90 22.03 -54.31
N GLU C 613 47.46 22.38 -55.47
CA GLU C 613 48.83 22.03 -55.79
C GLU C 613 49.80 22.98 -55.09
N VAL C 614 50.95 22.45 -54.68
CA VAL C 614 51.91 23.25 -53.92
C VAL C 614 52.72 24.13 -54.86
N HIS C 615 52.76 25.42 -54.58
CA HIS C 615 53.56 26.35 -55.37
C HIS C 615 54.74 26.95 -54.60
N HIS C 616 54.90 26.66 -53.31
CA HIS C 616 56.01 27.22 -52.55
C HIS C 616 56.40 26.21 -51.47
N LEU C 617 57.68 25.87 -51.37
CA LEU C 617 58.07 24.88 -50.37
C LEU C 617 58.01 25.46 -48.97
N SER C 618 57.91 26.77 -48.85
CA SER C 618 57.82 27.45 -47.56
C SER C 618 57.39 28.89 -47.88
N ASN D 22 -5.43 -10.37 43.10
CA ASN D 22 -4.12 -10.57 42.49
C ASN D 22 -3.64 -9.27 41.83
N PRO D 23 -2.31 -9.07 41.82
CA PRO D 23 -1.75 -7.77 41.41
C PRO D 23 -1.87 -7.47 39.94
N HIS D 24 -2.13 -8.48 39.09
CA HIS D 24 -2.29 -8.17 37.67
C HIS D 24 -3.63 -7.50 37.43
N ASP D 25 -4.64 -7.82 38.25
CA ASP D 25 -5.93 -7.15 38.16
C ASP D 25 -5.77 -5.64 38.29
N LEU D 26 -4.90 -5.21 39.22
CA LEU D 26 -4.69 -3.79 39.48
C LEU D 26 -4.03 -3.09 38.31
N ALA D 27 -2.96 -3.68 37.76
CA ALA D 27 -2.29 -3.07 36.61
C ALA D 27 -3.30 -2.80 35.49
N VAL D 28 -4.08 -3.83 35.12
CA VAL D 28 -5.02 -3.72 34.01
C VAL D 28 -6.16 -2.78 34.36
N ALA D 29 -6.68 -2.85 35.58
CA ALA D 29 -7.81 -2.00 35.93
C ALA D 29 -7.42 -0.53 35.88
N GLY D 30 -6.18 -0.23 36.27
CA GLY D 30 -5.70 1.15 36.21
C GLY D 30 -5.52 1.68 34.80
N ILE D 31 -4.97 0.85 33.89
CA ILE D 31 -4.92 1.20 32.47
C ILE D 31 -6.31 1.47 31.92
N LEU D 32 -7.27 0.59 32.26
CA LEU D 32 -8.64 0.76 31.80
C LEU D 32 -9.26 2.02 32.36
N GLU D 33 -8.90 2.37 33.60
CA GLU D 33 -9.49 3.53 34.24
C GLU D 33 -9.02 4.82 33.57
N GLN D 34 -7.75 4.88 33.19
CA GLN D 34 -7.25 6.01 32.42
C GLN D 34 -7.94 6.11 31.07
N LEU D 35 -8.06 4.97 30.36
CA LEU D 35 -8.73 4.95 29.07
C LEU D 35 -10.15 5.47 29.16
N GLU D 36 -10.90 4.99 30.15
CA GLU D 36 -12.28 5.44 30.33
C GLU D 36 -12.33 6.93 30.66
N GLY D 37 -11.36 7.40 31.42
CA GLY D 37 -11.29 8.83 31.73
C GLY D 37 -11.13 9.69 30.49
N CYS D 38 -10.18 9.30 29.62
CA CYS D 38 -9.98 10.02 28.37
C CYS D 38 -11.23 10.01 27.52
N LEU D 39 -11.93 8.87 27.47
CA LEU D 39 -13.13 8.77 26.65
C LEU D 39 -14.22 9.66 27.22
N ARG D 40 -14.38 9.70 28.55
CA ARG D 40 -15.34 10.61 29.16
C ARG D 40 -15.01 12.06 28.81
N ALA D 41 -13.73 12.40 28.80
CA ALA D 41 -13.29 13.75 28.50
C ALA D 41 -13.27 14.06 27.00
N SER D 42 -13.71 13.13 26.15
CA SER D 42 -13.61 13.27 24.70
C SER D 42 -12.18 13.59 24.27
N ASP D 43 -11.21 12.92 24.90
CA ASP D 43 -9.80 13.18 24.62
C ASP D 43 -9.27 12.08 23.70
N SER D 44 -9.54 12.26 22.40
CA SER D 44 -9.15 11.25 21.43
C SER D 44 -7.65 11.05 21.41
N THR D 45 -6.90 12.15 21.35
CA THR D 45 -5.45 12.04 21.28
C THR D 45 -4.90 11.39 22.54
N GLY D 46 -5.47 11.73 23.70
CA GLY D 46 -5.02 11.15 24.94
C GLY D 46 -5.30 9.67 25.07
N ALA D 47 -6.50 9.23 24.65
CA ALA D 47 -6.78 7.79 24.65
C ALA D 47 -5.78 7.04 23.78
N ALA D 48 -5.54 7.55 22.57
CA ALA D 48 -4.55 6.92 21.70
C ALA D 48 -3.16 6.90 22.34
N GLN D 49 -2.87 7.92 23.15
CA GLN D 49 -1.58 7.98 23.81
C GLN D 49 -1.36 6.81 24.77
N LEU D 50 -2.43 6.16 25.23
CA LEU D 50 -2.31 5.00 26.10
C LEU D 50 -1.91 3.73 25.35
N PHE D 51 -2.01 3.72 24.03
CA PHE D 51 -1.58 2.60 23.21
C PHE D 51 -0.10 2.70 22.86
N GLU D 52 0.50 1.55 22.58
CA GLU D 52 1.78 1.54 21.87
C GLU D 52 1.69 2.41 20.62
N PRO D 53 2.80 3.01 20.18
CA PRO D 53 2.74 3.84 18.96
C PRO D 53 2.11 3.14 17.75
N ASP D 54 2.30 1.83 17.62
CA ASP D 54 1.71 1.07 16.53
C ASP D 54 0.68 0.06 17.01
N GLY D 55 0.08 0.28 18.19
CA GLY D 55 -0.87 -0.66 18.74
C GLY D 55 -2.15 -0.75 17.92
N TYR D 56 -2.98 -1.71 18.30
CA TYR D 56 -4.16 -2.10 17.55
C TYR D 56 -5.42 -1.96 18.36
N TRP D 57 -6.46 -1.42 17.73
CA TRP D 57 -7.80 -1.43 18.29
C TRP D 57 -8.69 -2.05 17.22
N ARG D 58 -9.10 -3.31 17.45
CA ARG D 58 -10.03 -3.99 16.55
C ARG D 58 -11.42 -3.83 17.15
N ASP D 59 -12.33 -3.26 16.38
CA ASP D 59 -13.69 -3.03 16.82
C ASP D 59 -14.63 -3.83 15.95
N LEU D 60 -15.56 -4.54 16.58
CA LEU D 60 -16.59 -5.29 15.87
C LEU D 60 -17.90 -4.61 16.26
N VAL D 61 -18.27 -3.61 15.46
CA VAL D 61 -19.54 -2.86 15.51
C VAL D 61 -19.60 -1.79 16.61
N LEU D 62 -19.13 -2.11 17.83
CA LEU D 62 -19.53 -1.32 19.01
C LEU D 62 -19.13 0.15 18.92
N PHE D 63 -17.93 0.45 18.42
CA PHE D 63 -17.51 1.84 18.29
C PHE D 63 -17.64 2.38 16.88
N THR D 64 -17.57 1.52 15.89
CA THR D 64 -17.42 1.94 14.51
C THR D 64 -18.65 1.69 13.64
N TRP D 65 -19.67 1.00 14.15
CA TRP D 65 -20.76 0.49 13.33
C TRP D 65 -20.21 -0.15 12.06
N ASN D 66 -19.17 -0.96 12.27
CA ASN D 66 -18.37 -1.46 11.18
C ASN D 66 -17.51 -2.57 11.75
N LEU D 67 -16.87 -3.33 10.89
CA LEU D 67 -15.76 -4.18 11.30
C LEU D 67 -14.49 -3.44 10.85
N LYS D 68 -13.76 -2.88 11.81
CA LYS D 68 -12.65 -1.99 11.48
C LYS D 68 -11.53 -2.16 12.49
N THR D 69 -10.32 -2.34 11.98
CA THR D 69 -9.12 -2.37 12.81
C THR D 69 -8.37 -1.06 12.65
N LEU D 70 -8.26 -0.31 13.72
CA LEU D 70 -7.49 0.92 13.72
C LEU D 70 -6.06 0.57 14.09
N GLU D 71 -5.12 0.89 13.19
CA GLU D 71 -3.72 0.50 13.33
C GLU D 71 -2.90 1.76 13.62
N GLY D 72 -2.34 1.83 14.82
CA GLY D 72 -1.49 2.94 15.21
C GLY D 72 -2.26 4.09 15.85
N ARG D 73 -1.52 4.90 16.63
CA ARG D 73 -2.13 5.97 17.44
C ARG D 73 -2.93 6.96 16.62
N GLU D 74 -2.51 7.24 15.38
CA GLU D 74 -3.20 8.25 14.57
C GLU D 74 -4.55 7.75 14.09
N GLN D 75 -4.64 6.47 13.69
CA GLN D 75 -5.93 5.90 13.33
C GLN D 75 -6.86 5.80 14.54
N ILE D 76 -6.33 5.36 15.68
CA ILE D 76 -7.13 5.29 16.90
C ILE D 76 -7.67 6.66 17.25
N ALA D 77 -6.80 7.67 17.22
CA ALA D 77 -7.23 9.02 17.58
C ALA D 77 -8.30 9.54 16.64
N ALA D 78 -8.14 9.29 15.34
CA ALA D 78 -9.10 9.77 14.36
C ALA D 78 -10.45 9.10 14.52
N MET D 79 -10.43 7.79 14.86
CA MET D 79 -11.67 7.07 15.13
C MET D 79 -12.39 7.66 16.32
N LEU D 80 -11.67 7.80 17.44
CA LEU D 80 -12.30 8.31 18.65
C LEU D 80 -12.80 9.73 18.46
N ALA D 81 -12.03 10.55 17.73
CA ALA D 81 -12.43 11.93 17.48
C ALA D 81 -13.74 12.02 16.71
N ALA D 82 -14.00 11.06 15.82
CA ALA D 82 -15.25 11.04 15.06
C ALA D 82 -16.40 10.33 15.80
N GLN D 83 -16.09 9.35 16.64
CA GLN D 83 -17.11 8.46 17.15
C GLN D 83 -17.51 8.76 18.59
N LEU D 84 -16.65 9.40 19.39
CA LEU D 84 -16.86 9.43 20.83
C LEU D 84 -18.16 10.09 21.22
N GLY D 85 -18.55 11.15 20.51
CA GLY D 85 -19.78 11.86 20.85
C GLY D 85 -21.01 10.99 20.65
N ALA D 86 -20.92 10.01 19.76
CA ALA D 86 -22.04 9.16 19.40
C ALA D 86 -22.19 7.95 20.33
N VAL D 87 -21.20 7.64 21.16
CA VAL D 87 -21.22 6.46 22.02
C VAL D 87 -21.10 6.79 23.50
N GLN D 88 -20.96 8.06 23.88
CA GLN D 88 -20.86 8.35 25.31
C GLN D 88 -22.25 8.26 25.95
N PRO D 89 -22.34 7.81 27.22
CA PRO D 89 -21.21 7.44 28.09
C PRO D 89 -20.66 6.01 27.90
N VAL D 90 -19.32 5.89 27.93
CA VAL D 90 -18.60 4.65 27.69
C VAL D 90 -18.06 4.09 28.99
N SER D 91 -18.29 2.81 29.26
CA SER D 91 -17.68 2.11 30.37
C SER D 91 -16.75 1.06 29.83
N ILE D 92 -15.64 0.86 30.52
CA ILE D 92 -14.73 -0.22 30.17
C ILE D 92 -14.04 -0.66 31.46
N ARG D 93 -14.12 -1.96 31.72
CA ARG D 93 -13.61 -2.51 32.96
C ARG D 93 -13.33 -3.98 32.74
N ILE D 94 -12.55 -4.58 33.65
CA ILE D 94 -12.33 -6.02 33.60
C ILE D 94 -13.67 -6.73 33.67
N ALA D 95 -13.81 -7.81 32.91
CA ALA D 95 -15.07 -8.51 32.85
C ALA D 95 -15.32 -9.26 34.14
N ASP D 96 -16.57 -9.23 34.59
CA ASP D 96 -17.00 -9.93 35.79
C ASP D 96 -16.59 -11.39 35.76
N GLY D 97 -16.01 -11.86 36.86
CA GLY D 97 -15.60 -13.24 37.01
C GLY D 97 -14.29 -13.58 36.34
N GLU D 98 -13.59 -12.60 35.78
CA GLU D 98 -12.35 -12.81 35.06
C GLU D 98 -11.21 -12.07 35.72
N HIS D 99 -9.98 -12.53 35.49
CA HIS D 99 -8.83 -11.88 36.08
C HIS D 99 -7.72 -11.67 35.04
N ALA D 100 -6.90 -10.67 35.30
CA ALA D 100 -5.76 -10.45 34.45
C ALA D 100 -4.74 -11.56 34.66
N VAL D 101 -3.96 -11.85 33.63
CA VAL D 101 -2.87 -12.80 33.70
C VAL D 101 -1.67 -12.22 32.98
N GLU D 102 -0.47 -12.68 33.35
CA GLU D 102 0.75 -12.17 32.74
C GLU D 102 1.64 -13.34 32.36
N ALA D 103 1.99 -13.41 31.09
CA ALA D 103 2.89 -14.44 30.56
C ALA D 103 3.70 -13.79 29.46
N GLY D 104 4.98 -14.15 29.40
CA GLY D 104 5.90 -13.65 28.39
C GLY D 104 5.99 -12.14 28.31
N GLY D 105 5.74 -11.46 29.42
CA GLY D 105 5.75 -10.01 29.44
C GLY D 105 4.47 -9.37 28.94
N VAL D 106 3.42 -10.16 28.70
CA VAL D 106 2.15 -9.64 28.19
C VAL D 106 1.08 -9.75 29.26
N LEU D 107 0.45 -8.61 29.56
CA LEU D 107 -0.70 -8.55 30.46
C LEU D 107 -1.98 -8.63 29.65
N GLN D 108 -2.84 -9.60 29.97
CA GLN D 108 -4.04 -9.86 29.21
C GLN D 108 -5.25 -9.92 30.13
N SER D 109 -6.42 -9.52 29.60
CA SER D 109 -7.64 -9.70 30.38
C SER D 109 -8.87 -9.59 29.51
N TRP D 110 -9.83 -10.49 29.75
CA TRP D 110 -11.17 -10.25 29.26
C TRP D 110 -11.72 -8.97 29.85
N ILE D 111 -12.46 -8.23 29.03
CA ILE D 111 -13.04 -6.98 29.48
C ILE D 111 -14.51 -6.93 29.05
N THR D 112 -15.22 -5.98 29.65
CA THR D 112 -16.59 -5.65 29.35
C THR D 112 -16.67 -4.18 28.99
N VAL D 113 -17.40 -3.86 27.92
CA VAL D 113 -17.45 -2.50 27.38
C VAL D 113 -18.89 -2.16 27.04
N GLU D 114 -19.37 -1.00 27.47
CA GLU D 114 -20.75 -0.53 27.25
C GLU D 114 -20.72 0.84 26.59
N THR D 115 -21.65 1.09 25.69
CA THR D 115 -21.86 2.43 25.16
C THR D 115 -23.25 2.89 25.57
N ASN D 116 -23.68 4.06 25.09
CA ASN D 116 -25.02 4.51 25.48
C ASN D 116 -26.13 3.65 24.88
N VAL D 117 -25.86 2.83 23.85
CA VAL D 117 -26.89 1.99 23.25
C VAL D 117 -26.54 0.50 23.25
N ALA D 118 -25.34 0.10 23.67
CA ALA D 118 -24.97 -1.30 23.52
C ALA D 118 -23.96 -1.73 24.60
N ARG D 119 -23.75 -3.04 24.69
CA ARG D 119 -22.75 -3.66 25.55
C ARG D 119 -22.01 -4.72 24.74
N GLY D 120 -20.84 -5.12 25.22
CA GLY D 120 -20.15 -6.25 24.62
C GLY D 120 -18.93 -6.67 25.41
N VAL D 121 -18.40 -7.82 25.07
CA VAL D 121 -17.18 -8.33 25.67
C VAL D 121 -15.98 -7.87 24.86
N GLY D 122 -14.81 -7.86 25.51
CA GLY D 122 -13.61 -7.47 24.81
C GLY D 122 -12.37 -8.15 25.35
N PHE D 123 -11.22 -7.77 24.78
CA PHE D 123 -9.96 -8.36 25.21
C PHE D 123 -8.87 -7.32 25.07
N ILE D 124 -7.95 -7.29 26.02
CA ILE D 124 -6.91 -6.28 26.04
C ILE D 124 -5.57 -6.95 26.32
N ARG D 125 -4.55 -6.56 25.58
CA ARG D 125 -3.17 -6.96 25.82
C ARG D 125 -2.34 -5.71 26.10
N ILE D 126 -1.53 -5.76 27.17
CA ILE D 126 -0.75 -4.62 27.64
C ILE D 126 0.71 -5.07 27.71
N ARG D 127 1.62 -4.20 27.26
CA ARG D 127 3.05 -4.46 27.38
C ARG D 127 3.72 -3.18 27.86
N ASP D 128 4.51 -3.30 28.95
CA ASP D 128 5.20 -2.17 29.57
C ASP D 128 4.24 -1.00 29.82
N GLY D 129 3.07 -1.31 30.37
CA GLY D 129 2.11 -0.25 30.71
C GLY D 129 1.45 0.42 29.53
N LYS D 130 1.62 -0.10 28.32
CA LYS D 130 1.05 0.44 27.09
C LYS D 130 0.14 -0.58 26.44
N ILE D 131 -1.01 -0.15 25.94
CA ILE D 131 -1.92 -1.09 25.28
C ILE D 131 -1.31 -1.53 23.96
N TRP D 132 -1.02 -2.82 23.85
CA TRP D 132 -0.62 -3.43 22.59
C TRP D 132 -1.84 -3.72 21.67
N THR D 133 -2.86 -4.44 22.17
CA THR D 133 -4.07 -4.73 21.39
C THR D 133 -5.32 -4.55 22.25
N LEU D 134 -6.34 -3.96 21.65
CA LEU D 134 -7.66 -3.85 22.27
C LEU D 134 -8.67 -4.45 21.30
N LEU D 135 -9.50 -5.36 21.80
CA LEU D 135 -10.64 -5.90 21.07
C LEU D 135 -11.90 -5.43 21.77
N THR D 136 -12.76 -4.72 21.06
CA THR D 136 -14.10 -4.35 21.51
C THR D 136 -15.10 -4.97 20.55
N THR D 137 -16.13 -5.59 21.09
CA THR D 137 -17.16 -6.21 20.28
C THR D 137 -18.53 -5.78 20.80
N MET D 138 -19.55 -5.99 19.97
CA MET D 138 -20.91 -5.77 20.39
C MET D 138 -21.57 -7.12 20.61
N SER D 139 -22.10 -7.33 21.80
CA SER D 139 -22.86 -8.53 22.16
C SER D 139 -24.36 -8.32 22.05
N GLU D 140 -24.84 -7.14 22.37
CA GLU D 140 -26.28 -6.89 22.42
C GLU D 140 -26.50 -5.39 22.41
N LEU D 141 -27.69 -4.99 21.95
CA LEU D 141 -28.13 -3.61 22.00
C LEU D 141 -29.00 -3.38 23.24
N LYS D 142 -28.75 -2.29 23.96
CA LYS D 142 -29.52 -2.02 25.17
C LYS D 142 -31.02 -1.94 24.87
N GLY D 143 -31.80 -2.72 25.61
CA GLY D 143 -33.23 -2.74 25.43
C GLY D 143 -33.72 -3.65 24.34
N PHE D 144 -32.81 -4.32 23.61
CA PHE D 144 -33.20 -5.31 22.60
C PHE D 144 -32.40 -6.61 22.80
N GLU D 145 -32.10 -6.92 24.06
CA GLU D 145 -31.35 -8.12 24.39
C GLU D 145 -32.14 -9.36 23.96
N GLU D 146 -31.42 -10.44 23.72
CA GLU D 146 -32.03 -11.68 23.30
C GLU D 146 -32.78 -12.33 24.46
N ALA D 147 -33.88 -13.02 24.13
CA ALA D 147 -34.68 -13.73 25.14
C ALA D 147 -33.98 -15.05 25.46
N LYS D 148 -32.96 -14.97 26.31
CA LYS D 148 -32.20 -16.15 26.68
C LYS D 148 -31.97 -16.15 28.18
N GLY D 149 -31.62 -17.33 28.71
CA GLY D 149 -31.31 -17.49 30.12
C GLY D 149 -32.43 -16.99 31.01
N GLY D 150 -32.10 -16.05 31.88
CA GLY D 150 -33.11 -15.40 32.70
C GLY D 150 -34.20 -14.66 31.94
N ARG D 151 -33.97 -14.33 30.66
CA ARG D 151 -34.93 -13.62 29.82
C ARG D 151 -35.67 -14.51 28.83
N ARG D 152 -35.54 -15.85 28.97
CA ARG D 152 -36.31 -16.81 28.19
C ARG D 152 -37.75 -16.40 28.02
N PRO D 153 -38.31 -16.57 26.84
CA PRO D 153 -39.78 -16.47 26.69
C PRO D 153 -40.47 -17.47 27.61
N MET D 154 -41.67 -17.12 28.10
CA MET D 154 -42.46 -18.07 28.88
C MET D 154 -42.99 -19.20 28.03
N GLY D 155 -43.35 -18.92 26.78
CA GLY D 155 -43.87 -19.95 25.89
C GLY D 155 -45.37 -20.03 25.98
N ALA D 156 -45.89 -20.07 27.20
CA ALA D 156 -47.32 -20.18 27.42
C ALA D 156 -47.87 -18.89 28.04
N GLU D 157 -49.04 -18.47 27.58
CA GLU D 157 -49.77 -17.36 28.19
C GLU D 157 -50.68 -17.94 29.27
N HIS D 158 -50.19 -17.97 30.52
CA HIS D 158 -51.00 -18.48 31.63
C HIS D 158 -52.12 -17.48 31.98
N GLY D 159 -53.33 -17.99 32.14
CA GLY D 159 -54.49 -17.13 32.31
C GLY D 159 -55.53 -17.46 31.27
N ALA D 160 -56.81 -17.18 31.58
CA ALA D 160 -57.89 -17.50 30.67
C ALA D 160 -58.18 -16.33 29.73
N ARG D 161 -58.20 -16.60 28.43
CA ARG D 161 -58.47 -15.61 27.39
C ARG D 161 -59.48 -16.17 26.39
N THR D 162 -60.39 -15.32 25.94
CA THR D 162 -61.36 -15.72 24.94
C THR D 162 -60.84 -15.60 23.50
N ASP D 163 -59.73 -14.88 23.29
CA ASP D 163 -59.16 -14.61 21.97
C ASP D 163 -57.86 -15.35 21.71
N ARG D 164 -57.53 -16.33 22.55
CA ARG D 164 -56.29 -17.09 22.49
C ARG D 164 -55.90 -17.48 21.06
N SER D 165 -54.59 -17.48 20.81
CA SER D 165 -54.01 -17.84 19.50
C SER D 165 -52.79 -18.71 19.78
N SER D 166 -52.81 -19.94 19.29
CA SER D 166 -51.79 -20.93 19.68
C SER D 166 -50.49 -20.71 18.92
N TRP D 167 -49.44 -21.38 19.42
CA TRP D 167 -48.13 -21.29 18.79
C TRP D 167 -48.18 -21.78 17.35
N LEU D 168 -48.86 -22.89 17.10
CA LEU D 168 -48.95 -23.40 15.73
C LEU D 168 -49.68 -22.42 14.83
N GLU D 169 -50.75 -21.80 15.34
CA GLU D 169 -51.49 -20.84 14.55
C GLU D 169 -50.62 -19.66 14.15
N GLN D 170 -49.87 -19.11 15.10
CA GLN D 170 -49.03 -17.96 14.81
C GLN D 170 -47.97 -18.29 13.76
N ARG D 171 -47.39 -19.48 13.82
CA ARG D 171 -46.43 -19.91 12.79
C ARG D 171 -47.10 -20.00 11.43
N GLU D 172 -48.30 -20.59 11.37
CA GLU D 172 -49.03 -20.68 10.11
C GLU D 172 -49.47 -19.31 9.61
N GLN D 173 -49.85 -18.43 10.53
CA GLN D 173 -50.12 -17.03 10.18
C GLN D 173 -48.91 -16.36 9.57
N GLU D 174 -47.74 -16.55 10.16
CA GLU D 174 -46.54 -15.95 9.60
C GLU D 174 -46.20 -16.57 8.25
N ALA D 175 -46.41 -17.88 8.09
CA ALA D 175 -46.11 -18.53 6.82
C ALA D 175 -46.96 -17.95 5.70
N LYS D 176 -48.22 -17.61 6.00
CA LYS D 176 -49.12 -17.09 4.98
C LYS D 176 -48.95 -15.60 4.75
N GLU D 177 -48.48 -14.85 5.74
CA GLU D 177 -48.45 -13.40 5.61
C GLU D 177 -47.10 -12.83 5.17
N LEU D 178 -45.98 -13.36 5.68
CA LEU D 178 -44.70 -12.73 5.41
C LEU D 178 -44.26 -12.99 3.97
N GLY D 179 -43.99 -11.92 3.23
CA GLY D 179 -43.71 -12.01 1.81
C GLY D 179 -44.92 -11.92 0.92
N TYR D 180 -46.12 -11.90 1.49
CA TYR D 180 -47.35 -11.71 0.73
C TYR D 180 -48.07 -10.47 1.29
N ALA D 181 -48.97 -10.66 2.25
CA ALA D 181 -49.67 -9.51 2.85
C ALA D 181 -48.72 -8.54 3.57
N ARG D 182 -47.58 -9.02 4.05
CA ARG D 182 -46.66 -8.19 4.81
C ARG D 182 -45.24 -8.41 4.31
N GLN D 183 -44.47 -7.28 4.08
CA GLN D 183 -43.15 -7.54 3.51
C GLN D 183 -42.12 -7.74 4.62
N PRO D 184 -41.12 -8.59 4.41
CA PRO D 184 -40.08 -8.77 5.43
C PRO D 184 -39.21 -7.54 5.54
N TYR D 185 -38.61 -7.35 6.72
CA TYR D 185 -37.60 -6.31 6.85
C TYR D 185 -36.35 -6.69 6.08
N CYS D 186 -35.96 -7.97 6.15
CA CYS D 186 -34.70 -8.44 5.60
C CYS D 186 -34.96 -9.71 4.79
N VAL D 187 -34.32 -9.82 3.62
CA VAL D 187 -34.33 -11.03 2.81
C VAL D 187 -32.90 -11.51 2.69
N ILE D 188 -32.69 -12.81 2.93
CA ILE D 188 -31.40 -13.48 2.73
C ILE D 188 -31.49 -14.35 1.47
N ILE D 189 -30.55 -14.15 0.54
CA ILE D 189 -30.43 -15.01 -0.65
C ILE D 189 -29.37 -16.08 -0.35
N GLY D 190 -29.79 -17.33 -0.32
CA GLY D 190 -28.92 -18.44 0.09
C GLY D 190 -29.33 -19.11 1.41
N GLY D 191 -29.69 -20.39 1.33
CA GLY D 191 -30.09 -21.14 2.52
C GLY D 191 -29.12 -22.22 2.91
N GLY D 192 -27.83 -21.98 2.72
CA GLY D 192 -26.83 -22.90 3.21
C GLY D 192 -26.63 -22.68 4.68
N GLN D 193 -25.52 -23.21 5.19
CA GLN D 193 -25.17 -23.06 6.59
C GLN D 193 -25.17 -21.59 7.04
N GLY D 194 -24.77 -20.68 6.16
CA GLY D 194 -24.63 -19.30 6.55
C GLY D 194 -25.93 -18.57 6.64
N GLY D 195 -26.79 -18.72 5.63
CA GLY D 195 -28.09 -18.12 5.70
C GLY D 195 -28.91 -18.68 6.84
N ILE D 196 -28.72 -19.97 7.14
CA ILE D 196 -29.44 -20.61 8.24
C ILE D 196 -29.02 -20.04 9.58
N ALA D 197 -27.70 -19.93 9.79
CA ALA D 197 -27.18 -19.39 11.05
C ALA D 197 -27.61 -17.95 11.25
N LEU D 198 -27.43 -17.13 10.20
CA LEU D 198 -27.86 -15.73 10.22
C LEU D 198 -29.37 -15.60 10.41
N GLY D 199 -30.15 -16.51 9.81
CA GLY D 199 -31.60 -16.49 10.04
C GLY D 199 -31.97 -16.78 11.48
N ALA D 200 -31.33 -17.80 12.08
CA ALA D 200 -31.57 -18.06 13.50
C ALA D 200 -31.26 -16.81 14.33
N ARG D 201 -30.13 -16.16 14.07
CA ARG D 201 -29.81 -14.96 14.83
C ARG D 201 -30.84 -13.85 14.60
N LEU D 202 -31.28 -13.64 13.35
CA LEU D 202 -32.28 -12.59 13.09
C LEU D 202 -33.66 -12.95 13.69
N ARG D 203 -34.05 -14.24 13.71
CA ARG D 203 -35.27 -14.63 14.43
C ARG D 203 -35.15 -14.33 15.91
N GLN D 204 -33.97 -14.56 16.48
CA GLN D 204 -33.73 -14.24 17.87
C GLN D 204 -33.71 -12.75 18.14
N LEU D 205 -33.60 -11.91 17.11
CA LEU D 205 -33.67 -10.46 17.30
C LEU D 205 -34.99 -9.88 16.80
N ASN D 206 -35.94 -10.73 16.42
CA ASN D 206 -37.24 -10.29 15.91
C ASN D 206 -37.09 -9.38 14.69
N VAL D 207 -36.19 -9.75 13.81
CA VAL D 207 -36.09 -9.08 12.52
C VAL D 207 -36.82 -10.02 11.55
N PRO D 208 -38.03 -9.68 11.10
CA PRO D 208 -38.73 -10.60 10.18
C PRO D 208 -37.95 -10.77 8.89
N THR D 209 -37.64 -12.03 8.57
CA THR D 209 -36.64 -12.37 7.58
C THR D 209 -37.09 -13.62 6.84
N ILE D 210 -36.88 -13.62 5.52
CA ILE D 210 -37.16 -14.77 4.68
C ILE D 210 -35.85 -15.25 4.07
N ILE D 211 -35.60 -16.55 4.16
CA ILE D 211 -34.47 -17.14 3.48
C ILE D 211 -34.94 -17.66 2.13
N ILE D 212 -34.24 -17.29 1.07
CA ILE D 212 -34.56 -17.71 -0.29
C ILE D 212 -33.50 -18.74 -0.67
N GLU D 213 -33.93 -19.98 -0.97
CA GLU D 213 -32.99 -21.06 -1.26
C GLU D 213 -33.55 -21.91 -2.38
N LYS D 214 -32.76 -22.06 -3.47
CA LYS D 214 -33.27 -22.74 -4.66
C LYS D 214 -33.31 -24.25 -4.50
N ASN D 215 -32.54 -24.82 -3.58
CA ASN D 215 -32.69 -26.25 -3.34
C ASN D 215 -34.03 -26.52 -2.64
N ALA D 216 -34.40 -27.79 -2.58
CA ALA D 216 -35.69 -28.16 -1.99
C ALA D 216 -35.67 -28.16 -0.44
N ARG D 217 -34.59 -28.65 0.17
CA ARG D 217 -34.57 -28.78 1.61
C ARG D 217 -33.34 -28.11 2.20
N PRO D 218 -33.44 -27.56 3.40
CA PRO D 218 -32.22 -27.11 4.11
C PRO D 218 -31.29 -28.31 4.28
N GLY D 219 -29.99 -28.04 4.17
CA GLY D 219 -28.98 -29.09 4.17
C GLY D 219 -28.60 -29.59 2.79
N ASP D 220 -29.36 -29.24 1.75
CA ASP D 220 -29.03 -29.72 0.41
C ASP D 220 -27.73 -29.10 -0.10
N SER D 221 -27.40 -27.90 0.39
CA SER D 221 -26.11 -27.30 0.07
C SER D 221 -24.95 -28.22 0.42
N TRP D 222 -25.11 -29.07 1.43
CA TRP D 222 -24.07 -30.05 1.72
C TRP D 222 -24.37 -31.43 1.11
N ARG D 223 -25.63 -31.85 1.02
CA ARG D 223 -25.92 -33.16 0.43
C ARG D 223 -25.45 -33.26 -1.01
N LYS D 224 -25.57 -32.17 -1.78
CA LYS D 224 -25.33 -32.24 -3.22
C LYS D 224 -23.86 -32.40 -3.63
N ARG D 225 -22.89 -32.30 -2.72
CA ARG D 225 -21.52 -32.44 -3.18
C ARG D 225 -21.15 -33.92 -3.27
N TYR D 226 -19.91 -34.21 -3.71
CA TYR D 226 -19.54 -35.58 -4.09
C TYR D 226 -19.61 -36.56 -2.91
N LYS D 227 -19.88 -37.83 -3.24
CA LYS D 227 -20.34 -38.83 -2.26
C LYS D 227 -19.53 -38.87 -0.96
N SER D 228 -18.19 -38.82 -1.07
CA SER D 228 -17.32 -39.18 0.06
C SER D 228 -16.98 -38.01 0.98
N LEU D 229 -17.41 -36.80 0.65
CA LEU D 229 -16.98 -35.62 1.38
C LEU D 229 -17.35 -35.69 2.86
N CYS D 230 -16.39 -35.30 3.69
CA CYS D 230 -16.63 -35.00 5.08
C CYS D 230 -16.03 -33.62 5.36
N LEU D 231 -16.51 -33.00 6.43
CA LEU D 231 -15.86 -31.81 6.93
C LEU D 231 -14.43 -32.17 7.33
N HIS D 232 -13.46 -31.35 6.90
N HIS D 232 -13.45 -31.37 6.92
CA HIS D 232 -12.07 -31.53 7.31
CA HIS D 232 -12.07 -31.59 7.33
C HIS D 232 -11.70 -30.71 8.54
C HIS D 232 -11.68 -30.74 8.52
N ASP D 233 -12.61 -29.81 9.00
CA ASP D 233 -12.63 -29.05 10.24
C ASP D 233 -13.25 -29.91 11.34
N PRO D 234 -12.79 -29.79 12.58
CA PRO D 234 -13.34 -30.63 13.65
C PRO D 234 -14.54 -30.00 14.37
N VAL D 235 -15.30 -30.87 15.07
CA VAL D 235 -16.57 -30.50 15.69
C VAL D 235 -16.43 -29.29 16.62
N TRP D 236 -15.36 -29.23 17.44
CA TRP D 236 -15.23 -28.12 18.41
C TRP D 236 -15.13 -26.76 17.74
N TYR D 237 -14.78 -26.73 16.45
CA TYR D 237 -14.63 -25.52 15.64
C TYR D 237 -15.87 -25.18 14.82
N ASP D 238 -16.81 -26.12 14.66
CA ASP D 238 -17.82 -26.08 13.62
C ASP D 238 -19.27 -25.80 14.07
N HIS D 239 -19.52 -25.55 15.36
CA HIS D 239 -20.89 -25.45 15.87
C HIS D 239 -21.70 -24.36 15.15
N MET D 240 -23.00 -24.58 15.06
CA MET D 240 -23.93 -23.50 14.75
C MET D 240 -24.20 -22.65 15.98
N PRO D 241 -24.72 -21.43 15.82
CA PRO D 241 -25.17 -20.67 16.99
C PRO D 241 -26.26 -21.43 17.72
N TYR D 242 -26.29 -21.27 19.04
CA TYR D 242 -27.39 -21.67 19.91
C TYR D 242 -27.48 -23.17 20.21
N ILE D 243 -27.38 -24.02 19.19
CA ILE D 243 -27.48 -25.45 19.44
C ILE D 243 -26.18 -26.11 19.01
N PRO D 244 -25.23 -26.29 19.92
CA PRO D 244 -23.94 -26.89 19.54
C PRO D 244 -24.11 -28.37 19.25
N PHE D 245 -23.13 -28.92 18.55
CA PHE D 245 -23.16 -30.36 18.37
C PHE D 245 -23.06 -31.05 19.73
N PRO D 246 -23.75 -32.20 19.91
CA PRO D 246 -23.72 -32.91 21.19
C PRO D 246 -22.41 -33.66 21.40
N ASP D 247 -22.16 -34.07 22.64
CA ASP D 247 -20.86 -34.64 23.03
C ASP D 247 -20.51 -35.91 22.27
N ASN D 248 -21.50 -36.59 21.69
CA ASN D 248 -21.23 -37.81 20.92
C ASN D 248 -21.15 -37.57 19.40
N TRP D 249 -21.21 -36.32 18.96
CA TRP D 249 -21.09 -36.00 17.55
C TRP D 249 -19.66 -36.29 17.08
N PRO D 250 -19.48 -36.82 15.86
CA PRO D 250 -18.12 -37.16 15.39
C PRO D 250 -17.26 -35.93 15.17
N VAL D 251 -15.94 -36.16 15.21
CA VAL D 251 -14.98 -35.08 14.99
C VAL D 251 -15.15 -34.51 13.58
N PHE D 252 -15.31 -35.38 12.59
CA PHE D 252 -15.42 -34.99 11.19
C PHE D 252 -16.74 -35.49 10.61
N THR D 253 -17.64 -34.53 10.20
CA THR D 253 -19.01 -34.93 9.91
C THR D 253 -19.20 -35.24 8.42
N PRO D 254 -19.73 -36.42 8.08
CA PRO D 254 -20.09 -36.72 6.68
C PRO D 254 -21.11 -35.72 6.14
N LYS D 255 -21.04 -35.47 4.83
CA LYS D 255 -21.80 -34.37 4.24
C LYS D 255 -23.30 -34.55 4.44
N ASP D 256 -23.78 -35.79 4.39
CA ASP D 256 -25.23 -35.95 4.54
C ASP D 256 -25.68 -35.83 5.99
N LYS D 257 -24.80 -36.16 6.94
CA LYS D 257 -25.12 -35.91 8.34
C LYS D 257 -25.15 -34.41 8.66
N VAL D 258 -24.29 -33.61 8.01
CA VAL D 258 -24.38 -32.14 8.15
C VAL D 258 -25.72 -31.65 7.62
N GLY D 259 -26.16 -32.23 6.51
CA GLY D 259 -27.44 -31.83 5.94
C GLY D 259 -28.60 -32.08 6.87
N ASP D 260 -28.66 -33.29 7.46
CA ASP D 260 -29.70 -33.60 8.43
C ASP D 260 -29.70 -32.61 9.60
N TRP D 261 -28.51 -32.21 10.05
CA TRP D 261 -28.38 -31.31 11.19
C TRP D 261 -28.94 -29.93 10.88
N LEU D 262 -28.59 -29.38 9.71
CA LEU D 262 -29.11 -28.09 9.27
C LEU D 262 -30.63 -28.16 9.03
N GLU D 263 -31.11 -29.30 8.54
CA GLU D 263 -32.54 -29.44 8.32
C GLU D 263 -33.30 -29.41 9.65
N MET D 264 -32.74 -30.05 10.70
CA MET D 264 -33.37 -29.97 12.03
C MET D 264 -33.19 -28.59 12.64
N TYR D 265 -32.01 -28.00 12.47
CA TYR D 265 -31.76 -26.69 13.04
C TYR D 265 -32.74 -25.65 12.50
N THR D 266 -33.00 -25.69 11.18
CA THR D 266 -33.92 -24.75 10.54
C THR D 266 -35.32 -24.89 11.09
N LYS D 267 -35.77 -26.12 11.31
CA LYS D 267 -37.10 -26.34 11.87
C LYS D 267 -37.18 -25.84 13.30
N VAL D 268 -36.24 -26.25 14.16
CA VAL D 268 -36.41 -25.94 15.58
C VAL D 268 -36.10 -24.48 15.91
N MET D 269 -35.29 -23.79 15.11
CA MET D 269 -35.04 -22.37 15.33
C MET D 269 -36.08 -21.48 14.65
N GLU D 270 -37.16 -22.07 14.09
CA GLU D 270 -38.33 -21.33 13.61
C GLU D 270 -37.98 -20.39 12.46
N LEU D 271 -37.14 -20.85 11.55
CA LEU D 271 -36.78 -20.00 10.42
C LEU D 271 -37.91 -19.96 9.36
N ASN D 272 -37.98 -18.85 8.64
N ASN D 272 -38.01 -18.83 8.65
CA ASN D 272 -38.87 -18.73 7.48
CA ASN D 272 -38.90 -18.77 7.49
C ASN D 272 -38.03 -19.06 6.25
C ASN D 272 -38.03 -19.08 6.27
N TYR D 273 -38.09 -20.33 5.83
CA TYR D 273 -37.17 -20.89 4.85
C TYR D 273 -37.94 -21.30 3.60
N TRP D 274 -37.84 -20.47 2.56
CA TRP D 274 -38.47 -20.75 1.26
C TRP D 274 -37.52 -21.62 0.43
N GLY D 275 -37.70 -22.91 0.51
CA GLY D 275 -37.05 -23.81 -0.40
C GLY D 275 -37.70 -23.80 -1.77
N SER D 276 -37.03 -24.47 -2.71
CA SER D 276 -37.47 -24.53 -4.11
C SER D 276 -37.77 -23.14 -4.65
N THR D 277 -37.03 -22.13 -4.18
CA THR D 277 -37.24 -20.75 -4.58
C THR D 277 -35.94 -20.19 -5.14
N SER D 278 -35.95 -19.81 -6.40
CA SER D 278 -34.81 -19.19 -7.05
C SER D 278 -34.96 -17.68 -7.00
N CYS D 279 -33.87 -16.99 -6.67
CA CYS D 279 -33.81 -15.55 -6.77
C CYS D 279 -33.42 -15.18 -8.19
N GLU D 280 -34.24 -14.36 -8.84
CA GLU D 280 -34.03 -14.03 -10.25
C GLU D 280 -33.31 -12.71 -10.43
N SER D 281 -33.63 -11.71 -9.62
CA SER D 281 -33.03 -10.40 -9.77
C SER D 281 -33.39 -9.56 -8.55
N ALA D 282 -32.60 -8.49 -8.37
CA ALA D 282 -32.84 -7.55 -7.29
C ALA D 282 -32.35 -6.18 -7.73
N SER D 283 -33.06 -5.15 -7.28
CA SER D 283 -32.59 -3.78 -7.48
C SER D 283 -33.05 -2.95 -6.30
N PHE D 284 -32.31 -1.88 -6.02
CA PHE D 284 -32.55 -1.02 -4.87
C PHE D 284 -33.00 0.35 -5.37
N ASP D 285 -33.97 0.92 -4.70
CA ASP D 285 -34.47 2.26 -4.97
C ASP D 285 -34.10 3.12 -3.77
N ALA D 286 -33.07 3.95 -3.92
CA ALA D 286 -32.66 4.84 -2.84
C ALA D 286 -33.77 5.79 -2.40
N ALA D 287 -34.76 6.04 -3.27
CA ALA D 287 -35.89 6.88 -2.90
C ALA D 287 -36.70 6.25 -1.76
N SER D 288 -37.29 5.07 -2.02
CA SER D 288 -38.10 4.39 -1.01
C SER D 288 -37.26 3.61 0.01
N GLY D 289 -35.96 3.45 -0.21
CA GLY D 289 -35.17 2.60 0.65
C GLY D 289 -35.52 1.13 0.61
N GLU D 290 -36.17 0.68 -0.46
CA GLU D 290 -36.63 -0.70 -0.57
C GLU D 290 -35.96 -1.38 -1.76
N TRP D 291 -35.64 -2.65 -1.57
CA TRP D 291 -35.26 -3.51 -2.66
C TRP D 291 -36.51 -4.05 -3.35
N THR D 292 -36.37 -4.41 -4.61
CA THR D 292 -37.37 -5.22 -5.30
C THR D 292 -36.67 -6.50 -5.70
N VAL D 293 -37.11 -7.61 -5.10
CA VAL D 293 -36.49 -8.92 -5.29
C VAL D 293 -37.49 -9.80 -5.98
N GLN D 294 -37.10 -10.33 -7.13
CA GLN D 294 -37.94 -11.23 -7.88
C GLN D 294 -37.50 -12.65 -7.58
N VAL D 295 -38.41 -13.46 -7.07
CA VAL D 295 -38.09 -14.85 -6.84
C VAL D 295 -39.16 -15.68 -7.53
N LEU D 296 -38.86 -16.97 -7.72
CA LEU D 296 -39.80 -17.96 -8.24
C LEU D 296 -39.97 -19.06 -7.19
N ARG D 297 -41.05 -18.98 -6.40
CA ARG D 297 -41.36 -19.97 -5.37
C ARG D 297 -42.21 -21.08 -5.97
N ASP D 298 -41.58 -22.21 -6.27
CA ASP D 298 -42.24 -23.34 -6.93
C ASP D 298 -42.84 -22.96 -8.29
N GLY D 299 -42.12 -22.12 -9.04
CA GLY D 299 -42.59 -21.68 -10.34
C GLY D 299 -43.40 -20.40 -10.31
N GLN D 300 -43.98 -20.05 -9.20
CA GLN D 300 -44.87 -18.90 -9.17
C GLN D 300 -44.10 -17.61 -8.86
N PRO D 301 -44.35 -16.52 -9.57
CA PRO D 301 -43.67 -15.26 -9.25
C PRO D 301 -44.05 -14.72 -7.87
N VAL D 302 -43.05 -14.25 -7.14
CA VAL D 302 -43.26 -13.48 -5.92
C VAL D 302 -42.29 -12.30 -5.94
N THR D 303 -42.79 -11.12 -5.54
CA THR D 303 -41.99 -9.91 -5.44
C THR D 303 -41.86 -9.48 -3.99
N LEU D 304 -40.63 -9.47 -3.49
CA LEU D 304 -40.34 -9.11 -2.12
C LEU D 304 -39.73 -7.72 -2.09
N LYS D 305 -40.11 -6.93 -1.09
CA LYS D 305 -39.60 -5.57 -0.94
C LYS D 305 -38.98 -5.42 0.46
N PRO D 306 -37.87 -6.10 0.75
CA PRO D 306 -37.21 -5.94 2.05
C PRO D 306 -36.41 -4.65 2.11
N LYS D 307 -36.16 -4.20 3.33
CA LYS D 307 -35.31 -3.04 3.48
C LYS D 307 -33.84 -3.41 3.45
N GLN D 308 -33.51 -4.68 3.67
CA GLN D 308 -32.12 -5.11 3.70
C GLN D 308 -31.98 -6.39 2.91
N LEU D 309 -30.94 -6.45 2.09
CA LEU D 309 -30.68 -7.63 1.28
C LEU D 309 -29.32 -8.18 1.63
N VAL D 310 -29.30 -9.44 2.05
CA VAL D 310 -28.08 -10.15 2.40
C VAL D 310 -27.88 -11.23 1.35
N LEU D 311 -26.72 -11.23 0.72
CA LEU D 311 -26.31 -12.32 -0.16
C LEU D 311 -25.48 -13.31 0.66
N ALA D 312 -25.98 -14.54 0.75
CA ALA D 312 -25.34 -15.66 1.40
C ALA D 312 -25.32 -16.83 0.45
N THR D 313 -24.83 -16.56 -0.75
CA THR D 313 -24.82 -17.50 -1.87
C THR D 313 -23.52 -18.28 -1.95
N GLY D 314 -22.68 -18.15 -0.93
CA GLY D 314 -21.46 -18.90 -0.78
C GLY D 314 -20.24 -18.15 -1.26
N MET D 315 -19.22 -18.05 -0.41
CA MET D 315 -17.97 -17.42 -0.82
C MET D 315 -17.30 -18.24 -1.92
N SER D 316 -17.25 -19.56 -1.73
CA SER D 316 -16.83 -20.52 -2.74
C SER D 316 -17.95 -20.68 -3.75
N GLY D 317 -18.73 -19.64 -3.93
CA GLY D 317 -19.71 -19.61 -4.98
C GLY D 317 -19.10 -18.98 -6.21
N LYS D 318 -19.71 -19.29 -7.35
CA LYS D 318 -19.20 -18.91 -8.66
C LYS D 318 -18.03 -19.81 -9.02
N ALA D 319 -18.33 -20.96 -9.62
CA ALA D 319 -17.29 -21.86 -10.08
C ALA D 319 -16.44 -21.17 -11.14
N ASN D 320 -15.13 -21.29 -10.98
CA ASN D 320 -14.12 -20.80 -11.92
C ASN D 320 -13.88 -21.87 -12.99
N MET D 321 -14.21 -21.55 -14.27
CA MET D 321 -14.02 -22.56 -15.31
C MET D 321 -12.88 -22.20 -16.26
N PRO D 322 -12.03 -23.16 -16.62
CA PRO D 322 -10.95 -22.87 -17.58
C PRO D 322 -11.46 -22.74 -19.01
N LYS D 323 -10.63 -22.11 -19.83
CA LYS D 323 -10.88 -22.00 -21.28
C LYS D 323 -9.70 -22.65 -22.01
N PHE D 324 -9.74 -23.97 -22.13
CA PHE D 324 -8.68 -24.71 -22.80
C PHE D 324 -9.05 -24.93 -24.26
N LYS D 325 -8.03 -24.91 -25.11
CA LYS D 325 -8.20 -25.24 -26.52
C LYS D 325 -8.72 -26.67 -26.66
N GLY D 326 -9.74 -26.83 -27.49
CA GLY D 326 -10.27 -28.13 -27.82
C GLY D 326 -11.34 -28.66 -26.88
N MET D 327 -11.80 -27.84 -25.91
CA MET D 327 -12.87 -28.28 -25.03
C MET D 327 -14.14 -28.62 -25.81
N ASP D 328 -14.34 -28.00 -26.98
CA ASP D 328 -15.48 -28.33 -27.82
C ASP D 328 -15.31 -29.63 -28.59
N VAL D 329 -14.12 -30.23 -28.57
CA VAL D 329 -13.83 -31.42 -29.38
C VAL D 329 -13.89 -32.67 -28.50
N PHE D 330 -13.61 -32.52 -27.21
CA PHE D 330 -13.57 -33.68 -26.33
C PHE D 330 -14.93 -34.37 -26.29
N GLN D 331 -14.94 -35.67 -26.56
CA GLN D 331 -16.14 -36.46 -26.69
C GLN D 331 -16.56 -37.16 -25.40
N GLY D 332 -15.88 -36.86 -24.29
CA GLY D 332 -16.29 -37.30 -22.99
C GLY D 332 -16.90 -36.18 -22.15
N GLU D 333 -17.15 -36.52 -20.89
CA GLU D 333 -17.80 -35.59 -19.98
C GLU D 333 -16.79 -34.64 -19.36
N GLN D 334 -17.21 -33.40 -19.16
CA GLN D 334 -16.41 -32.39 -18.48
C GLN D 334 -17.18 -31.86 -17.27
N GLN D 335 -16.54 -31.88 -16.11
CA GLN D 335 -17.17 -31.39 -14.87
C GLN D 335 -16.23 -30.45 -14.13
N HIS D 336 -16.81 -29.39 -13.57
CA HIS D 336 -16.16 -28.66 -12.49
C HIS D 336 -16.24 -29.49 -11.19
N SER D 337 -15.27 -29.27 -10.29
CA SER D 337 -15.26 -30.06 -9.04
C SER D 337 -16.62 -30.02 -8.35
N SER D 338 -17.36 -28.91 -8.51
CA SER D 338 -18.71 -28.72 -7.99
C SER D 338 -19.77 -29.49 -8.79
N GLN D 339 -19.42 -30.16 -9.89
CA GLN D 339 -20.38 -30.92 -10.67
C GLN D 339 -20.07 -32.41 -10.71
N HIS D 340 -19.23 -32.90 -9.80
CA HIS D 340 -18.77 -34.28 -9.86
C HIS D 340 -19.55 -35.11 -8.87
N PRO D 341 -20.30 -36.13 -9.32
CA PRO D 341 -21.17 -36.85 -8.38
C PRO D 341 -20.43 -37.84 -7.51
N GLY D 342 -19.23 -38.25 -7.91
CA GLY D 342 -18.54 -39.32 -7.24
C GLY D 342 -18.11 -40.39 -8.23
N PRO D 343 -17.49 -41.46 -7.71
CA PRO D 343 -16.88 -42.46 -8.59
C PRO D 343 -17.83 -43.46 -9.21
N ASP D 344 -19.05 -43.61 -8.68
CA ASP D 344 -19.90 -44.77 -8.96
C ASP D 344 -20.20 -44.87 -10.44
N ALA D 345 -20.41 -43.74 -11.10
CA ALA D 345 -20.76 -43.78 -12.50
C ALA D 345 -19.59 -44.13 -13.40
N TYR D 346 -18.41 -44.46 -12.84
CA TYR D 346 -17.19 -44.45 -13.64
C TYR D 346 -16.34 -45.70 -13.54
N ALA D 347 -16.92 -46.85 -13.20
CA ALA D 347 -16.16 -48.09 -13.27
C ALA D 347 -15.68 -48.33 -14.70
N GLY D 348 -14.43 -48.78 -14.83
CA GLY D 348 -13.83 -49.09 -16.12
C GLY D 348 -13.47 -47.92 -17.01
N LYS D 349 -13.58 -46.68 -16.53
CA LYS D 349 -13.32 -45.49 -17.32
C LYS D 349 -11.96 -44.88 -16.95
N LYS D 350 -11.51 -43.89 -17.73
CA LYS D 350 -10.24 -43.22 -17.48
C LYS D 350 -10.51 -41.74 -17.17
N VAL D 351 -10.09 -41.28 -15.97
CA VAL D 351 -10.36 -39.93 -15.46
C VAL D 351 -9.07 -39.14 -15.34
N VAL D 352 -9.11 -37.87 -15.78
CA VAL D 352 -8.03 -36.91 -15.61
C VAL D 352 -8.57 -35.70 -14.85
N VAL D 353 -7.99 -35.41 -13.69
CA VAL D 353 -8.40 -34.28 -12.85
C VAL D 353 -7.37 -33.16 -13.03
N VAL D 354 -7.81 -32.03 -13.57
CA VAL D 354 -6.95 -30.87 -13.79
C VAL D 354 -7.04 -30.01 -12.53
N GLY D 355 -6.05 -30.09 -11.66
CA GLY D 355 -6.04 -29.28 -10.47
C GLY D 355 -5.40 -30.01 -9.32
N ALA D 356 -5.08 -29.26 -8.27
CA ALA D 356 -4.46 -29.91 -7.12
C ALA D 356 -4.93 -29.38 -5.77
N ASN D 357 -6.11 -28.76 -5.70
CA ASN D 357 -6.66 -28.26 -4.43
C ASN D 357 -7.24 -29.39 -3.58
N ASN D 358 -8.05 -28.99 -2.58
CA ASN D 358 -8.69 -29.96 -1.68
C ASN D 358 -9.82 -30.71 -2.37
N SER D 359 -10.53 -30.05 -3.30
CA SER D 359 -11.49 -30.75 -4.14
C SER D 359 -10.80 -31.83 -4.97
N ALA D 360 -9.70 -31.47 -5.65
CA ALA D 360 -8.99 -32.41 -6.50
C ALA D 360 -8.49 -33.61 -5.72
N HIS D 361 -7.94 -33.39 -4.53
CA HIS D 361 -7.44 -34.53 -3.76
C HIS D 361 -8.59 -35.42 -3.28
N ASP D 362 -9.72 -34.82 -2.89
CA ASP D 362 -10.88 -35.61 -2.50
C ASP D 362 -11.43 -36.42 -3.67
N ILE D 363 -11.60 -35.81 -4.85
CA ILE D 363 -12.19 -36.53 -5.99
C ILE D 363 -11.30 -37.67 -6.45
N CYS D 364 -9.98 -37.46 -6.51
CA CYS D 364 -9.05 -38.49 -6.99
C CYS D 364 -9.00 -39.67 -6.03
N ALA D 365 -9.00 -39.38 -4.73
CA ALA D 365 -8.92 -40.42 -3.71
C ALA D 365 -10.15 -41.31 -3.70
N ALA D 366 -11.34 -40.74 -3.92
CA ALA D 366 -12.53 -41.58 -4.02
C ALA D 366 -12.47 -42.41 -5.29
N LEU D 367 -12.00 -41.82 -6.40
CA LEU D 367 -11.86 -42.57 -7.65
C LEU D 367 -10.85 -43.71 -7.50
N TRP D 368 -9.77 -43.51 -6.73
CA TRP D 368 -8.78 -44.58 -6.59
C TRP D 368 -9.32 -45.70 -5.72
N GLU D 369 -10.02 -45.35 -4.63
CA GLU D 369 -10.64 -46.37 -3.79
C GLU D 369 -11.68 -47.15 -4.57
N ALA D 370 -12.37 -46.51 -5.49
CA ALA D 370 -13.37 -47.16 -6.34
C ALA D 370 -12.75 -47.90 -7.52
N GLY D 371 -11.42 -48.01 -7.56
CA GLY D 371 -10.74 -48.70 -8.63
C GLY D 371 -10.92 -48.10 -10.01
N VAL D 372 -10.90 -46.76 -10.13
CA VAL D 372 -10.93 -46.06 -11.42
C VAL D 372 -9.55 -45.52 -11.75
N ASP D 373 -9.21 -45.54 -13.03
CA ASP D 373 -7.95 -44.96 -13.50
C ASP D 373 -7.99 -43.44 -13.37
N VAL D 374 -7.23 -42.89 -12.43
CA VAL D 374 -7.29 -41.45 -12.20
C VAL D 374 -5.88 -40.85 -12.23
N THR D 375 -5.74 -39.75 -12.98
CA THR D 375 -4.48 -38.99 -13.06
C THR D 375 -4.72 -37.54 -12.62
N MET D 376 -3.90 -37.05 -11.69
CA MET D 376 -3.97 -35.68 -11.21
C MET D 376 -2.94 -34.81 -11.94
N VAL D 377 -3.38 -33.66 -12.46
CA VAL D 377 -2.56 -32.75 -13.25
C VAL D 377 -2.38 -31.43 -12.51
N GLN D 378 -1.16 -31.16 -12.02
CA GLN D 378 -0.84 -29.99 -11.21
C GLN D 378 -0.03 -29.00 -12.02
N ARG D 379 -0.49 -27.76 -12.12
CA ARG D 379 0.31 -26.70 -12.74
C ARG D 379 1.02 -25.81 -11.73
N SER D 380 0.40 -25.58 -10.58
CA SER D 380 0.85 -24.65 -9.56
C SER D 380 0.93 -25.36 -8.21
N SER D 381 1.66 -24.76 -7.28
CA SER D 381 1.85 -25.41 -5.98
C SER D 381 0.59 -25.31 -5.10
N THR D 382 0.49 -26.24 -4.14
CA THR D 382 -0.58 -26.35 -3.16
C THR D 382 0.02 -26.55 -1.77
N HIS D 383 -0.66 -26.02 -0.75
CA HIS D 383 -0.33 -26.27 0.65
C HIS D 383 -1.10 -27.50 1.18
N ILE D 384 -0.36 -28.45 1.74
CA ILE D 384 -0.89 -29.71 2.25
C ILE D 384 -0.65 -29.79 3.75
N VAL D 385 -1.70 -30.07 4.53
CA VAL D 385 -1.55 -30.28 5.97
C VAL D 385 -2.24 -31.57 6.36
N LYS D 386 -1.54 -32.41 7.11
CA LYS D 386 -2.17 -33.58 7.67
C LYS D 386 -3.13 -33.13 8.77
N SER D 387 -4.41 -33.53 8.66
CA SER D 387 -5.43 -33.12 9.65
C SER D 387 -4.94 -33.37 11.07
N ASP D 388 -4.30 -34.51 11.29
CA ASP D 388 -3.77 -34.85 12.61
C ASP D 388 -2.94 -33.70 13.19
N SER D 389 -2.06 -33.11 12.37
CA SER D 389 -1.22 -32.00 12.81
C SER D 389 -2.02 -30.69 12.88
N LEU D 390 -2.88 -30.44 11.89
CA LEU D 390 -3.76 -29.27 11.96
C LEU D 390 -4.64 -29.29 13.20
N MET D 391 -5.28 -30.42 13.50
N MET D 391 -5.30 -30.42 13.47
CA MET D 391 -6.16 -30.50 14.66
CA MET D 391 -6.16 -30.58 14.65
C MET D 391 -5.41 -30.22 15.96
C MET D 391 -5.41 -30.23 15.94
N ASP D 392 -4.19 -30.77 16.08
CA ASP D 392 -3.43 -30.63 17.31
C ASP D 392 -2.70 -29.28 17.39
N LEU D 393 -1.82 -29.00 16.43
CA LEU D 393 -0.89 -27.89 16.58
C LEU D 393 -1.49 -26.56 16.17
N ALA D 394 -2.48 -26.55 15.28
CA ALA D 394 -3.06 -25.29 14.85
C ALA D 394 -4.39 -24.95 15.52
N LEU D 395 -5.21 -25.96 15.82
CA LEU D 395 -6.50 -25.75 16.47
C LEU D 395 -6.48 -26.16 17.95
N GLY D 396 -5.47 -26.90 18.38
CA GLY D 396 -5.50 -27.52 19.69
C GLY D 396 -5.67 -26.57 20.86
N ASP D 397 -5.12 -25.36 20.76
CA ASP D 397 -5.23 -24.47 21.90
C ASP D 397 -6.63 -23.89 22.04
N LEU D 398 -7.35 -23.73 20.95
CA LEU D 398 -8.60 -23.02 21.01
C LEU D 398 -9.81 -23.90 20.80
N TYR D 399 -9.68 -25.00 20.07
CA TYR D 399 -10.83 -25.79 19.63
C TYR D 399 -10.47 -27.27 19.76
N SER D 400 -10.75 -27.82 20.93
CA SER D 400 -10.38 -29.20 21.25
C SER D 400 -11.02 -29.56 22.58
N GLU D 401 -10.97 -30.85 22.92
CA GLU D 401 -11.38 -31.26 24.26
C GLU D 401 -10.50 -30.60 25.31
N ARG D 402 -9.18 -30.55 25.05
CA ARG D 402 -8.25 -29.94 25.99
C ARG D 402 -8.58 -28.46 26.19
N ALA D 403 -8.92 -27.77 25.10
CA ALA D 403 -9.33 -26.37 25.20
C ALA D 403 -10.54 -26.21 26.10
N LEU D 404 -11.54 -27.08 25.89
CA LEU D 404 -12.75 -26.99 26.70
C LEU D 404 -12.42 -27.26 28.16
N ALA D 405 -11.62 -28.29 28.42
CA ALA D 405 -11.27 -28.63 29.80
C ALA D 405 -10.57 -27.48 30.50
N ALA D 406 -9.87 -26.64 29.75
CA ALA D 406 -9.19 -25.49 30.31
C ALA D 406 -10.10 -24.28 30.44
N GLY D 407 -11.40 -24.43 30.19
CA GLY D 407 -12.33 -23.33 30.29
C GLY D 407 -12.50 -22.52 29.02
N MET D 408 -11.79 -22.86 27.95
CA MET D 408 -11.89 -22.12 26.69
C MET D 408 -13.16 -22.59 25.97
N THR D 409 -14.28 -21.91 26.22
CA THR D 409 -15.54 -22.20 25.57
C THR D 409 -15.50 -21.80 24.10
N THR D 410 -16.46 -22.33 23.33
CA THR D 410 -16.55 -21.97 21.91
C THR D 410 -16.58 -20.46 21.74
N ASN D 411 -17.33 -19.76 22.58
CA ASN D 411 -17.38 -18.31 22.48
C ASN D 411 -16.04 -17.66 22.84
N LYS D 412 -15.40 -18.11 23.93
CA LYS D 412 -14.10 -17.55 24.28
C LYS D 412 -13.06 -17.84 23.22
N ALA D 413 -13.12 -19.03 22.62
CA ALA D 413 -12.20 -19.34 21.52
C ALA D 413 -12.44 -18.41 20.34
N ASP D 414 -13.71 -18.21 19.95
CA ASP D 414 -13.99 -17.29 18.84
C ASP D 414 -13.46 -15.89 19.16
N LEU D 415 -13.70 -15.42 20.38
CA LEU D 415 -13.29 -14.07 20.72
C LEU D 415 -11.77 -13.96 20.82
N THR D 416 -11.11 -15.03 21.28
CA THR D 416 -9.65 -15.00 21.39
C THR D 416 -9.02 -14.85 20.01
N PHE D 417 -9.47 -15.65 19.06
CA PHE D 417 -8.98 -15.54 17.70
C PHE D 417 -9.30 -14.16 17.11
N ALA D 418 -10.53 -13.68 17.31
CA ALA D 418 -10.88 -12.36 16.81
C ALA D 418 -10.03 -11.26 17.41
N SER D 419 -9.43 -11.48 18.58
CA SER D 419 -8.63 -10.46 19.26
C SER D 419 -7.21 -10.34 18.71
N ILE D 420 -6.83 -11.17 17.75
CA ILE D 420 -5.54 -11.03 17.06
C ILE D 420 -5.77 -10.21 15.80
N PRO D 421 -5.31 -8.96 15.73
CA PRO D 421 -5.46 -8.19 14.49
C PRO D 421 -4.82 -8.96 13.33
N TYR D 422 -5.46 -8.89 12.16
CA TYR D 422 -4.95 -9.63 10.99
C TYR D 422 -3.54 -9.20 10.62
N LYS D 423 -3.16 -7.94 10.87
CA LYS D 423 -1.83 -7.48 10.51
C LYS D 423 -0.73 -8.37 11.12
N ILE D 424 -0.98 -8.95 12.29
CA ILE D 424 0.02 -9.72 13.02
C ILE D 424 -0.26 -11.21 13.04
N LEU D 425 -1.38 -11.66 12.48
CA LEU D 425 -1.74 -13.07 12.58
C LEU D 425 -0.69 -13.97 11.93
N ALA D 426 -0.18 -13.56 10.77
CA ALA D 426 0.76 -14.41 10.02
C ALA D 426 2.02 -14.73 10.83
N ASN D 427 2.50 -13.79 11.65
CA ASN D 427 3.65 -14.12 12.46
C ASN D 427 3.31 -15.03 13.64
N PHE D 428 2.07 -14.94 14.20
CA PHE D 428 1.64 -15.96 15.16
C PHE D 428 1.59 -17.33 14.50
N GLN D 429 1.22 -17.40 13.22
CA GLN D 429 1.03 -18.68 12.56
C GLN D 429 2.34 -19.33 12.10
N LYS D 430 3.38 -18.52 11.83
CA LYS D 430 4.63 -19.07 11.32
C LYS D 430 5.22 -20.14 12.22
N PRO D 431 5.39 -19.94 13.53
CA PRO D 431 5.96 -21.02 14.37
C PRO D 431 5.11 -22.28 14.39
N VAL D 432 3.79 -22.15 14.26
CA VAL D 432 2.92 -23.34 14.18
C VAL D 432 3.33 -24.21 12.99
N PHE D 433 3.47 -23.60 11.82
CA PHE D 433 3.71 -24.44 10.65
C PHE D 433 5.17 -24.82 10.50
N LYS D 434 6.09 -24.14 11.17
CA LYS D 434 7.42 -24.70 11.27
C LYS D 434 7.39 -26.00 12.07
N ALA D 435 6.56 -26.06 13.13
CA ALA D 435 6.45 -27.29 13.89
C ALA D 435 5.74 -28.38 13.08
N ILE D 436 4.71 -28.03 12.32
CA ILE D 436 4.02 -29.01 11.48
C ILE D 436 4.96 -29.59 10.42
N ARG D 437 5.85 -28.77 9.86
CA ARG D 437 6.80 -29.26 8.86
C ARG D 437 7.86 -30.13 9.50
N GLU D 438 8.35 -29.73 10.67
CA GLU D 438 9.33 -30.55 11.37
C GLU D 438 8.70 -31.90 11.75
N ARG D 439 7.44 -31.89 12.18
CA ARG D 439 6.76 -33.14 12.52
C ARG D 439 6.58 -34.02 11.29
N ASP D 440 6.07 -33.47 10.20
CA ASP D 440 5.73 -34.27 9.03
C ASP D 440 6.80 -34.25 7.95
N ALA D 441 8.08 -34.07 8.31
CA ALA D 441 9.11 -33.86 7.29
C ALA D 441 9.19 -35.04 6.33
N ASP D 442 9.13 -36.27 6.84
CA ASP D 442 9.17 -37.44 5.97
C ASP D 442 7.96 -37.48 5.04
N PHE D 443 6.79 -37.10 5.53
CA PHE D 443 5.64 -37.02 4.65
C PHE D 443 5.88 -36.03 3.51
N TYR D 444 6.32 -34.82 3.85
CA TYR D 444 6.54 -33.79 2.84
C TYR D 444 7.64 -34.19 1.86
N ALA D 445 8.70 -34.82 2.36
CA ALA D 445 9.79 -35.28 1.50
C ALA D 445 9.32 -36.26 0.44
N ARG D 446 8.48 -37.23 0.82
CA ARG D 446 8.01 -38.18 -0.16
C ARG D 446 7.12 -37.51 -1.19
N LEU D 447 6.41 -36.44 -0.82
CA LEU D 447 5.62 -35.71 -1.81
C LEU D 447 6.49 -34.97 -2.83
N GLU D 448 7.56 -34.31 -2.37
CA GLU D 448 8.43 -33.61 -3.29
C GLU D 448 9.20 -34.59 -4.18
N GLU D 449 9.74 -35.65 -3.59
CA GLU D 449 10.41 -36.67 -4.38
C GLU D 449 9.51 -37.30 -5.43
N ARG D 450 8.20 -37.40 -5.16
CA ARG D 450 7.25 -37.89 -6.16
C ARG D 450 6.95 -36.83 -7.22
N GLY D 451 7.36 -35.59 -7.01
CA GLY D 451 7.13 -34.50 -7.93
C GLY D 451 5.97 -33.58 -7.63
N PHE D 452 5.29 -33.75 -6.50
CA PHE D 452 4.21 -32.84 -6.15
C PHE D 452 4.75 -31.49 -5.67
N MET D 453 4.15 -30.40 -6.17
CA MET D 453 4.60 -29.04 -5.89
C MET D 453 3.97 -28.52 -4.59
N LEU D 454 4.78 -28.43 -3.53
CA LEU D 454 4.33 -27.97 -2.22
C LEU D 454 4.54 -26.48 -2.05
N ASP D 455 3.67 -25.86 -1.25
CA ASP D 455 4.02 -24.56 -0.70
C ASP D 455 3.40 -24.43 0.68
N PHE D 456 3.74 -23.34 1.36
CA PHE D 456 3.28 -23.10 2.71
C PHE D 456 2.79 -21.67 2.84
N GLY D 457 2.19 -21.16 1.78
CA GLY D 457 1.85 -19.76 1.70
C GLY D 457 3.03 -18.92 1.26
N ASP D 458 2.72 -17.73 0.73
CA ASP D 458 3.76 -16.89 0.17
C ASP D 458 4.82 -16.52 1.21
N ASP D 459 4.45 -16.48 2.50
CA ASP D 459 5.39 -16.14 3.56
C ASP D 459 5.54 -17.27 4.58
N ASP D 460 5.13 -18.48 4.23
CA ASP D 460 5.26 -19.69 5.08
C ASP D 460 4.46 -19.61 6.38
N SER D 461 3.33 -18.90 6.36
CA SER D 461 2.49 -18.76 7.53
C SER D 461 1.35 -19.78 7.60
N GLY D 462 1.15 -20.58 6.57
CA GLY D 462 0.35 -21.78 6.66
C GLY D 462 -1.05 -21.65 6.10
N LEU D 463 -1.87 -22.65 6.44
CA LEU D 463 -3.17 -22.84 5.82
C LEU D 463 -4.16 -21.74 6.18
N PHE D 464 -4.34 -21.47 7.49
N PHE D 464 -4.32 -21.43 7.47
CA PHE D 464 -5.28 -20.46 7.92
CA PHE D 464 -5.37 -20.46 7.77
C PHE D 464 -5.05 -19.14 7.18
C PHE D 464 -5.05 -19.08 7.21
N MET D 465 -3.77 -18.77 6.97
CA MET D 465 -3.47 -17.50 6.29
C MET D 465 -3.76 -17.56 4.79
N LYS D 466 -3.44 -18.65 4.10
CA LYS D 466 -3.90 -18.77 2.70
C LYS D 466 -5.41 -18.64 2.64
N TYR D 467 -6.10 -19.37 3.51
CA TYR D 467 -7.55 -19.30 3.53
C TYR D 467 -8.00 -17.86 3.69
N LEU D 468 -7.43 -17.13 4.65
CA LEU D 468 -7.95 -15.78 4.90
C LEU D 468 -7.60 -14.82 3.79
N ARG D 469 -6.44 -15.01 3.16
CA ARG D 469 -5.98 -14.08 2.13
C ARG D 469 -6.67 -14.35 0.80
N ARG D 470 -6.65 -15.59 0.33
CA ARG D 470 -7.14 -15.92 -0.99
C ARG D 470 -8.24 -16.97 -1.01
N GLY D 471 -8.54 -17.61 0.12
CA GLY D 471 -9.63 -18.56 0.13
C GLY D 471 -9.42 -19.82 -0.68
N SER D 472 -8.17 -20.19 -0.95
CA SER D 472 -7.84 -21.29 -1.86
C SER D 472 -6.39 -21.74 -1.64
N GLY D 473 -5.98 -22.75 -2.41
CA GLY D 473 -4.59 -23.19 -2.38
C GLY D 473 -4.20 -24.20 -1.33
N TYR D 474 -5.14 -24.97 -0.78
CA TYR D 474 -4.79 -25.88 0.30
C TYR D 474 -5.63 -27.15 0.24
N TYR D 475 -5.14 -28.16 0.92
CA TYR D 475 -5.83 -29.43 1.13
C TYR D 475 -5.42 -29.97 2.49
N ILE D 476 -6.39 -30.23 3.35
CA ILE D 476 -6.17 -30.89 4.64
C ILE D 476 -6.20 -32.39 4.38
N ASP D 477 -5.06 -33.05 4.62
CA ASP D 477 -4.87 -34.44 4.18
C ASP D 477 -5.59 -35.43 5.08
N VAL D 478 -6.55 -36.16 4.52
CA VAL D 478 -7.24 -37.23 5.24
C VAL D 478 -6.95 -38.59 4.64
N GLY D 479 -6.03 -38.66 3.68
CA GLY D 479 -5.62 -39.92 3.05
C GLY D 479 -5.14 -39.81 1.60
N ALA D 480 -5.50 -38.72 0.90
CA ALA D 480 -5.20 -38.63 -0.53
C ALA D 480 -3.72 -38.32 -0.78
N SER D 481 -3.09 -37.51 0.08
CA SER D 481 -1.70 -37.15 -0.15
C SER D 481 -0.80 -38.37 -0.10
N GLU D 482 -1.11 -39.36 0.72
CA GLU D 482 -0.32 -40.58 0.72
C GLU D 482 -0.49 -41.33 -0.59
N LEU D 483 -1.71 -41.32 -1.16
CA LEU D 483 -1.92 -41.94 -2.46
C LEU D 483 -1.15 -41.21 -3.57
N VAL D 484 -0.83 -39.93 -3.37
CA VAL D 484 -0.01 -39.22 -4.34
C VAL D 484 1.46 -39.55 -4.14
N ALA D 485 1.94 -39.47 -2.90
CA ALA D 485 3.34 -39.75 -2.62
C ALA D 485 3.71 -41.19 -2.97
N GLU D 486 2.77 -42.12 -2.83
CA GLU D 486 3.01 -43.54 -3.13
C GLU D 486 2.68 -43.89 -4.57
N GLY D 487 2.25 -42.92 -5.36
CA GLY D 487 2.01 -43.16 -6.76
C GLY D 487 0.68 -43.82 -7.11
N LYS D 488 -0.15 -44.13 -6.12
CA LYS D 488 -1.44 -44.76 -6.40
C LYS D 488 -2.35 -43.84 -7.22
N ILE D 489 -2.44 -42.57 -6.85
CA ILE D 489 -2.99 -41.55 -7.75
C ILE D 489 -1.85 -41.09 -8.65
N LYS D 490 -2.00 -41.28 -9.95
CA LYS D 490 -0.95 -40.89 -10.88
C LYS D 490 -0.85 -39.37 -10.98
N LEU D 491 0.39 -38.86 -11.01
CA LEU D 491 0.66 -37.44 -11.00
C LEU D 491 1.43 -37.01 -12.24
N LYS D 492 0.97 -35.91 -12.85
CA LYS D 492 1.68 -35.10 -13.82
C LYS D 492 1.70 -33.67 -13.28
N SER D 493 2.88 -33.17 -12.89
CA SER D 493 3.04 -31.83 -12.34
C SER D 493 4.03 -31.00 -13.16
N GLY D 494 4.03 -29.69 -12.88
CA GLY D 494 4.83 -28.75 -13.63
C GLY D 494 4.27 -28.46 -15.00
N VAL D 495 3.02 -28.82 -15.26
CA VAL D 495 2.45 -28.83 -16.60
C VAL D 495 1.11 -28.13 -16.64
N GLY D 496 0.83 -27.50 -17.78
CA GLY D 496 -0.50 -27.02 -18.08
C GLY D 496 -1.19 -27.95 -19.06
N VAL D 497 -2.41 -27.60 -19.40
CA VAL D 497 -3.15 -28.33 -20.42
C VAL D 497 -2.90 -27.62 -21.74
N GLN D 498 -2.39 -28.35 -22.72
CA GLN D 498 -2.14 -27.78 -24.03
C GLN D 498 -3.41 -27.76 -24.86
N GLU D 499 -4.08 -28.89 -24.97
CA GLU D 499 -5.34 -28.98 -25.69
C GLU D 499 -6.04 -30.26 -25.27
N LEU D 500 -7.35 -30.30 -25.51
CA LEU D 500 -8.09 -31.55 -25.48
C LEU D 500 -8.27 -31.98 -26.93
N LYS D 501 -7.90 -33.22 -27.25
CA LYS D 501 -8.25 -33.77 -28.55
C LYS D 501 -9.57 -34.54 -28.40
N SER D 502 -9.91 -35.36 -29.39
CA SER D 502 -11.25 -35.95 -29.43
C SER D 502 -11.46 -36.95 -28.30
N HIS D 503 -10.42 -37.73 -27.92
CA HIS D 503 -10.56 -38.70 -26.84
C HIS D 503 -9.41 -38.64 -25.83
N SER D 504 -8.64 -37.55 -25.82
CA SER D 504 -7.44 -37.48 -25.01
C SER D 504 -7.18 -36.03 -24.63
N ILE D 505 -6.36 -35.84 -23.59
CA ILE D 505 -5.95 -34.51 -23.15
C ILE D 505 -4.43 -34.44 -23.14
N VAL D 506 -3.88 -33.39 -23.76
CA VAL D 506 -2.43 -33.24 -23.98
C VAL D 506 -1.85 -32.15 -23.08
N LEU D 507 -0.80 -32.51 -22.34
CA LEU D 507 -0.17 -31.62 -21.38
C LEU D 507 1.03 -30.91 -22.00
N SER D 508 1.46 -29.81 -21.35
CA SER D 508 2.56 -29.00 -21.85
C SER D 508 3.92 -29.70 -21.75
N ASP D 509 3.99 -30.88 -21.15
CA ASP D 509 5.19 -31.70 -21.26
C ASP D 509 5.13 -32.69 -22.41
N GLY D 510 4.06 -32.64 -23.22
CA GLY D 510 3.91 -33.54 -24.33
C GLY D 510 3.14 -34.81 -24.03
N THR D 511 2.86 -35.10 -22.77
CA THR D 511 2.11 -36.30 -22.45
C THR D 511 0.70 -36.20 -23.02
N GLU D 512 0.24 -37.28 -23.64
CA GLU D 512 -1.11 -37.40 -24.17
C GLU D 512 -1.84 -38.42 -23.32
N LEU D 513 -2.80 -37.96 -22.52
CA LEU D 513 -3.53 -38.85 -21.61
C LEU D 513 -4.90 -39.22 -22.17
N PRO D 514 -5.24 -40.51 -22.25
CA PRO D 514 -6.60 -40.89 -22.66
C PRO D 514 -7.58 -40.62 -21.54
N ALA D 515 -8.75 -40.08 -21.90
CA ALA D 515 -9.69 -39.69 -20.85
C ALA D 515 -11.13 -39.83 -21.33
N ASP D 516 -11.95 -40.51 -20.53
CA ASP D 516 -13.39 -40.44 -20.72
C ASP D 516 -14.01 -39.25 -19.98
N LEU D 517 -13.46 -38.90 -18.82
CA LEU D 517 -13.97 -37.84 -17.96
C LEU D 517 -12.84 -36.92 -17.54
N VAL D 518 -13.03 -35.62 -17.71
CA VAL D 518 -12.10 -34.60 -17.21
C VAL D 518 -12.84 -33.76 -16.17
N VAL D 519 -12.38 -33.83 -14.92
CA VAL D 519 -12.89 -33.02 -13.81
C VAL D 519 -11.94 -31.83 -13.64
N TYR D 520 -12.47 -30.59 -13.73
CA TYR D 520 -11.69 -29.37 -13.56
C TYR D 520 -11.80 -28.86 -12.13
N ALA D 521 -10.78 -29.14 -11.30
CA ALA D 521 -10.77 -28.69 -9.91
C ALA D 521 -10.06 -27.35 -9.81
N THR D 522 -10.67 -26.37 -10.50
CA THR D 522 -10.05 -25.10 -10.82
C THR D 522 -10.61 -23.92 -10.01
N GLY D 523 -11.13 -24.20 -8.82
CA GLY D 523 -11.49 -23.15 -7.89
C GLY D 523 -12.72 -22.34 -8.29
N TYR D 524 -12.88 -21.21 -7.61
CA TYR D 524 -14.08 -20.40 -7.73
C TYR D 524 -13.66 -18.93 -7.80
N GLY D 525 -14.39 -18.12 -8.56
CA GLY D 525 -14.18 -16.68 -8.61
C GLY D 525 -14.72 -15.97 -7.38
N SER D 526 -14.72 -14.64 -7.44
CA SER D 526 -15.04 -13.85 -6.25
C SER D 526 -16.56 -13.80 -6.00
N MET D 527 -16.90 -13.62 -4.72
CA MET D 527 -18.30 -13.64 -4.32
C MET D 527 -19.13 -12.55 -5.01
N ASN D 528 -18.50 -11.43 -5.41
CA ASN D 528 -19.28 -10.39 -6.07
C ASN D 528 -19.78 -10.80 -7.45
N GLY D 529 -19.27 -11.89 -8.02
CA GLY D 529 -19.90 -12.40 -9.21
C GLY D 529 -21.36 -12.73 -9.00
N TRP D 530 -21.73 -13.20 -7.79
CA TRP D 530 -23.14 -13.37 -7.48
C TRP D 530 -23.90 -12.06 -7.57
N ALA D 531 -23.30 -10.99 -7.02
CA ALA D 531 -23.96 -9.69 -7.04
C ALA D 531 -24.18 -9.21 -8.48
N ALA D 532 -23.22 -9.49 -9.38
CA ALA D 532 -23.34 -9.13 -10.80
C ALA D 532 -24.51 -9.86 -11.46
N ASP D 533 -24.67 -11.16 -11.17
CA ASP D 533 -25.67 -12.00 -11.82
C ASP D 533 -27.06 -11.77 -11.31
N LEU D 534 -27.22 -11.21 -10.11
CA LEU D 534 -28.53 -11.03 -9.52
C LEU D 534 -28.98 -9.58 -9.47
N ILE D 535 -28.03 -8.66 -9.36
CA ILE D 535 -28.33 -7.24 -9.25
C ILE D 535 -27.91 -6.57 -10.55
N SER D 536 -26.62 -6.28 -10.72
CA SER D 536 -26.09 -5.70 -11.95
C SER D 536 -24.58 -5.64 -11.93
N PRO D 537 -23.94 -5.63 -13.10
CA PRO D 537 -22.49 -5.36 -13.12
C PRO D 537 -22.13 -4.01 -12.53
N GLU D 538 -23.02 -3.02 -12.56
CA GLU D 538 -22.68 -1.72 -12.00
C GLU D 538 -22.57 -1.80 -10.49
N VAL D 539 -23.54 -2.45 -9.83
CA VAL D 539 -23.51 -2.62 -8.38
C VAL D 539 -22.34 -3.50 -7.96
N ALA D 540 -22.14 -4.61 -8.68
CA ALA D 540 -21.02 -5.48 -8.38
C ALA D 540 -19.69 -4.72 -8.41
N ASN D 541 -19.52 -3.83 -9.39
CA ASN D 541 -18.32 -3.00 -9.47
C ASN D 541 -18.27 -2.00 -8.33
N LYS D 542 -19.41 -1.42 -7.97
CA LYS D 542 -19.45 -0.48 -6.86
C LYS D 542 -18.97 -1.14 -5.58
N VAL D 543 -19.33 -2.41 -5.41
CA VAL D 543 -18.99 -3.18 -4.22
C VAL D 543 -17.55 -3.64 -4.27
N GLY D 544 -17.14 -4.19 -5.41
CA GLY D 544 -15.76 -4.62 -5.54
C GLY D 544 -15.49 -6.04 -5.12
N LYS D 545 -14.20 -6.36 -5.12
CA LYS D 545 -13.75 -7.69 -4.72
C LYS D 545 -14.28 -8.04 -3.34
N VAL D 546 -14.77 -9.27 -3.20
CA VAL D 546 -15.21 -9.78 -1.91
C VAL D 546 -14.19 -10.78 -1.41
N TRP D 547 -13.94 -10.77 -0.10
CA TRP D 547 -12.95 -11.62 0.58
C TRP D 547 -11.52 -11.11 0.37
N GLY D 548 -10.61 -11.56 1.22
CA GLY D 548 -9.22 -11.11 1.17
C GLY D 548 -8.94 -9.99 2.17
N LEU D 549 -7.66 -9.80 2.44
CA LEU D 549 -7.21 -8.81 3.40
C LEU D 549 -6.44 -7.64 2.77
N GLY D 550 -6.08 -7.72 1.48
CA GLY D 550 -5.18 -6.72 0.92
C GLY D 550 -3.75 -6.96 1.33
N SER D 551 -3.38 -8.21 1.54
CA SER D 551 -2.13 -8.64 2.12
C SER D 551 -0.96 -8.55 1.16
N ALA D 552 -1.19 -8.17 -0.09
CA ALA D 552 -0.15 -8.14 -1.11
C ALA D 552 0.53 -9.51 -1.25
N THR D 553 -0.29 -10.54 -1.38
CA THR D 553 0.18 -11.89 -1.65
C THR D 553 -0.60 -12.43 -2.84
N THR D 554 -0.30 -13.66 -3.24
CA THR D 554 -0.93 -14.24 -4.42
C THR D 554 -2.45 -14.24 -4.28
N LYS D 555 -3.13 -13.74 -5.32
CA LYS D 555 -4.57 -13.63 -5.40
C LYS D 555 -5.16 -12.71 -4.35
N ASP D 556 -4.33 -11.99 -3.61
CA ASP D 556 -4.81 -10.98 -2.66
C ASP D 556 -3.94 -9.74 -2.79
N PRO D 557 -4.21 -8.90 -3.78
CA PRO D 557 -3.38 -7.70 -3.97
C PRO D 557 -3.61 -6.65 -2.90
N GLY D 558 -2.55 -5.89 -2.60
CA GLY D 558 -2.68 -4.69 -1.82
C GLY D 558 -3.50 -3.65 -2.57
N PRO D 559 -3.77 -2.52 -1.91
CA PRO D 559 -3.34 -2.13 -0.56
C PRO D 559 -4.05 -2.82 0.58
N TRP D 560 -3.47 -2.67 1.77
CA TRP D 560 -3.93 -3.37 2.97
C TRP D 560 -5.30 -2.87 3.40
N GLU D 561 -6.22 -3.79 3.67
CA GLU D 561 -7.52 -3.38 4.20
C GLU D 561 -7.73 -3.79 5.65
N GLY D 562 -7.25 -4.94 6.06
CA GLY D 562 -7.31 -5.33 7.45
C GLY D 562 -8.56 -6.09 7.85
N GLU D 563 -9.57 -6.17 6.99
CA GLU D 563 -10.75 -6.97 7.27
C GLU D 563 -11.17 -7.67 5.99
N GLN D 564 -11.84 -8.81 6.14
CA GLN D 564 -12.38 -9.51 4.98
C GLN D 564 -13.20 -8.54 4.14
N ARG D 565 -12.83 -8.41 2.86
CA ARG D 565 -13.46 -7.44 1.99
C ARG D 565 -14.96 -7.70 1.90
N ASN D 566 -15.76 -6.70 2.28
CA ASN D 566 -17.21 -6.68 2.13
C ASN D 566 -17.93 -7.73 2.98
N MET D 567 -17.27 -8.33 3.98
CA MET D 567 -17.87 -9.39 4.76
C MET D 567 -18.42 -8.84 6.08
N TRP D 568 -19.71 -9.09 6.32
CA TRP D 568 -20.36 -8.89 7.62
C TRP D 568 -20.43 -7.42 8.04
N LYS D 569 -20.50 -6.51 7.09
CA LYS D 569 -20.32 -5.09 7.39
C LYS D 569 -20.88 -4.30 6.24
N PRO D 570 -21.02 -2.98 6.39
CA PRO D 570 -21.56 -2.18 5.27
C PRO D 570 -20.64 -2.27 4.07
N THR D 571 -21.26 -2.31 2.89
CA THR D 571 -20.56 -2.24 1.62
C THR D 571 -20.88 -0.88 1.01
N GLN D 572 -20.20 -0.58 -0.10
CA GLN D 572 -20.47 0.67 -0.79
C GLN D 572 -21.84 0.73 -1.47
N GLN D 573 -22.56 -0.39 -1.60
CA GLN D 573 -23.95 -0.38 -2.05
C GLN D 573 -24.85 -0.38 -0.81
N GLN D 574 -25.76 0.58 -0.78
CA GLN D 574 -26.63 0.78 0.36
C GLN D 574 -27.59 -0.41 0.53
N ALA D 575 -27.73 -0.86 1.78
CA ALA D 575 -28.62 -1.94 2.19
C ALA D 575 -28.28 -3.25 1.50
N LEU D 576 -27.05 -3.44 1.03
CA LEU D 576 -26.62 -4.73 0.50
C LEU D 576 -25.52 -5.23 1.41
N TRP D 577 -25.62 -6.50 1.80
CA TRP D 577 -24.69 -7.11 2.75
C TRP D 577 -24.28 -8.49 2.24
N PHE D 578 -23.10 -8.93 2.67
CA PHE D 578 -22.57 -10.25 2.33
C PHE D 578 -22.33 -11.04 3.61
N HIS D 579 -22.84 -12.28 3.66
CA HIS D 579 -22.60 -13.21 4.77
C HIS D 579 -22.08 -14.55 4.24
N GLY D 580 -21.17 -15.16 5.00
CA GLY D 580 -20.56 -16.39 4.53
C GLY D 580 -19.32 -16.68 5.34
N GLY D 581 -18.47 -17.53 4.78
CA GLY D 581 -17.30 -17.98 5.49
C GLY D 581 -17.43 -19.44 5.81
N ASN D 582 -16.47 -19.94 6.59
CA ASN D 582 -16.60 -21.32 7.05
C ASN D 582 -17.52 -21.35 8.27
N LEU D 583 -17.75 -22.54 8.83
CA LEU D 583 -18.73 -22.65 9.92
C LEU D 583 -18.36 -21.77 11.12
N HIS D 584 -17.08 -21.70 11.44
CA HIS D 584 -16.61 -20.83 12.52
C HIS D 584 -16.93 -19.37 12.23
N GLN D 585 -16.44 -18.85 11.11
CA GLN D 585 -16.67 -17.45 10.83
C GLN D 585 -18.15 -17.13 10.71
N SER D 586 -18.93 -18.06 10.16
CA SER D 586 -20.36 -17.82 10.00
C SER D 586 -21.04 -17.76 11.35
N ARG D 587 -20.72 -18.72 12.24
CA ARG D 587 -21.25 -18.68 13.59
C ARG D 587 -20.93 -17.35 14.27
N HIS D 588 -19.66 -16.98 14.28
CA HIS D 588 -19.25 -15.83 15.09
C HIS D 588 -19.68 -14.52 14.42
N TYR D 589 -19.35 -14.32 13.14
CA TYR D 589 -19.65 -13.05 12.51
C TYR D 589 -21.12 -12.90 12.15
N SER D 590 -21.90 -13.98 12.17
CA SER D 590 -23.33 -13.76 12.06
C SER D 590 -23.88 -12.98 13.23
N GLN D 591 -23.18 -13.00 14.37
CA GLN D 591 -23.64 -12.17 15.50
C GLN D 591 -23.59 -10.68 15.15
N TYR D 592 -22.44 -10.20 14.65
CA TYR D 592 -22.29 -8.76 14.38
C TYR D 592 -23.13 -8.32 13.18
N LEU D 593 -23.31 -9.21 12.19
CA LEU D 593 -24.17 -8.84 11.07
C LEU D 593 -25.62 -8.72 11.52
N SER D 594 -26.11 -9.68 12.32
CA SER D 594 -27.48 -9.58 12.76
C SER D 594 -27.69 -8.32 13.60
N LEU D 595 -26.74 -7.98 14.47
CA LEU D 595 -26.90 -6.77 15.28
C LEU D 595 -26.90 -5.50 14.42
N GLN D 596 -26.09 -5.46 13.34
CA GLN D 596 -26.12 -4.28 12.47
C GLN D 596 -27.46 -4.15 11.75
N LEU D 597 -28.02 -5.27 11.30
CA LEU D 597 -29.35 -5.25 10.72
C LEU D 597 -30.40 -4.89 11.75
N LYS D 598 -30.28 -5.42 12.98
CA LYS D 598 -31.28 -5.14 14.02
C LYS D 598 -31.30 -3.67 14.40
N ALA D 599 -30.12 -3.07 14.59
CA ALA D 599 -30.04 -1.66 14.95
C ALA D 599 -30.73 -0.79 13.91
N ARG D 600 -30.58 -1.11 12.62
CA ARG D 600 -31.24 -0.29 11.60
C ARG D 600 -32.75 -0.49 11.61
N MET D 601 -33.23 -1.73 11.85
CA MET D 601 -34.67 -1.93 11.95
C MET D 601 -35.29 -1.10 13.08
N GLU D 602 -34.60 -0.98 14.22
CA GLU D 602 -35.11 -0.20 15.34
C GLU D 602 -34.82 1.31 15.20
N GLY D 603 -34.29 1.75 14.07
CA GLY D 603 -34.05 3.16 13.86
C GLY D 603 -32.93 3.74 14.69
N LEU D 604 -31.97 2.93 15.10
CA LEU D 604 -30.86 3.46 15.86
C LEU D 604 -29.94 4.32 14.98
N ASN D 605 -29.23 5.24 15.60
CA ASN D 605 -28.22 5.99 14.87
C ASN D 605 -27.03 5.05 14.68
N THR D 606 -26.63 4.80 13.42
CA THR D 606 -25.50 3.92 13.11
C THR D 606 -24.49 4.59 12.18
N PRO D 607 -23.62 5.47 12.71
CA PRO D 607 -22.62 6.15 11.87
C PRO D 607 -21.41 5.28 11.59
N VAL D 608 -21.32 4.74 10.38
CA VAL D 608 -20.21 3.86 10.03
C VAL D 608 -18.93 4.68 9.96
N TYR D 609 -17.89 4.22 10.66
CA TYR D 609 -16.58 4.87 10.61
C TYR D 609 -15.60 4.06 9.77
N GLY D 610 -14.90 4.73 8.85
CA GLY D 610 -13.85 4.08 8.08
C GLY D 610 -14.34 3.09 7.05
N GLN D 611 -15.56 3.28 6.53
CA GLN D 611 -16.14 2.44 5.51
C GLN D 611 -15.14 2.19 4.39
N GLN D 612 -14.84 0.92 4.13
CA GLN D 612 -13.69 0.57 3.29
C GLN D 612 -13.91 0.98 1.84
N GLU D 613 -12.92 1.64 1.26
CA GLU D 613 -12.97 2.05 -0.14
C GLU D 613 -12.56 0.89 -1.07
N VAL D 614 -13.18 0.85 -2.24
CA VAL D 614 -12.93 -0.22 -3.19
C VAL D 614 -11.62 0.05 -3.93
N HIS D 615 -10.76 -0.95 -3.94
CA HIS D 615 -9.51 -0.91 -4.69
C HIS D 615 -9.45 -1.95 -5.78
N HIS D 616 -10.43 -2.83 -5.87
CA HIS D 616 -10.41 -3.88 -6.87
C HIS D 616 -11.86 -4.19 -7.21
N LEU D 617 -12.15 -4.27 -8.51
CA LEU D 617 -13.50 -4.52 -8.96
C LEU D 617 -13.90 -5.98 -8.80
N SER D 618 -12.95 -6.89 -8.66
CA SER D 618 -13.29 -8.30 -8.53
C SER D 618 -12.04 -9.05 -8.15
PA FAD E . 24.16 22.01 -0.12
O1A FAD E . 24.28 21.32 -1.40
O2A FAD E . 23.67 21.18 1.10
O5B FAD E . 25.55 22.57 0.27
C5B FAD E . 25.73 23.40 1.43
C4B FAD E . 27.19 23.35 1.74
O4B FAD E . 27.46 23.93 3.03
C3B FAD E . 27.81 21.95 1.76
O3B FAD E . 28.76 21.80 0.72
C2B FAD E . 28.44 21.83 3.16
O2B FAD E . 29.69 21.17 3.10
C1B FAD E . 28.60 23.30 3.54
N9A FAD E . 28.66 23.56 4.97
C8A FAD E . 27.79 23.17 5.94
N7A FAD E . 28.11 23.56 7.15
C5A FAD E . 29.29 24.26 6.96
C6A FAD E . 30.17 24.92 7.85
N6A FAD E . 29.96 25.02 9.15
N1A FAD E . 31.27 25.51 7.33
C2A FAD E . 31.49 25.43 6.02
N3A FAD E . 30.74 24.83 5.08
C4A FAD E . 29.65 24.27 5.61
N1 FAD E . 18.40 19.61 -6.40
C2 FAD E . 18.16 20.40 -7.49
O2 FAD E . 18.02 21.62 -7.42
N3 FAD E . 18.04 19.82 -8.73
C4 FAD E . 18.16 18.48 -9.03
O4 FAD E . 18.05 18.09 -10.19
C4X FAD E . 18.42 17.64 -7.87
N5 FAD E . 18.55 16.37 -8.06
C5X FAD E . 18.80 15.56 -6.95
C6 FAD E . 18.97 14.20 -7.16
C7 FAD E . 19.24 13.35 -6.09
C7M FAD E . 19.37 11.87 -6.36
C8 FAD E . 19.34 13.88 -4.79
C8M FAD E . 19.59 12.98 -3.60
C9 FAD E . 19.19 15.24 -4.59
C9A FAD E . 18.92 16.08 -5.66
N10 FAD E . 18.77 17.47 -5.49
C10 FAD E . 18.52 18.29 -6.59
C1' FAD E . 18.81 18.08 -4.16
C2' FAD E . 20.19 18.57 -3.75
O2' FAD E . 20.79 17.63 -2.86
C3' FAD E . 20.05 19.95 -3.09
O3' FAD E . 18.95 20.59 -3.72
C4' FAD E . 21.29 20.82 -3.29
O4' FAD E . 22.33 20.32 -2.46
C5' FAD E . 21.06 22.30 -3.09
O5' FAD E . 21.52 22.67 -1.79
P FAD E . 22.52 23.85 -1.56
O1P FAD E . 23.61 24.10 -2.60
O2P FAD E . 21.69 25.04 -1.21
O3P FAD E . 23.28 23.31 -0.26
C1 GOL F . 11.20 20.20 -8.35
O1 GOL F . 11.53 18.91 -8.72
C2 GOL F . 12.04 20.46 -7.07
O2 GOL F . 13.37 20.50 -7.33
C3 GOL F . 11.77 19.27 -6.14
O3 GOL F . 13.02 18.87 -5.72
C1 GOL G . 6.18 34.05 -23.19
O1 GOL G . 5.04 34.27 -22.39
C2 GOL G . 6.04 34.90 -24.47
O2 GOL G . 6.54 36.20 -24.32
C3 GOL G . 6.82 34.12 -25.52
O3 GOL G . 7.96 34.90 -25.78
C1 GOL H . 13.21 21.82 5.66
O1 GOL H . 11.85 22.03 5.47
C2 GOL H . 13.37 20.34 6.06
O2 GOL H . 12.45 19.96 7.02
C3 GOL H . 13.21 19.52 4.77
O3 GOL H . 13.66 18.25 5.12
C1 PEG I . 27.69 20.47 23.69
O1 PEG I . 27.08 20.65 22.42
C2 PEG I . 28.94 19.64 23.59
O2 PEG I . 29.68 19.71 24.82
C3 PEG I . 30.97 19.10 24.76
C4 PEG I . 31.89 19.73 25.79
O4 PEG I . 32.89 18.83 26.24
PA FAD J . -46.75 -41.26 25.15
O1A FAD J . -46.53 -39.80 25.14
O2A FAD J . -48.14 -41.62 25.59
O5B FAD J . -46.47 -41.99 23.80
C5B FAD J . -46.57 -43.42 23.69
C4B FAD J . -46.72 -43.76 22.23
O4B FAD J . -47.04 -45.16 22.07
C3B FAD J . -47.81 -42.98 21.50
O3B FAD J . -47.20 -42.17 20.52
C2B FAD J . -48.73 -44.07 20.92
O2B FAD J . -49.10 -43.78 19.58
C1B FAD J . -47.79 -45.27 20.90
N9A FAD J . -48.45 -46.57 20.91
C8A FAD J . -49.22 -47.10 21.91
N7A FAD J . -49.65 -48.32 21.66
C5A FAD J . -49.13 -48.61 20.41
C6A FAD J . -49.21 -49.74 19.58
N6A FAD J . -49.90 -50.85 19.90
N1A FAD J . -48.57 -49.70 18.39
C2A FAD J . -47.88 -48.61 18.06
N3A FAD J . -47.73 -47.48 18.76
C4A FAD J . -48.37 -47.55 19.93
N1 FAD J . -45.27 -34.67 30.83
C2 FAD J . -43.99 -34.29 31.06
O2 FAD J . -43.09 -35.10 31.17
N3 FAD J . -43.67 -32.95 31.16
C4 FAD J . -44.55 -31.90 31.05
O4 FAD J . -44.13 -30.75 31.16
C4X FAD J . -45.92 -32.33 30.82
N5 FAD J . -46.84 -31.41 30.70
C5X FAD J . -48.14 -31.81 30.45
C6 FAD J . -49.13 -30.85 30.30
C7 FAD J . -50.46 -31.21 30.09
C7M FAD J . -51.51 -30.13 29.94
C8 FAD J . -50.80 -32.57 29.99
C8M FAD J . -52.22 -32.99 29.74
C9 FAD J . -49.81 -33.54 30.13
C9A FAD J . -48.48 -33.17 30.34
N10 FAD J . -47.46 -34.13 30.49
C10 FAD J . -46.17 -33.75 30.71
C1' FAD J . -47.75 -35.57 30.46
C2' FAD J . -47.55 -36.24 29.11
O2' FAD J . -48.79 -36.57 28.52
C3' FAD J . -46.79 -37.55 29.33
O3' FAD J . -45.89 -37.35 30.40
C4' FAD J . -46.05 -37.96 28.04
O4' FAD J . -47.03 -38.37 27.08
C5' FAD J . -44.95 -38.98 28.23
O5' FAD J . -45.42 -40.25 27.76
P FAD J . -44.52 -41.23 26.91
O1P FAD J . -43.60 -40.61 25.87
O2P FAD J . -43.88 -42.17 27.86
O3P FAD J . -45.70 -41.95 26.12
C1 PEG K . -38.08 -52.68 52.42
O1 PEG K . -38.16 -51.76 53.51
C2 PEG K . -38.64 -52.11 51.15
O2 PEG K . -38.06 -52.76 50.04
C3 PEG K . -38.72 -53.97 49.74
C4 PEG K . -38.44 -54.31 48.30
O4 PEG K . -39.33 -55.30 47.78
C1 GOL L . -44.91 -32.30 37.80
O1 GOL L . -43.68 -31.95 38.43
C2 GOL L . -44.59 -33.50 36.88
O2 GOL L . -43.98 -34.51 37.62
C3 GOL L . -45.95 -33.97 36.27
O3 GOL L . -45.72 -34.50 34.96
C1 GOL M . -20.70 -29.88 44.17
O1 GOL M . -20.41 -29.72 45.59
C2 GOL M . -21.81 -28.79 43.69
O2 GOL M . -21.44 -28.03 42.59
C3 GOL M . -23.14 -29.56 43.44
O3 GOL M . -24.10 -28.56 43.22
C1 GOL N . -51.48 -43.49 35.63
O1 GOL N . -52.60 -42.71 35.38
C2 GOL N . -51.78 -44.24 36.93
O2 GOL N . -52.89 -45.08 36.78
C3 GOL N . -50.46 -44.99 37.30
O3 GOL N . -50.60 -46.33 36.93
C1 GOL O . -22.28 -35.19 38.11
O1 GOL O . -22.71 -34.87 36.81
C2 GOL O . -20.75 -35.20 38.06
O2 GOL O . -20.30 -36.22 37.23
C3 GOL O . -20.32 -35.43 39.54
O3 GOL O . -19.01 -35.92 39.54
PA FAD P . 49.15 28.54 -29.86
O1A FAD P . 48.46 29.64 -29.16
O2A FAD P . 50.54 28.89 -30.28
O5B FAD P . 49.30 27.22 -29.08
C5B FAD P . 49.93 26.07 -29.68
C4B FAD P . 50.39 25.19 -28.54
O4B FAD P . 51.21 24.11 -29.03
C3B FAD P . 51.23 25.91 -27.47
O3B FAD P . 50.56 25.93 -26.22
C2B FAD P . 52.54 25.12 -27.41
O2B FAD P . 52.96 24.97 -26.05
C1B FAD P . 52.14 23.79 -28.03
N9A FAD P . 53.21 23.03 -28.66
C8A FAD P . 54.07 23.46 -29.63
N7A FAD P . 54.93 22.54 -30.02
C5A FAD P . 54.60 21.43 -29.26
C6A FAD P . 55.13 20.13 -29.20
N6A FAD P . 56.14 19.70 -29.95
N1A FAD P . 54.57 19.26 -28.33
C2A FAD P . 53.55 19.68 -27.58
N3A FAD P . 52.95 20.88 -27.55
C4A FAD P . 53.54 21.72 -28.41
N1 FAD P . 44.59 36.02 -31.24
C2 FAD P . 43.23 35.98 -31.32
O2 FAD P . 42.63 35.07 -31.89
N3 FAD P . 42.47 36.98 -30.74
C4 FAD P . 42.94 38.06 -30.08
O4 FAD P . 42.14 38.88 -29.65
C4X FAD P . 44.39 38.09 -29.99
N5 FAD P . 44.93 39.08 -29.37
C5X FAD P . 46.32 39.12 -29.28
C6 FAD P . 46.90 40.17 -28.58
C7 FAD P . 48.28 40.28 -28.47
C7M FAD P . 48.88 41.45 -27.73
C8 FAD P . 49.10 39.30 -29.05
C8M FAD P . 50.60 39.38 -28.93
C9 FAD P . 48.52 38.22 -29.73
C9A FAD P . 47.14 38.13 -29.84
N10 FAD P . 46.50 37.08 -30.54
C10 FAD P . 45.13 37.02 -30.62
C1' FAD P . 47.30 36.03 -31.20
C2' FAD P . 47.48 34.77 -30.38
O2' FAD P . 48.82 34.66 -29.92
C3' FAD P . 47.20 33.56 -31.27
O3' FAD P . 46.09 33.88 -32.10
C4' FAD P . 46.86 32.32 -30.46
O4' FAD P . 48.08 31.92 -29.85
C5' FAD P . 46.21 31.21 -31.26
O5' FAD P . 47.18 30.18 -31.49
P FAD P . 46.82 28.64 -31.44
O1P FAD P . 45.95 28.08 -30.32
O2P FAD P . 46.36 28.17 -32.80
O3P FAD P . 48.32 28.12 -31.15
C1 GOL Q . 42.13 41.40 -35.95
O1 GOL Q . 40.88 41.53 -36.53
C2 GOL Q . 42.47 39.94 -36.10
O2 GOL Q . 42.27 39.57 -37.44
C3 GOL Q . 43.94 39.83 -35.67
O3 GOL Q . 44.03 38.68 -34.87
C1 PEG R . 19.86 38.76 -40.07
O1 PEG R . 21.11 38.29 -40.59
C2 PEG R . 18.74 37.75 -40.20
O2 PEG R . 18.71 37.20 -41.52
C3 PEG R . 17.66 37.70 -42.37
C4 PEG R . 16.80 36.57 -42.90
O4 PEG R . 15.47 36.56 -42.37
C1 GOL S . 20.34 30.02 -41.00
O1 GOL S . 18.98 29.94 -40.72
C2 GOL S . 21.03 29.79 -39.65
O2 GOL S . 21.13 28.43 -39.33
C3 GOL S . 22.41 30.50 -39.75
O3 GOL S . 22.88 30.63 -38.41
C1 GOL T . 52.32 33.64 -39.96
O1 GOL T . 53.15 34.39 -39.06
C2 GOL T . 53.22 32.86 -40.94
O2 GOL T . 52.55 32.46 -42.11
C3 GOL T . 54.33 33.84 -41.24
O3 GOL T . 53.69 35.01 -41.64
C1 GOL U . 41.63 29.60 -57.89
O1 GOL U . 41.04 29.61 -59.17
C2 GOL U . 41.51 28.18 -57.24
O2 GOL U . 40.27 27.50 -57.56
C3 GOL U . 42.77 27.45 -57.72
O3 GOL U . 43.02 26.41 -56.84
PA FAD V . -23.27 -22.49 0.51
O1A FAD V . -22.97 -23.67 1.33
O2A FAD V . -22.66 -22.50 -0.88
O5B FAD V . -24.78 -22.26 0.25
C5B FAD V . -25.24 -21.12 -0.50
C4B FAD V . -26.61 -21.46 -1.03
O4B FAD V . -27.04 -20.44 -1.96
C3B FAD V . -26.71 -22.78 -1.79
O3B FAD V . -27.56 -23.71 -1.10
C2B FAD V . -27.26 -22.38 -3.17
O2B FAD V . -28.19 -23.30 -3.73
C1B FAD V . -27.94 -21.06 -2.84
N9A FAD V . -28.19 -20.16 -3.97
C8A FAD V . -27.27 -19.62 -4.83
N7A FAD V . -27.79 -18.83 -5.74
C5A FAD V . -29.15 -18.82 -5.44
C6A FAD V . -30.24 -18.16 -6.02
N6A FAD V . -30.14 -17.34 -7.06
N1A FAD V . -31.46 -18.37 -5.47
C2A FAD V . -31.56 -19.18 -4.41
N3A FAD V . -30.60 -19.85 -3.78
C4A FAD V . -29.40 -19.63 -4.34
N1 FAD V . -16.06 -25.46 5.59
C2 FAD V . -15.89 -25.73 6.92
O2 FAD V . -16.15 -24.89 7.80
N3 FAD V . -15.39 -26.96 7.30
C4 FAD V . -15.04 -27.99 6.44
O4 FAD V . -14.61 -29.05 6.89
C4X FAD V . -15.22 -27.70 5.05
N5 FAD V . -14.93 -28.63 4.16
C5X FAD V . -15.12 -28.32 2.80
C6 FAD V . -14.82 -29.27 1.82
C7 FAD V . -15.01 -28.97 0.47
C7M FAD V . -14.68 -30.01 -0.57
C8 FAD V . -15.50 -27.71 0.09
C8M FAD V . -15.71 -27.36 -1.36
C9 FAD V . -15.79 -26.77 1.06
C9A FAD V . -15.59 -27.07 2.41
N10 FAD V . -15.91 -26.13 3.41
C10 FAD V . -15.74 -26.40 4.72
C1' FAD V . -16.35 -24.80 3.03
C2' FAD V . -17.81 -24.76 2.64
O2' FAD V . -17.93 -24.68 1.22
C3' FAD V . -18.39 -23.47 3.19
O3' FAD V . -18.02 -23.45 4.56
C4' FAD V . -19.89 -23.52 3.00
O4' FAD V . -20.26 -24.37 1.89
C5' FAD V . -20.38 -22.13 2.74
O5' FAD V . -21.71 -22.04 3.26
P FAD V . -22.63 -20.90 2.80
O1P FAD V . -23.99 -21.12 3.49
O2P FAD V . -21.93 -19.65 3.02
O3P FAD V . -22.76 -21.19 1.26
C1 PEG W . -9.99 -23.60 8.27
O1 PEG W . -9.12 -24.54 8.85
C2 PEG W . -10.48 -24.08 6.95
O2 PEG W . -11.87 -23.82 6.81
C3 PEG W . -12.23 -23.65 5.45
C4 PEG W . -11.59 -24.71 4.61
O4 PEG W . -12.26 -24.91 3.37
C1 PEG X . -23.71 -17.28 20.15
O1 PEG X . -24.53 -16.12 20.31
C2 PEG X . -24.51 -18.57 20.06
O2 PEG X . -23.65 -19.70 19.85
C3 PEG X . -22.35 -19.38 19.37
C4 PEG X . -21.28 -19.97 20.26
O4 PEG X . -21.23 -21.40 20.16
#